data_9JOD
#
_entry.id   9JOD
#
_cell.length_a   1.00
_cell.length_b   1.00
_cell.length_c   1.00
_cell.angle_alpha   90.00
_cell.angle_beta   90.00
_cell.angle_gamma   90.00
#
_symmetry.space_group_name_H-M   'P 1'
#
_entity_poly.entity_id   1
_entity_poly.type   'polypeptide(L)'
_entity_poly.pdbx_seq_one_letter_code
;MIVTPASIKALMTSWRKDFQGGLEDAPSQYNKIAMVVNSSTRSNTYGWLGKFPTLKEWVGKRTIQQMEAHGYSIANKTFE
GTVGISRDDFEDDNLGIYAPIFQEMGRSAAVQPDELIFKLLKDGFTQPCYDGQNFFDKEHPVYPNVDGTGSAVNTSNIVE
QDSFSGLPFYLLDCSRAVKPLIFQERRKPELVARTRIDDDHVFMDNEFLFGASTRRAAGYGFWQMAVAVKGDLTLDNLWK
GWQLMRSFEGDGGKKLGLKPTHIVVPVGLEKAAEQLLNRELFADGNTTVSNEMKGKLQLVVADYL
;
_entity_poly.pdbx_strand_id   A,B,C,D,E,F,G
#
# COMPACT_ATOMS: atom_id res chain seq x y z
N MET A 1 32.85 116.35 -16.47
CA MET A 1 33.50 115.07 -16.27
C MET A 1 33.13 114.48 -14.92
N ILE A 2 32.21 113.52 -14.92
CA ILE A 2 31.75 112.86 -13.70
C ILE A 2 32.83 111.87 -13.30
N VAL A 3 33.58 112.20 -12.24
CA VAL A 3 34.64 111.34 -11.74
C VAL A 3 34.03 110.02 -11.27
N THR A 4 34.52 108.91 -11.82
CA THR A 4 33.92 107.61 -11.58
C THR A 4 34.99 106.62 -11.12
N PRO A 5 34.68 105.78 -10.13
CA PRO A 5 35.64 104.75 -9.72
C PRO A 5 35.89 103.75 -10.84
N ALA A 6 37.09 103.17 -10.83
CA ALA A 6 37.47 102.24 -11.87
C ALA A 6 36.60 101.00 -11.87
N SER A 7 36.22 100.51 -10.69
CA SER A 7 35.39 99.31 -10.60
C SER A 7 34.03 99.54 -11.24
N ILE A 8 33.43 100.70 -10.99
CA ILE A 8 32.13 101.00 -11.60
C ILE A 8 32.28 101.22 -13.10
N LYS A 9 33.34 101.90 -13.51
CA LYS A 9 33.57 102.16 -14.93
C LYS A 9 33.79 100.86 -15.69
N ALA A 10 34.38 99.86 -15.03
CA ALA A 10 34.63 98.58 -15.70
C ALA A 10 33.34 97.86 -16.04
N LEU A 11 32.29 98.07 -15.24
CA LEU A 11 31.02 97.39 -15.47
C LEU A 11 30.31 97.90 -16.72
N MET A 12 30.72 99.05 -17.26
CA MET A 12 30.09 99.61 -18.45
C MET A 12 30.72 98.99 -19.69
N THR A 13 30.40 97.72 -19.90
CA THR A 13 30.90 96.96 -21.04
C THR A 13 29.78 96.06 -21.55
N SER A 14 29.95 95.60 -22.78
CA SER A 14 28.93 94.78 -23.45
C SER A 14 29.50 93.38 -23.70
N TRP A 15 28.77 92.37 -23.25
CA TRP A 15 29.15 90.99 -23.54
C TRP A 15 28.79 90.66 -24.98
N ARG A 16 29.75 90.10 -25.73
CA ARG A 16 29.58 89.88 -27.15
C ARG A 16 29.50 88.41 -27.54
N LYS A 17 30.14 87.51 -26.80
CA LYS A 17 30.12 86.06 -27.01
C LYS A 17 30.18 85.69 -28.50
N ASP A 18 31.16 86.28 -29.19
CA ASP A 18 31.37 86.00 -30.59
C ASP A 18 32.53 85.05 -30.85
N PHE A 19 33.37 84.80 -29.86
CA PHE A 19 34.54 83.93 -30.01
C PHE A 19 34.27 82.49 -29.60
N GLN A 20 33.03 82.16 -29.24
CA GLN A 20 32.72 80.81 -28.85
C GLN A 20 32.84 79.86 -30.04
N GLY A 21 33.45 78.71 -29.82
CA GLY A 21 33.66 77.75 -30.89
C GLY A 21 34.49 78.27 -32.04
N GLY A 22 35.30 79.30 -31.80
CA GLY A 22 36.10 79.88 -32.87
C GLY A 22 37.16 78.92 -33.38
N LEU A 23 37.86 78.26 -32.46
CA LEU A 23 38.92 77.32 -32.82
C LEU A 23 38.33 75.92 -32.84
N GLU A 24 37.92 75.47 -34.03
CA GLU A 24 37.37 74.13 -34.19
C GLU A 24 38.48 73.12 -34.35
N ASP A 25 38.14 71.89 -34.70
CA ASP A 25 39.12 70.85 -34.97
C ASP A 25 39.27 70.68 -36.48
N ALA A 26 40.20 69.83 -36.88
CA ALA A 26 40.44 69.61 -38.29
C ALA A 26 39.21 68.96 -38.92
N PRO A 27 38.90 69.26 -40.18
CA PRO A 27 37.69 68.71 -40.80
C PRO A 27 37.72 67.19 -40.83
N SER A 28 36.54 66.60 -40.65
CA SER A 28 36.42 65.14 -40.67
C SER A 28 36.52 64.63 -42.11
N GLN A 29 37.35 63.61 -42.32
CA GLN A 29 37.54 63.03 -43.64
C GLN A 29 37.32 61.53 -43.66
N TYR A 30 36.82 60.95 -42.57
CA TYR A 30 36.62 59.50 -42.52
C TYR A 30 35.48 59.06 -43.44
N ASN A 31 34.59 59.97 -43.82
CA ASN A 31 33.49 59.63 -44.70
C ASN A 31 33.96 59.29 -46.12
N LYS A 32 35.17 59.69 -46.50
CA LYS A 32 35.71 59.32 -47.79
C LYS A 32 36.33 57.92 -47.80
N ILE A 33 36.57 57.34 -46.62
CA ILE A 33 37.26 56.05 -46.54
C ILE A 33 36.42 54.98 -45.89
N ALA A 34 35.49 55.30 -45.00
CA ALA A 34 34.73 54.31 -44.26
C ALA A 34 33.24 54.43 -44.56
N MET A 35 32.50 53.38 -44.22
CA MET A 35 31.05 53.37 -44.34
C MET A 35 30.46 53.16 -42.95
N VAL A 36 29.44 53.95 -42.61
CA VAL A 36 28.88 53.89 -41.26
C VAL A 36 27.83 52.80 -41.20
N VAL A 37 27.94 51.92 -40.20
CA VAL A 37 26.95 50.89 -39.94
C VAL A 37 26.60 50.95 -38.46
N ASN A 38 25.40 50.46 -38.14
CA ASN A 38 24.88 50.51 -36.77
C ASN A 38 25.06 49.16 -36.10
N SER A 39 24.71 49.11 -34.81
CA SER A 39 24.77 47.88 -34.05
C SER A 39 23.76 47.95 -32.92
N SER A 40 23.36 46.77 -32.43
CA SER A 40 22.44 46.71 -31.29
C SER A 40 22.80 45.58 -30.33
N THR A 41 24.05 45.14 -30.29
CA THR A 41 24.46 43.96 -29.54
C THR A 41 25.98 44.06 -29.35
N ARG A 42 26.55 43.15 -28.55
CA ARG A 42 27.98 43.22 -28.21
C ARG A 42 28.88 43.25 -29.43
N SER A 43 28.42 42.79 -30.59
CA SER A 43 29.28 42.72 -31.76
C SER A 43 28.43 42.84 -33.02
N ASN A 44 29.07 42.73 -34.18
CA ASN A 44 28.39 42.78 -35.46
C ASN A 44 29.04 41.75 -36.37
N THR A 45 28.25 40.81 -36.88
CA THR A 45 28.76 39.74 -37.71
C THR A 45 28.37 39.96 -39.16
N TYR A 46 29.36 39.96 -40.06
CA TYR A 46 29.15 40.20 -41.47
C TYR A 46 29.37 38.91 -42.25
N GLY A 47 28.46 38.63 -43.19
CA GLY A 47 28.59 37.45 -44.03
C GLY A 47 28.23 37.72 -45.47
N TRP A 48 28.98 37.14 -46.41
CA TRP A 48 28.71 37.31 -47.82
C TRP A 48 28.98 35.99 -48.55
N LEU A 49 28.41 35.89 -49.74
CA LEU A 49 28.55 34.71 -50.58
C LEU A 49 29.64 34.92 -51.63
N GLY A 50 30.27 33.82 -52.03
CA GLY A 50 31.23 33.87 -53.11
C GLY A 50 30.54 34.05 -54.45
N LYS A 51 31.36 34.28 -55.48
CA LYS A 51 30.83 34.50 -56.81
C LYS A 51 30.26 33.21 -57.39
N PHE A 52 29.30 33.36 -58.30
CA PHE A 52 28.68 32.24 -58.98
C PHE A 52 29.63 31.66 -60.03
N PRO A 53 29.59 30.34 -60.25
CA PRO A 53 30.45 29.75 -61.27
C PRO A 53 30.18 30.34 -62.66
N THR A 54 31.25 30.43 -63.45
CA THR A 54 31.16 31.03 -64.77
C THR A 54 30.29 30.18 -65.70
N LEU A 55 29.55 30.86 -66.57
CA LEU A 55 28.67 30.19 -67.52
C LEU A 55 29.48 29.58 -68.66
N LYS A 56 29.16 28.34 -68.99
CA LYS A 56 29.83 27.57 -70.03
C LYS A 56 28.87 27.30 -71.18
N GLU A 57 29.35 26.53 -72.16
CA GLU A 57 28.51 26.10 -73.27
C GLU A 57 27.77 24.83 -72.89
N TRP A 58 26.45 24.84 -73.04
CA TRP A 58 25.62 23.72 -72.59
C TRP A 58 25.63 22.62 -73.64
N VAL A 59 26.45 21.61 -73.42
CA VAL A 59 26.49 20.42 -74.26
C VAL A 59 26.36 19.22 -73.33
N GLY A 60 25.26 18.46 -73.49
CA GLY A 60 25.00 17.32 -72.63
C GLY A 60 24.26 17.69 -71.37
N LYS A 61 24.60 17.05 -70.25
CA LYS A 61 23.96 17.33 -68.98
C LYS A 61 24.66 18.47 -68.25
N ARG A 62 23.94 19.08 -67.30
CA ARG A 62 24.50 20.13 -66.49
C ARG A 62 25.41 19.55 -65.40
N THR A 63 26.41 20.33 -65.01
CA THR A 63 27.35 19.95 -63.96
C THR A 63 27.08 20.79 -62.73
N ILE A 64 26.95 20.14 -61.58
CA ILE A 64 26.64 20.82 -60.33
C ILE A 64 27.95 21.22 -59.65
N GLN A 65 28.22 22.52 -59.61
CA GLN A 65 29.44 23.03 -59.00
C GLN A 65 29.15 23.50 -57.57
N GLN A 66 30.11 24.18 -56.95
CA GLN A 66 30.01 24.58 -55.55
C GLN A 66 30.34 26.05 -55.40
N MET A 67 30.10 26.57 -54.20
CA MET A 67 30.34 27.97 -53.87
C MET A 67 30.91 28.04 -52.45
N GLU A 68 31.12 29.27 -51.96
CA GLU A 68 31.71 29.48 -50.65
C GLU A 68 31.08 30.70 -50.00
N ALA A 69 31.27 30.80 -48.68
CA ALA A 69 30.79 31.93 -47.90
C ALA A 69 31.86 32.32 -46.88
N HIS A 70 31.82 33.57 -46.45
CA HIS A 70 32.82 34.12 -45.53
C HIS A 70 32.14 34.78 -44.34
N GLY A 71 32.94 35.11 -43.34
CA GLY A 71 32.44 35.73 -42.12
C GLY A 71 33.46 36.66 -41.52
N TYR A 72 32.97 37.59 -40.70
CA TYR A 72 33.80 38.61 -40.07
C TYR A 72 32.97 39.33 -39.01
N SER A 73 33.57 39.54 -37.83
CA SER A 73 32.87 40.17 -36.72
C SER A 73 33.74 41.26 -36.09
N ILE A 74 33.08 42.30 -35.59
CA ILE A 74 33.75 43.44 -34.95
C ILE A 74 33.07 43.70 -33.62
N ALA A 75 33.85 43.78 -32.55
CA ALA A 75 33.32 44.11 -31.23
C ALA A 75 33.47 45.59 -30.95
N ASN A 76 32.55 46.13 -30.16
CA ASN A 76 32.47 47.57 -29.91
C ASN A 76 32.76 47.87 -28.45
N LYS A 77 33.34 49.05 -28.21
CA LYS A 77 33.84 49.46 -26.90
C LYS A 77 33.07 50.68 -26.40
N THR A 78 33.36 51.07 -25.16
CA THR A 78 32.70 52.18 -24.51
C THR A 78 33.71 53.22 -24.06
N PHE A 79 33.40 54.49 -24.31
CA PHE A 79 34.26 55.60 -23.95
C PHE A 79 33.51 56.56 -23.03
N GLU A 80 34.23 57.12 -22.05
CA GLU A 80 33.63 58.00 -21.06
C GLU A 80 34.51 59.24 -20.90
N GLY A 81 33.87 60.36 -20.58
CA GLY A 81 34.56 61.62 -20.36
C GLY A 81 33.72 62.60 -19.57
N THR A 82 34.29 63.22 -18.53
CA THR A 82 33.51 64.02 -17.61
C THR A 82 34.31 65.24 -17.14
N VAL A 83 33.58 66.25 -16.67
CA VAL A 83 34.17 67.49 -16.16
C VAL A 83 33.21 68.08 -15.13
N GLY A 84 33.76 68.68 -14.09
CA GLY A 84 32.95 69.18 -12.99
C GLY A 84 33.14 70.66 -12.73
N ILE A 85 32.03 71.34 -12.46
CA ILE A 85 32.02 72.76 -12.12
C ILE A 85 31.09 72.96 -10.93
N SER A 86 31.49 73.85 -10.02
CA SER A 86 30.74 74.05 -8.79
C SER A 86 29.35 74.64 -9.07
N ARG A 87 28.42 74.34 -8.17
CA ARG A 87 27.05 74.82 -8.34
C ARG A 87 26.97 76.34 -8.29
N ASP A 88 27.72 76.96 -7.38
CA ASP A 88 27.73 78.42 -7.29
C ASP A 88 28.23 79.06 -8.58
N ASP A 89 29.42 78.65 -9.04
CA ASP A 89 29.99 79.25 -10.24
C ASP A 89 29.18 78.98 -11.50
N PHE A 90 28.26 78.01 -11.47
CA PHE A 90 27.39 77.76 -12.60
C PHE A 90 26.03 78.45 -12.48
N GLU A 91 25.60 78.80 -11.27
CA GLU A 91 24.30 79.44 -11.07
C GLU A 91 24.41 80.95 -10.89
N ASP A 92 25.58 81.53 -11.17
CA ASP A 92 25.71 82.99 -11.27
C ASP A 92 26.31 83.38 -12.61
N ASP A 93 25.76 82.86 -13.69
CA ASP A 93 26.23 83.17 -15.05
C ASP A 93 25.31 84.22 -15.67
N ASN A 94 25.52 85.49 -15.29
CA ASN A 94 24.81 86.56 -15.97
C ASN A 94 25.21 86.64 -17.43
N LEU A 95 26.50 86.48 -17.71
CA LEU A 95 26.98 86.57 -19.08
C LEU A 95 26.56 85.36 -19.90
N GLY A 96 26.70 84.16 -19.33
CA GLY A 96 26.38 82.94 -20.04
C GLY A 96 27.60 82.33 -20.70
N ILE A 97 28.73 82.35 -20.01
CA ILE A 97 29.97 81.82 -20.58
C ILE A 97 30.06 80.31 -20.45
N TYR A 98 29.65 79.75 -19.31
CA TYR A 98 29.71 78.30 -19.09
C TYR A 98 28.52 77.57 -19.70
N ALA A 99 27.54 78.29 -20.23
CA ALA A 99 26.37 77.61 -20.80
C ALA A 99 26.71 76.71 -21.99
N PRO A 100 27.47 77.15 -23.00
CA PRO A 100 27.73 76.27 -24.14
C PRO A 100 28.77 75.20 -23.86
N ILE A 101 28.52 74.36 -22.86
CA ILE A 101 29.42 73.23 -22.62
C ILE A 101 28.95 71.99 -23.35
N PHE A 102 27.64 71.91 -23.64
CA PHE A 102 27.14 70.79 -24.44
C PHE A 102 27.73 70.81 -25.83
N GLN A 103 27.94 72.01 -26.38
CA GLN A 103 28.59 72.13 -27.68
C GLN A 103 30.01 71.58 -27.62
N GLU A 104 30.74 71.86 -26.54
CA GLU A 104 32.11 71.36 -26.41
C GLU A 104 32.12 69.85 -26.25
N MET A 105 31.17 69.29 -25.48
CA MET A 105 31.09 67.83 -25.38
C MET A 105 30.76 67.20 -26.72
N GLY A 106 29.88 67.83 -27.49
CA GLY A 106 29.57 67.31 -28.82
C GLY A 106 30.77 67.34 -29.75
N ARG A 107 31.52 68.43 -29.73
CA ARG A 107 32.74 68.50 -30.53
C ARG A 107 33.75 67.45 -30.08
N SER A 108 33.88 67.23 -28.77
CA SER A 108 34.79 66.22 -28.28
C SER A 108 34.37 64.82 -28.75
N ALA A 109 33.08 64.53 -28.72
CA ALA A 109 32.58 63.22 -29.14
C ALA A 109 32.58 63.05 -30.65
N ALA A 110 32.65 64.13 -31.42
CA ALA A 110 32.67 64.02 -32.88
C ALA A 110 34.07 63.76 -33.43
N VAL A 111 35.10 63.67 -32.58
CA VAL A 111 36.45 63.44 -33.06
C VAL A 111 36.81 61.95 -33.11
N GLN A 112 36.14 61.12 -32.32
CA GLN A 112 36.49 59.70 -32.26
C GLN A 112 36.47 58.99 -33.61
N PRO A 113 35.50 59.21 -34.51
CA PRO A 113 35.53 58.48 -35.79
C PRO A 113 36.84 58.60 -36.55
N ASP A 114 37.35 59.82 -36.72
CA ASP A 114 38.60 60.00 -37.47
C ASP A 114 39.77 59.33 -36.77
N GLU A 115 39.85 59.49 -35.45
CA GLU A 115 40.93 58.86 -34.70
C GLU A 115 40.91 57.35 -34.88
N LEU A 116 39.75 56.75 -34.67
CA LEU A 116 39.62 55.28 -34.79
C LEU A 116 39.93 54.83 -36.22
N ILE A 117 39.38 55.49 -37.25
CA ILE A 117 39.54 55.02 -38.65
C ILE A 117 41.00 55.16 -39.11
N PHE A 118 41.68 56.24 -38.77
CA PHE A 118 43.04 56.45 -39.32
C PHE A 118 44.08 55.66 -38.52
N LYS A 119 43.75 55.19 -37.31
CA LYS A 119 44.68 54.33 -36.54
C LYS A 119 44.45 52.88 -36.96
N LEU A 120 43.64 52.67 -38.00
CA LEU A 120 43.47 51.32 -38.57
C LEU A 120 44.41 51.30 -39.76
N LEU A 121 44.33 52.32 -40.60
CA LEU A 121 45.25 52.43 -41.75
C LEU A 121 46.68 52.32 -41.21
N LYS A 122 46.95 52.78 -39.98
CA LYS A 122 48.36 52.74 -39.50
C LYS A 122 48.73 51.32 -39.03
N ASP A 123 47.94 50.76 -38.13
CA ASP A 123 48.20 49.40 -37.62
C ASP A 123 47.62 48.34 -38.54
N GLY A 124 47.49 48.61 -39.85
CA GLY A 124 47.00 47.55 -40.71
C GLY A 124 47.91 46.34 -40.73
N PHE A 125 49.22 46.56 -40.58
CA PHE A 125 50.19 45.47 -40.67
C PHE A 125 50.08 44.46 -39.53
N THR A 126 49.41 44.81 -38.43
CA THR A 126 49.34 43.92 -37.28
C THR A 126 47.94 43.41 -36.98
N GLN A 127 46.90 44.01 -37.56
CA GLN A 127 45.58 43.49 -37.24
C GLN A 127 45.04 42.67 -38.40
N PRO A 128 44.27 41.63 -38.12
CA PRO A 128 43.83 40.70 -39.17
C PRO A 128 42.59 41.20 -39.90
N CYS A 129 42.27 40.49 -40.99
CA CYS A 129 41.09 40.77 -41.79
C CYS A 129 40.25 39.51 -41.93
N TYR A 130 39.29 39.52 -42.87
CA TYR A 130 38.34 38.41 -42.95
C TYR A 130 39.02 37.09 -43.26
N ASP A 131 40.04 37.10 -44.11
CA ASP A 131 40.68 35.84 -44.50
C ASP A 131 41.54 35.25 -43.39
N GLY A 132 41.97 36.05 -42.43
CA GLY A 132 42.80 35.61 -41.33
C GLY A 132 44.16 36.29 -41.27
N GLN A 133 44.75 36.58 -42.42
CA GLN A 133 46.02 37.30 -42.44
C GLN A 133 45.79 38.76 -42.07
N ASN A 134 46.89 39.49 -41.90
CA ASN A 134 46.80 40.91 -41.62
C ASN A 134 46.28 41.66 -42.85
N PHE A 135 45.79 42.88 -42.63
CA PHE A 135 45.25 43.67 -43.73
C PHE A 135 46.33 43.95 -44.78
N PHE A 136 47.53 44.31 -44.33
CA PHE A 136 48.66 44.52 -45.22
C PHE A 136 49.61 43.33 -45.03
N ASP A 137 49.56 42.38 -45.95
CA ASP A 137 50.35 41.17 -45.84
C ASP A 137 50.81 40.74 -47.22
N LYS A 138 51.85 39.90 -47.26
CA LYS A 138 52.40 39.44 -48.55
C LYS A 138 51.95 38.01 -48.80
N GLU A 139 51.07 37.48 -47.95
CA GLU A 139 50.64 36.07 -48.06
C GLU A 139 49.12 36.01 -48.02
N HIS A 140 48.46 36.74 -48.90
CA HIS A 140 46.98 36.75 -48.94
C HIS A 140 46.57 35.65 -49.91
N PRO A 141 46.02 34.51 -49.44
CA PRO A 141 45.76 33.36 -50.33
C PRO A 141 44.73 33.71 -51.39
N VAL A 142 45.03 33.31 -52.63
CA VAL A 142 44.12 33.46 -53.76
C VAL A 142 44.00 32.10 -54.42
N TYR A 143 42.90 31.40 -54.17
CA TYR A 143 42.68 30.06 -54.67
C TYR A 143 42.40 30.12 -56.17
N PRO A 144 42.54 28.99 -56.88
CA PRO A 144 42.27 28.98 -58.33
C PRO A 144 40.86 28.58 -58.75
N ASN A 145 40.01 28.15 -57.81
CA ASN A 145 38.65 27.74 -58.12
C ASN A 145 37.67 28.58 -57.33
N VAL A 146 36.46 28.71 -57.86
CA VAL A 146 35.44 29.56 -57.26
C VAL A 146 35.09 29.16 -55.84
N ASP A 147 35.01 27.86 -55.55
CA ASP A 147 34.70 27.37 -54.22
C ASP A 147 35.86 27.54 -53.23
N GLY A 148 36.88 28.27 -53.65
CA GLY A 148 38.06 28.42 -52.79
C GLY A 148 38.64 27.07 -52.45
N THR A 149 38.94 26.26 -53.47
CA THR A 149 39.52 24.93 -53.28
C THR A 149 40.65 24.74 -54.27
N GLY A 150 41.86 24.56 -53.79
CA GLY A 150 42.99 24.27 -54.69
C GLY A 150 44.30 24.79 -54.13
N SER A 151 45.29 24.97 -55.00
CA SER A 151 46.57 25.52 -54.58
C SER A 151 46.49 27.04 -54.55
N ALA A 152 46.74 27.61 -53.38
CA ALA A 152 46.62 29.05 -53.17
C ALA A 152 47.94 29.74 -53.53
N VAL A 153 47.87 30.67 -54.47
CA VAL A 153 49.02 31.50 -54.82
C VAL A 153 48.98 32.74 -53.93
N ASN A 154 50.05 32.98 -53.18
CA ASN A 154 50.09 34.10 -52.26
C ASN A 154 50.20 35.42 -53.02
N THR A 155 49.38 36.39 -52.62
CA THR A 155 49.37 37.71 -53.23
C THR A 155 49.68 38.76 -52.17
N SER A 156 50.40 39.79 -52.58
CA SER A 156 50.85 40.84 -51.69
C SER A 156 50.21 42.17 -52.09
N ASN A 157 49.72 42.91 -51.11
CA ASN A 157 49.19 44.25 -51.32
C ASN A 157 50.07 45.32 -50.70
N ILE A 158 51.35 45.01 -50.48
CA ILE A 158 52.27 45.92 -49.82
C ILE A 158 53.52 46.06 -50.69
N VAL A 159 53.87 47.30 -51.02
CA VAL A 159 55.07 47.61 -51.79
C VAL A 159 56.17 48.00 -50.83
N GLU A 160 57.35 47.42 -51.00
CA GLU A 160 58.46 47.62 -50.09
C GLU A 160 59.68 48.12 -50.85
N GLN A 161 60.50 48.90 -50.17
CA GLN A 161 61.75 49.39 -50.70
C GLN A 161 62.90 48.85 -49.85
N ASP A 162 64.05 48.65 -50.49
CA ASP A 162 65.15 47.94 -49.85
C ASP A 162 65.66 48.68 -48.61
N SER A 163 65.80 50.01 -48.71
CA SER A 163 66.39 50.80 -47.63
C SER A 163 65.46 51.88 -47.11
N PHE A 164 64.15 51.69 -47.23
CA PHE A 164 63.21 52.71 -46.77
C PHE A 164 63.17 52.76 -45.25
N SER A 165 63.24 53.97 -44.70
CA SER A 165 63.19 54.17 -43.25
C SER A 165 62.32 55.36 -42.90
N GLY A 166 61.20 55.53 -43.60
CA GLY A 166 60.34 56.67 -43.37
C GLY A 166 58.92 56.31 -42.98
N LEU A 167 57.95 57.07 -43.47
CA LEU A 167 56.55 56.86 -43.18
C LEU A 167 55.80 56.45 -44.43
N PRO A 168 55.08 55.33 -44.40
CA PRO A 168 54.38 54.87 -45.60
C PRO A 168 53.16 55.71 -45.94
N PHE A 169 52.79 55.66 -47.22
CA PHE A 169 51.53 56.21 -47.69
C PHE A 169 50.68 55.08 -48.27
N TYR A 170 49.37 55.30 -48.30
CA TYR A 170 48.41 54.26 -48.62
C TYR A 170 47.61 54.64 -49.85
N LEU A 171 47.46 53.68 -50.77
CA LEU A 171 46.59 53.83 -51.93
C LEU A 171 45.35 52.98 -51.73
N LEU A 172 44.17 53.60 -51.88
CA LEU A 172 42.90 52.93 -51.64
C LEU A 172 41.93 53.21 -52.77
N ASP A 173 41.00 52.28 -52.96
CA ASP A 173 39.91 52.41 -53.91
C ASP A 173 38.61 52.54 -53.13
N CYS A 174 37.85 53.62 -53.37
CA CYS A 174 36.63 53.90 -52.65
C CYS A 174 35.45 54.16 -53.58
N SER A 175 35.57 53.79 -54.85
CA SER A 175 34.50 53.97 -55.82
C SER A 175 33.56 52.77 -55.90
N ARG A 176 33.84 51.70 -55.16
CA ARG A 176 33.00 50.52 -55.18
C ARG A 176 31.86 50.67 -54.17
N ALA A 177 30.99 49.66 -54.11
CA ALA A 177 29.88 49.66 -53.18
C ALA A 177 30.37 49.62 -51.74
N VAL A 178 31.36 48.78 -51.46
CA VAL A 178 31.90 48.65 -50.11
C VAL A 178 33.21 49.42 -50.01
N LYS A 179 33.31 50.28 -49.01
CA LYS A 179 34.52 51.04 -48.78
C LYS A 179 35.54 50.20 -48.03
N PRO A 180 36.84 50.47 -48.21
CA PRO A 180 37.87 49.60 -47.61
C PRO A 180 37.87 49.58 -46.10
N LEU A 181 37.24 50.56 -45.44
CA LEU A 181 37.22 50.62 -43.99
C LEU A 181 35.77 50.70 -43.51
N ILE A 182 35.55 50.29 -42.26
CA ILE A 182 34.22 50.25 -41.68
C ILE A 182 34.24 50.99 -40.34
N PHE A 183 33.28 51.89 -40.16
CA PHE A 183 33.05 52.57 -38.88
C PHE A 183 31.71 52.10 -38.35
N GLN A 184 31.71 51.48 -37.18
CA GLN A 184 30.51 50.89 -36.61
C GLN A 184 30.13 51.64 -35.33
N GLU A 185 28.84 51.99 -35.22
CA GLU A 185 28.34 52.74 -34.08
C GLU A 185 27.25 51.93 -33.39
N ARG A 186 27.35 51.83 -32.07
CA ARG A 186 26.37 51.13 -31.25
C ARG A 186 25.38 52.10 -30.61
N ARG A 187 25.88 53.06 -29.85
CA ARG A 187 25.04 54.05 -29.18
C ARG A 187 25.56 55.44 -29.54
N LYS A 188 24.65 56.31 -29.96
CA LYS A 188 25.03 57.67 -30.33
C LYS A 188 25.51 58.43 -29.09
N PRO A 189 26.29 59.50 -29.28
CA PRO A 189 26.80 60.25 -28.13
C PRO A 189 25.69 60.68 -27.18
N GLU A 190 25.93 60.49 -25.89
CA GLU A 190 24.94 60.75 -24.85
C GLU A 190 25.49 61.83 -23.93
N LEU A 191 24.89 63.01 -23.99
CA LEU A 191 25.30 64.16 -23.19
C LEU A 191 24.29 64.37 -22.08
N VAL A 192 24.76 64.37 -20.83
CA VAL A 192 23.90 64.54 -19.68
C VAL A 192 24.53 65.52 -18.70
N ALA A 193 23.68 66.13 -17.87
CA ALA A 193 24.10 67.03 -16.82
C ALA A 193 23.38 66.67 -15.54
N ARG A 194 24.07 66.80 -14.41
CA ARG A 194 23.54 66.41 -13.10
C ARG A 194 23.35 67.68 -12.27
N THR A 195 22.11 68.18 -12.23
CA THR A 195 21.79 69.46 -11.60
C THR A 195 20.54 69.31 -10.72
N ARG A 196 20.52 68.28 -9.89
CA ARG A 196 19.44 68.07 -8.93
C ARG A 196 20.01 68.12 -7.53
N ILE A 197 19.35 68.87 -6.63
CA ILE A 197 19.89 69.13 -5.31
C ILE A 197 19.95 67.87 -4.46
N ASP A 198 19.19 66.84 -4.81
CA ASP A 198 19.22 65.59 -4.07
C ASP A 198 20.25 64.60 -4.59
N ASP A 199 20.94 64.92 -5.68
CA ASP A 199 21.97 64.04 -6.21
C ASP A 199 23.11 63.93 -5.21
N ASP A 200 23.74 62.75 -5.20
CA ASP A 200 24.77 62.47 -4.20
C ASP A 200 25.92 63.46 -4.29
N HIS A 201 26.46 63.66 -5.50
CA HIS A 201 27.58 64.59 -5.66
C HIS A 201 27.15 66.01 -5.37
N VAL A 202 25.96 66.41 -5.82
CA VAL A 202 25.50 67.76 -5.57
C VAL A 202 25.28 68.00 -4.09
N PHE A 203 24.69 67.02 -3.39
CA PHE A 203 24.41 67.18 -1.98
C PHE A 203 25.69 67.17 -1.13
N MET A 204 26.69 66.37 -1.51
CA MET A 204 27.86 66.20 -0.66
C MET A 204 29.02 67.13 -1.02
N ASP A 205 29.14 67.57 -2.27
CA ASP A 205 30.27 68.40 -2.68
C ASP A 205 29.90 69.71 -3.34
N ASN A 206 28.61 69.99 -3.56
CA ASN A 206 28.16 71.22 -4.20
C ASN A 206 28.75 71.39 -5.59
N GLU A 207 28.87 70.30 -6.35
CA GLU A 207 29.53 70.30 -7.65
C GLU A 207 28.60 69.73 -8.71
N PHE A 208 28.48 70.44 -9.83
CA PHE A 208 27.72 69.95 -10.97
C PHE A 208 28.63 69.12 -11.88
N LEU A 209 28.11 68.02 -12.38
CA LEU A 209 28.87 67.10 -13.23
C LEU A 209 28.28 67.04 -14.63
N PHE A 210 29.14 67.15 -15.64
CA PHE A 210 28.76 67.01 -17.03
C PHE A 210 29.59 65.89 -17.64
N GLY A 211 28.92 64.94 -18.29
CA GLY A 211 29.60 63.78 -18.84
C GLY A 211 29.08 63.40 -20.21
N ALA A 212 29.91 62.67 -20.94
CA ALA A 212 29.58 62.17 -22.27
C ALA A 212 30.06 60.73 -22.40
N SER A 213 29.29 59.91 -23.11
CA SER A 213 29.64 58.51 -23.32
C SER A 213 29.17 58.07 -24.69
N THR A 214 30.02 57.30 -25.38
CA THR A 214 29.74 56.80 -26.71
C THR A 214 30.11 55.33 -26.79
N ARG A 215 29.47 54.60 -27.71
CA ARG A 215 29.78 53.19 -27.95
C ARG A 215 29.97 53.00 -29.46
N ARG A 216 31.20 52.73 -29.87
CA ARG A 216 31.52 52.63 -31.28
C ARG A 216 32.80 51.82 -31.46
N ALA A 217 33.05 51.43 -32.71
CA ALA A 217 34.25 50.67 -33.04
C ALA A 217 34.51 50.80 -34.54
N ALA A 218 35.68 50.30 -34.96
CA ALA A 218 36.08 50.32 -36.35
C ALA A 218 36.66 48.96 -36.75
N GLY A 219 36.57 48.66 -38.04
CA GLY A 219 37.06 47.39 -38.56
C GLY A 219 37.47 47.52 -40.01
N TYR A 220 38.00 46.43 -40.54
CA TYR A 220 38.52 46.40 -41.90
C TYR A 220 37.46 45.91 -42.88
N GLY A 221 37.74 46.10 -44.17
CA GLY A 221 36.85 45.64 -45.21
C GLY A 221 37.46 44.56 -46.09
N PHE A 222 37.71 44.88 -47.35
CA PHE A 222 38.34 43.97 -48.30
C PHE A 222 39.77 44.42 -48.53
N TRP A 223 40.72 43.48 -48.35
CA TRP A 223 42.13 43.82 -48.53
C TRP A 223 42.47 44.17 -49.97
N GLN A 224 41.63 43.78 -50.92
CA GLN A 224 41.92 44.06 -52.33
C GLN A 224 41.76 45.53 -52.70
N MET A 225 41.16 46.35 -51.83
CA MET A 225 40.96 47.76 -52.11
C MET A 225 41.94 48.66 -51.38
N ALA A 226 43.08 48.13 -50.94
CA ALA A 226 44.05 48.93 -50.22
C ALA A 226 45.45 48.41 -50.51
N VAL A 227 46.36 49.32 -50.84
CA VAL A 227 47.77 49.00 -51.07
C VAL A 227 48.62 49.94 -50.24
N ALA A 228 49.55 49.38 -49.47
CA ALA A 228 50.45 50.15 -48.62
C ALA A 228 51.81 50.23 -49.30
N VAL A 229 52.25 51.45 -49.61
CA VAL A 229 53.52 51.66 -50.31
C VAL A 229 54.53 52.12 -49.27
N LYS A 230 55.42 51.20 -48.88
CA LYS A 230 56.50 51.53 -47.95
C LYS A 230 57.72 51.99 -48.75
N GLY A 231 57.61 53.20 -49.29
CA GLY A 231 58.68 53.77 -50.08
C GLY A 231 58.54 55.26 -50.17
N ASP A 232 59.43 55.86 -50.97
CA ASP A 232 59.42 57.30 -51.17
C ASP A 232 58.27 57.70 -52.08
N LEU A 233 57.78 58.93 -51.88
CA LEU A 233 56.69 59.47 -52.68
C LEU A 233 57.24 59.90 -54.03
N THR A 234 57.39 58.92 -54.93
CA THR A 234 57.86 59.16 -56.27
C THR A 234 56.96 58.44 -57.26
N LEU A 235 57.10 58.81 -58.54
CA LEU A 235 56.23 58.25 -59.56
C LEU A 235 56.41 56.74 -59.70
N ASP A 236 57.64 56.26 -59.57
CA ASP A 236 57.90 54.84 -59.76
C ASP A 236 57.19 53.99 -58.70
N ASN A 237 57.30 54.39 -57.44
CA ASN A 237 56.67 53.61 -56.37
C ASN A 237 55.15 53.61 -56.48
N LEU A 238 54.56 54.75 -56.79
CA LEU A 238 53.11 54.81 -56.90
C LEU A 238 52.62 54.07 -58.15
N TRP A 239 53.41 54.08 -59.23
CA TRP A 239 53.08 53.27 -60.39
C TRP A 239 53.14 51.78 -60.06
N LYS A 240 54.14 51.37 -59.28
CA LYS A 240 54.22 49.99 -58.83
C LYS A 240 53.00 49.61 -58.02
N GLY A 241 52.59 50.50 -57.11
CA GLY A 241 51.38 50.24 -56.32
C GLY A 241 50.14 50.15 -57.17
N TRP A 242 50.02 51.03 -58.16
CA TRP A 242 48.87 51.02 -59.06
C TRP A 242 48.82 49.71 -59.86
N GLN A 243 49.97 49.28 -60.37
CA GLN A 243 50.00 48.03 -61.14
C GLN A 243 49.72 46.83 -60.26
N LEU A 244 50.21 46.85 -59.00
CA LEU A 244 49.93 45.76 -58.08
C LEU A 244 48.44 45.70 -57.76
N MET A 245 47.81 46.87 -57.57
CA MET A 245 46.38 46.90 -57.32
C MET A 245 45.60 46.40 -58.53
N ARG A 246 46.02 46.77 -59.73
CA ARG A 246 45.32 46.35 -60.93
C ARG A 246 45.40 44.83 -61.13
N SER A 247 46.51 44.21 -60.75
CA SER A 247 46.68 42.77 -60.90
C SER A 247 46.04 41.98 -59.77
N PHE A 248 44.77 42.23 -59.49
CA PHE A 248 44.03 41.53 -58.44
C PHE A 248 42.84 40.82 -59.05
N GLU A 249 42.64 39.56 -58.67
CA GLU A 249 41.59 38.73 -59.22
C GLU A 249 40.85 38.02 -58.09
N GLY A 250 39.66 37.54 -58.41
CA GLY A 250 38.86 36.81 -57.45
C GLY A 250 39.36 35.41 -57.22
N ASP A 251 38.61 34.66 -56.41
CA ASP A 251 39.00 33.29 -56.07
C ASP A 251 38.92 32.36 -57.26
N GLY A 252 38.30 32.76 -58.36
CA GLY A 252 38.35 31.98 -59.58
C GLY A 252 39.09 32.72 -60.67
N GLY A 253 38.57 32.66 -61.88
CA GLY A 253 39.10 33.48 -62.96
C GLY A 253 38.50 34.85 -63.05
N LYS A 254 37.62 35.21 -62.11
CA LYS A 254 36.94 36.49 -62.15
C LYS A 254 37.93 37.64 -61.98
N LYS A 255 37.67 38.74 -62.68
CA LYS A 255 38.53 39.90 -62.68
C LYS A 255 37.83 41.05 -61.97
N LEU A 256 38.55 41.71 -61.06
CA LEU A 256 38.05 42.87 -60.33
C LEU A 256 38.75 44.11 -60.89
N GLY A 257 37.96 45.03 -61.44
CA GLY A 257 38.54 46.25 -61.98
C GLY A 257 38.86 47.26 -60.90
N LEU A 258 39.87 46.97 -60.08
CA LEU A 258 40.24 47.80 -58.95
C LEU A 258 41.39 48.72 -59.35
N LYS A 259 41.18 50.02 -59.20
CA LYS A 259 42.21 51.02 -59.42
C LYS A 259 42.15 52.06 -58.31
N PRO A 260 43.30 52.56 -57.86
CA PRO A 260 43.30 53.53 -56.76
C PRO A 260 42.62 54.84 -57.17
N THR A 261 41.99 55.48 -56.19
CA THR A 261 41.35 56.76 -56.42
C THR A 261 41.70 57.76 -55.32
N HIS A 262 42.04 57.27 -54.14
CA HIS A 262 42.41 58.11 -53.01
C HIS A 262 43.79 57.70 -52.51
N ILE A 263 44.62 58.69 -52.20
CA ILE A 263 45.94 58.46 -51.61
C ILE A 263 46.01 59.22 -50.30
N VAL A 264 46.42 58.54 -49.24
CA VAL A 264 46.48 59.11 -47.89
C VAL A 264 47.93 59.23 -47.48
N VAL A 265 48.32 60.41 -47.01
CA VAL A 265 49.68 60.65 -46.54
C VAL A 265 49.62 61.28 -45.14
N PRO A 266 50.60 61.05 -44.29
CA PRO A 266 50.64 61.77 -43.01
C PRO A 266 50.91 63.25 -43.23
N VAL A 267 50.73 64.02 -42.15
CA VAL A 267 50.86 65.47 -42.24
C VAL A 267 52.27 65.86 -42.65
N GLY A 268 53.28 65.14 -42.16
CA GLY A 268 54.66 65.46 -42.47
C GLY A 268 55.03 65.25 -43.92
N LEU A 269 54.24 64.47 -44.65
CA LEU A 269 54.48 64.18 -46.06
C LEU A 269 53.64 65.04 -47.00
N GLU A 270 52.97 66.07 -46.46
CA GLU A 270 52.10 66.90 -47.28
C GLU A 270 52.88 67.62 -48.37
N LYS A 271 54.06 68.16 -48.03
CA LYS A 271 54.85 68.88 -49.01
C LYS A 271 55.29 67.97 -50.15
N ALA A 272 55.75 66.76 -49.80
CA ALA A 272 56.17 65.82 -50.84
C ALA A 272 55.00 65.39 -51.70
N ALA A 273 53.84 65.13 -51.09
CA ALA A 273 52.68 64.72 -51.86
C ALA A 273 52.23 65.82 -52.81
N GLU A 274 52.24 67.07 -52.34
CA GLU A 274 51.86 68.19 -53.21
C GLU A 274 52.87 68.38 -54.34
N GLN A 275 54.16 68.33 -54.03
CA GLN A 275 55.19 68.48 -55.05
C GLN A 275 55.19 67.35 -56.06
N LEU A 276 54.67 66.17 -55.70
CA LEU A 276 54.59 65.05 -56.63
C LEU A 276 53.32 65.08 -57.47
N LEU A 277 52.17 65.37 -56.86
CA LEU A 277 50.91 65.28 -57.58
C LEU A 277 50.58 66.57 -58.33
N ASN A 278 50.76 67.72 -57.67
CA ASN A 278 50.34 68.98 -58.27
C ASN A 278 51.25 69.41 -59.42
N ARG A 279 52.53 69.09 -59.33
CA ARG A 279 53.47 69.47 -60.38
C ARG A 279 53.13 68.76 -61.68
N GLU A 280 52.79 69.53 -62.70
CA GLU A 280 52.42 68.98 -64.00
C GLU A 280 53.61 68.76 -64.92
N LEU A 281 54.73 69.42 -64.68
CA LEU A 281 55.88 69.39 -65.58
C LEU A 281 57.17 69.21 -64.78
N PHE A 282 57.17 68.24 -63.87
CA PHE A 282 58.38 67.93 -63.13
C PHE A 282 59.49 67.53 -64.11
N ALA A 283 60.62 68.24 -64.03
CA ALA A 283 61.61 68.21 -65.08
C ALA A 283 62.95 67.69 -64.56
N ASP A 284 63.63 66.95 -65.43
CA ASP A 284 65.03 66.58 -65.20
C ASP A 284 65.93 67.73 -65.64
N GLY A 285 67.23 67.58 -65.35
CA GLY A 285 68.18 68.61 -65.75
C GLY A 285 68.32 68.72 -67.26
N ASN A 286 68.35 67.58 -67.96
CA ASN A 286 68.61 67.60 -69.40
C ASN A 286 67.37 67.97 -70.18
N THR A 287 66.25 67.28 -69.92
CA THR A 287 64.98 67.58 -70.58
C THR A 287 63.88 67.66 -69.54
N THR A 288 62.69 68.04 -70.00
CA THR A 288 61.50 68.15 -69.17
C THR A 288 60.50 67.08 -69.57
N VAL A 289 59.90 66.43 -68.58
CA VAL A 289 58.89 65.41 -68.80
C VAL A 289 57.62 65.81 -68.05
N SER A 290 56.49 65.23 -68.48
CA SER A 290 55.19 65.58 -67.95
C SER A 290 54.69 64.50 -66.99
N ASN A 291 53.96 64.94 -65.98
CA ASN A 291 53.38 64.03 -64.98
C ASN A 291 52.02 63.57 -65.49
N GLU A 292 51.95 62.31 -65.92
CA GLU A 292 50.70 61.78 -66.48
C GLU A 292 49.61 61.73 -65.42
N MET A 293 49.97 61.33 -64.20
CA MET A 293 48.99 61.20 -63.12
C MET A 293 49.02 62.45 -62.25
N LYS A 294 48.41 63.52 -62.77
CA LYS A 294 48.25 64.77 -62.05
C LYS A 294 46.92 64.83 -61.31
N GLY A 295 45.81 64.65 -62.02
CA GLY A 295 44.50 64.61 -61.43
C GLY A 295 43.92 63.22 -61.25
N LYS A 296 44.75 62.18 -61.36
CA LYS A 296 44.24 60.81 -61.24
C LYS A 296 43.79 60.51 -59.83
N LEU A 297 44.59 60.88 -58.83
CA LEU A 297 44.34 60.53 -57.44
C LEU A 297 43.98 61.75 -56.63
N GLN A 298 43.01 61.61 -55.74
CA GLN A 298 42.63 62.66 -54.82
C GLN A 298 43.47 62.55 -53.55
N LEU A 299 44.12 63.65 -53.18
CA LEU A 299 45.04 63.67 -52.05
C LEU A 299 44.29 64.04 -50.78
N VAL A 300 44.32 63.15 -49.79
CA VAL A 300 43.76 63.41 -48.46
C VAL A 300 44.89 63.31 -47.46
N VAL A 301 45.14 64.41 -46.74
CA VAL A 301 46.21 64.47 -45.75
C VAL A 301 45.59 64.21 -44.38
N ALA A 302 45.93 63.05 -43.79
CA ALA A 302 45.34 62.67 -42.52
C ALA A 302 46.14 63.27 -41.36
N ASP A 303 45.45 64.02 -40.50
CA ASP A 303 46.05 64.53 -39.29
C ASP A 303 45.98 63.54 -38.14
N TYR A 304 45.35 62.38 -38.36
CA TYR A 304 45.19 61.34 -37.34
C TYR A 304 44.51 61.92 -36.09
N LEU A 305 43.40 62.61 -36.31
CA LEU A 305 42.62 63.21 -35.24
C LEU A 305 42.24 62.21 -34.17
N MET B 1 27.07 22.58 -52.91
CA MET B 1 27.07 22.79 -51.47
C MET B 1 27.90 24.02 -51.10
N ILE B 2 27.31 24.92 -50.33
CA ILE B 2 27.96 26.15 -49.92
C ILE B 2 28.76 25.85 -48.66
N VAL B 3 30.07 26.10 -48.70
CA VAL B 3 30.94 25.81 -47.57
C VAL B 3 31.01 27.01 -46.64
N THR B 4 30.04 27.12 -45.74
CA THR B 4 30.00 28.22 -44.80
C THR B 4 31.02 28.01 -43.68
N PRO B 5 31.52 29.09 -43.08
CA PRO B 5 32.45 28.94 -41.94
C PRO B 5 31.74 28.38 -40.71
N ALA B 6 32.54 28.16 -39.67
CA ALA B 6 32.01 27.55 -38.46
C ALA B 6 31.15 28.50 -37.66
N SER B 7 31.54 29.79 -37.59
CA SER B 7 30.77 30.76 -36.81
C SER B 7 29.39 30.98 -37.41
N ILE B 8 29.31 31.05 -38.74
CA ILE B 8 28.01 31.23 -39.39
C ILE B 8 27.10 30.04 -39.11
N LYS B 9 27.65 28.83 -39.20
CA LYS B 9 26.88 27.63 -38.87
C LYS B 9 26.47 27.59 -37.40
N ALA B 10 27.29 28.15 -36.51
CA ALA B 10 26.95 28.19 -35.09
C ALA B 10 25.87 29.22 -34.78
N LEU B 11 25.79 30.29 -35.57
CA LEU B 11 24.73 31.28 -35.38
C LEU B 11 23.37 30.81 -35.87
N MET B 12 23.29 29.67 -36.56
CA MET B 12 22.04 29.19 -37.13
C MET B 12 21.30 28.29 -36.13
N THR B 13 20.92 28.88 -35.00
CA THR B 13 20.17 28.20 -33.96
C THR B 13 18.96 29.05 -33.58
N SER B 14 17.97 28.40 -32.98
CA SER B 14 16.77 29.07 -32.51
C SER B 14 16.76 29.09 -30.98
N TRP B 15 16.38 30.23 -30.41
CA TRP B 15 16.37 30.38 -28.96
C TRP B 15 15.04 29.90 -28.40
N ARG B 16 15.11 29.04 -27.38
CA ARG B 16 13.92 28.52 -26.71
C ARG B 16 14.01 28.82 -25.23
N LYS B 17 12.88 29.24 -24.64
CA LYS B 17 12.81 29.64 -23.25
C LYS B 17 12.06 28.63 -22.38
N ASP B 18 12.16 27.35 -22.72
CA ASP B 18 11.53 26.32 -21.89
C ASP B 18 12.22 26.19 -20.55
N PHE B 19 13.54 26.36 -20.53
CA PHE B 19 14.32 26.37 -19.30
C PHE B 19 14.37 27.83 -18.83
N GLN B 20 13.40 28.26 -18.04
CA GLN B 20 13.41 29.62 -17.54
C GLN B 20 13.45 29.70 -16.02
N GLY B 21 12.59 28.95 -15.34
CA GLY B 21 12.57 28.99 -13.89
C GLY B 21 13.66 28.19 -13.22
N GLY B 22 14.43 27.42 -13.98
CA GLY B 22 15.44 26.57 -13.37
C GLY B 22 14.79 25.45 -12.59
N LEU B 23 15.32 25.17 -11.40
CA LEU B 23 14.77 24.18 -10.50
C LEU B 23 14.05 24.88 -9.37
N GLU B 24 12.77 24.55 -9.18
CA GLU B 24 11.96 25.21 -8.18
C GLU B 24 12.43 24.84 -6.77
N ASP B 25 12.21 25.75 -5.83
CA ASP B 25 12.63 25.57 -4.45
C ASP B 25 11.75 24.54 -3.74
N ALA B 26 12.20 24.14 -2.55
CA ALA B 26 11.47 23.17 -1.77
C ALA B 26 10.16 23.77 -1.26
N PRO B 27 9.18 22.93 -0.91
CA PRO B 27 7.94 23.46 -0.33
C PRO B 27 8.20 24.13 1.00
N SER B 28 7.38 25.13 1.30
CA SER B 28 7.48 25.87 2.55
C SER B 28 6.55 25.28 3.59
N GLN B 29 7.12 24.84 4.70
CA GLN B 29 6.32 24.21 5.75
C GLN B 29 6.76 24.64 7.14
N TYR B 30 6.96 25.93 7.35
CA TYR B 30 7.33 26.43 8.68
C TYR B 30 6.13 26.87 9.51
N ASN B 31 4.96 27.07 8.89
CA ASN B 31 3.77 27.46 9.65
C ASN B 31 3.28 26.34 10.55
N LYS B 32 3.67 25.10 10.28
CA LYS B 32 3.20 23.98 11.09
C LYS B 32 3.86 23.94 12.46
N ILE B 33 5.02 24.56 12.64
CA ILE B 33 5.77 24.47 13.88
C ILE B 33 6.09 25.82 14.49
N ALA B 34 5.72 26.93 13.86
CA ALA B 34 6.07 28.25 14.34
C ALA B 34 4.83 29.13 14.47
N MET B 35 4.88 30.05 15.42
CA MET B 35 3.82 31.03 15.62
C MET B 35 4.30 32.39 15.14
N VAL B 36 3.50 33.03 14.29
CA VAL B 36 3.92 34.28 13.65
C VAL B 36 3.38 35.46 14.44
N VAL B 37 4.28 36.36 14.83
CA VAL B 37 3.93 37.57 15.57
C VAL B 37 4.59 38.75 14.89
N ASN B 38 3.83 39.85 14.77
CA ASN B 38 4.29 41.05 14.10
C ASN B 38 4.88 42.01 15.12
N SER B 39 6.08 42.51 14.84
CA SER B 39 6.70 43.53 15.67
C SER B 39 6.56 44.89 15.02
N SER B 40 6.52 45.92 15.86
CA SER B 40 6.36 47.30 15.39
C SER B 40 7.51 48.20 15.76
N THR B 41 8.45 47.77 16.59
CA THR B 41 9.52 48.62 17.07
C THR B 41 10.84 47.86 17.17
N ARG B 42 11.81 48.42 17.89
CA ARG B 42 13.16 47.85 17.94
C ARG B 42 13.17 46.39 18.38
N SER B 43 12.28 45.99 19.30
CA SER B 43 12.23 44.61 19.75
C SER B 43 10.90 44.34 20.43
N ASN B 44 10.63 43.06 20.67
CA ASN B 44 9.44 42.63 21.37
C ASN B 44 9.80 42.03 22.72
N THR B 45 8.97 42.30 23.72
CA THR B 45 9.12 41.74 25.05
C THR B 45 7.88 40.94 25.40
N TYR B 46 8.07 39.71 25.87
CA TYR B 46 6.99 38.84 26.28
C TYR B 46 7.09 38.58 27.78
N GLY B 47 5.95 38.57 28.45
CA GLY B 47 5.93 38.31 29.88
C GLY B 47 4.70 37.56 30.33
N TRP B 48 4.89 36.57 31.19
CA TRP B 48 3.79 35.77 31.73
C TRP B 48 3.94 35.71 33.24
N LEU B 49 2.92 35.16 33.90
CA LEU B 49 2.88 35.09 35.35
C LEU B 49 2.89 33.63 35.79
N GLY B 50 3.67 33.34 36.83
CA GLY B 50 3.76 32.00 37.36
C GLY B 50 2.45 31.57 37.98
N LYS B 51 2.40 30.30 38.36
CA LYS B 51 1.18 29.72 38.90
C LYS B 51 0.98 30.16 40.34
N PHE B 52 0.00 29.58 41.02
CA PHE B 52 -0.37 29.92 42.38
C PHE B 52 0.12 28.84 43.34
N PRO B 53 0.59 29.21 44.53
CA PRO B 53 1.09 28.20 45.47
C PRO B 53 0.07 27.11 45.78
N THR B 54 0.50 25.86 45.80
CA THR B 54 -0.42 24.76 46.03
C THR B 54 -0.92 24.79 47.47
N LEU B 55 -2.18 24.37 47.65
CA LEU B 55 -2.81 24.45 48.95
C LEU B 55 -2.20 23.47 49.94
N LYS B 56 -2.02 23.92 51.17
CA LYS B 56 -1.42 23.13 52.23
C LYS B 56 -2.31 23.17 53.46
N GLU B 57 -2.03 22.28 54.41
CA GLU B 57 -2.83 22.18 55.62
C GLU B 57 -2.74 23.47 56.43
N TRP B 58 -3.85 23.84 57.05
CA TRP B 58 -3.98 25.09 57.77
C TRP B 58 -3.87 24.82 59.26
N VAL B 59 -2.69 25.06 59.83
CA VAL B 59 -2.47 25.02 61.27
C VAL B 59 -1.79 26.34 61.63
N GLY B 60 -2.33 27.04 62.63
CA GLY B 60 -1.83 28.35 63.00
C GLY B 60 -2.52 29.45 62.22
N LYS B 61 -1.72 30.33 61.64
CA LYS B 61 -2.21 31.40 60.77
C LYS B 61 -1.63 31.25 59.37
N ARG B 62 -2.26 31.94 58.42
CA ARG B 62 -1.91 31.75 57.01
C ARG B 62 -0.47 32.14 56.75
N THR B 63 0.20 31.36 55.90
CA THR B 63 1.58 31.65 55.49
C THR B 63 1.53 32.45 54.20
N ILE B 64 1.96 33.71 54.28
CA ILE B 64 1.95 34.58 53.10
C ILE B 64 3.13 34.21 52.22
N GLN B 65 2.85 33.61 51.06
CA GLN B 65 3.86 33.21 50.11
C GLN B 65 3.98 34.24 49.00
N GLN B 66 4.76 33.92 47.98
CA GLN B 66 4.98 34.82 46.87
C GLN B 66 5.16 34.04 45.58
N MET B 67 4.85 34.68 44.46
CA MET B 67 5.06 34.12 43.13
C MET B 67 5.95 35.05 42.33
N GLU B 68 6.22 34.67 41.07
CA GLU B 68 7.15 35.40 40.24
C GLU B 68 6.59 35.57 38.84
N ALA B 69 7.14 36.55 38.11
CA ALA B 69 6.79 36.82 36.72
C ALA B 69 8.06 36.76 35.88
N HIS B 70 7.97 36.11 34.73
CA HIS B 70 9.11 35.93 33.84
C HIS B 70 9.00 36.84 32.63
N GLY B 71 10.15 37.16 32.06
CA GLY B 71 10.21 38.01 30.89
C GLY B 71 11.21 37.48 29.88
N TYR B 72 11.02 37.88 28.63
CA TYR B 72 11.83 37.39 27.53
C TYR B 72 11.73 38.38 26.38
N SER B 73 12.85 38.63 25.71
CA SER B 73 12.90 39.65 24.67
C SER B 73 13.63 39.12 23.45
N ILE B 74 13.10 39.42 22.26
CA ILE B 74 13.71 39.06 21.00
C ILE B 74 13.90 40.33 20.18
N ALA B 75 15.13 40.55 19.71
CA ALA B 75 15.47 41.76 18.96
C ALA B 75 15.46 41.50 17.46
N ASN B 76 14.88 42.43 16.71
CA ASN B 76 14.80 42.30 15.27
C ASN B 76 16.18 42.49 14.63
N LYS B 77 16.32 41.93 13.43
CA LYS B 77 17.56 42.00 12.67
C LYS B 77 17.26 42.48 11.26
N THR B 78 18.27 43.04 10.61
CA THR B 78 18.16 43.52 9.24
C THR B 78 19.00 42.66 8.32
N PHE B 79 18.39 42.26 7.19
CA PHE B 79 19.02 41.39 6.22
C PHE B 79 19.09 42.08 4.88
N GLU B 80 20.03 41.65 4.04
CA GLU B 80 20.22 42.26 2.73
C GLU B 80 20.83 41.26 1.78
N GLY B 81 20.59 41.49 0.49
CA GLY B 81 21.22 40.73 -0.58
C GLY B 81 21.16 41.51 -1.88
N THR B 82 22.29 41.65 -2.57
CA THR B 82 22.35 42.49 -3.75
C THR B 82 23.26 41.87 -4.81
N VAL B 83 23.00 42.24 -6.07
CA VAL B 83 23.77 41.78 -7.22
C VAL B 83 23.90 42.95 -8.19
N GLY B 84 24.93 42.88 -9.03
CA GLY B 84 25.15 43.95 -10.00
C GLY B 84 25.55 43.45 -11.37
N ILE B 85 25.01 44.07 -12.41
CA ILE B 85 25.32 43.73 -13.80
C ILE B 85 25.47 45.02 -14.59
N SER B 86 26.46 45.07 -15.46
CA SER B 86 26.77 46.30 -16.18
C SER B 86 25.64 46.67 -17.13
N ARG B 87 25.58 47.96 -17.47
CA ARG B 87 24.56 48.44 -18.39
C ARG B 87 24.72 47.84 -19.78
N ASP B 88 25.97 47.68 -20.22
CA ASP B 88 26.23 47.08 -21.53
C ASP B 88 25.71 45.66 -21.59
N ASP B 89 26.00 44.85 -20.56
CA ASP B 89 25.57 43.47 -20.56
C ASP B 89 24.05 43.36 -20.51
N PHE B 90 23.39 44.24 -19.75
CA PHE B 90 21.95 44.20 -19.65
C PHE B 90 21.27 44.70 -20.92
N GLU B 91 21.89 45.61 -21.65
CA GLU B 91 21.27 46.18 -22.84
C GLU B 91 21.65 45.46 -24.13
N ASP B 92 22.73 44.68 -24.13
CA ASP B 92 23.13 43.92 -25.31
C ASP B 92 22.54 42.52 -25.32
N ASP B 93 21.63 42.23 -24.39
CA ASP B 93 21.03 40.90 -24.26
C ASP B 93 19.78 40.89 -25.14
N ASN B 94 19.93 40.44 -26.38
CA ASN B 94 18.79 40.24 -27.26
C ASN B 94 18.07 38.92 -26.99
N LEU B 95 18.77 37.95 -26.41
CA LEU B 95 18.17 36.66 -26.11
C LEU B 95 17.05 36.79 -25.10
N GLY B 96 17.25 37.64 -24.08
CA GLY B 96 16.29 37.74 -23.01
C GLY B 96 16.62 36.85 -21.82
N ILE B 97 17.90 36.58 -21.58
CA ILE B 97 18.28 35.64 -20.53
C ILE B 97 18.44 36.33 -19.19
N TYR B 98 18.80 37.61 -19.17
CA TYR B 98 19.02 38.34 -17.93
C TYR B 98 17.75 38.98 -17.38
N ALA B 99 16.62 38.88 -18.10
CA ALA B 99 15.40 39.54 -17.62
C ALA B 99 14.91 39.01 -16.29
N PRO B 100 14.78 37.69 -16.07
CA PRO B 100 14.20 37.22 -14.81
C PRO B 100 15.17 37.28 -13.63
N ILE B 101 15.47 38.49 -13.16
CA ILE B 101 16.24 38.68 -11.93
C ILE B 101 15.35 39.16 -10.80
N PHE B 102 14.34 39.97 -11.11
CA PHE B 102 13.40 40.42 -10.10
C PHE B 102 12.65 39.24 -9.49
N GLN B 103 12.21 38.30 -10.32
CA GLN B 103 11.53 37.11 -9.80
C GLN B 103 12.46 36.27 -8.95
N GLU B 104 13.71 36.12 -9.37
CA GLU B 104 14.66 35.32 -8.60
C GLU B 104 14.92 35.94 -7.24
N MET B 105 15.08 37.27 -7.18
CA MET B 105 15.33 37.89 -5.88
C MET B 105 14.08 37.88 -5.02
N GLY B 106 12.89 37.96 -5.63
CA GLY B 106 11.67 37.78 -4.86
C GLY B 106 11.57 36.42 -4.23
N ARG B 107 11.90 35.37 -4.99
CA ARG B 107 11.91 34.03 -4.43
C ARG B 107 12.95 33.87 -3.34
N SER B 108 14.13 34.47 -3.52
CA SER B 108 15.17 34.40 -2.49
C SER B 108 14.71 35.07 -1.21
N ALA B 109 14.02 36.21 -1.32
CA ALA B 109 13.47 36.86 -0.13
C ALA B 109 12.39 36.01 0.51
N ALA B 110 11.54 35.37 -0.30
CA ALA B 110 10.43 34.61 0.24
C ALA B 110 10.90 33.35 0.96
N VAL B 111 12.01 32.76 0.53
CA VAL B 111 12.45 31.49 1.11
C VAL B 111 12.96 31.66 2.54
N GLN B 112 13.38 32.86 2.92
CA GLN B 112 14.13 33.09 4.16
C GLN B 112 13.45 32.59 5.44
N PRO B 113 12.13 32.78 5.66
CA PRO B 113 11.54 32.32 6.92
C PRO B 113 11.75 30.86 7.24
N ASP B 114 11.82 29.99 6.24
CA ASP B 114 12.12 28.59 6.48
C ASP B 114 13.58 28.36 6.85
N GLU B 115 14.51 29.01 6.13
CA GLU B 115 15.92 28.94 6.47
C GLU B 115 16.20 29.47 7.86
N LEU B 116 15.36 30.36 8.38
CA LEU B 116 15.53 30.86 9.74
C LEU B 116 15.02 29.87 10.79
N ILE B 117 13.79 29.38 10.62
CA ILE B 117 13.17 28.54 11.64
C ILE B 117 13.86 27.19 11.72
N PHE B 118 14.11 26.55 10.57
CA PHE B 118 14.68 25.21 10.63
C PHE B 118 16.15 25.24 11.03
N LYS B 119 16.80 26.37 10.87
CA LYS B 119 18.17 26.46 11.40
C LYS B 119 18.10 26.63 12.91
N LEU B 120 16.97 27.01 13.48
CA LEU B 120 16.84 27.26 14.95
C LEU B 120 16.75 25.91 15.64
N LEU B 121 15.92 25.02 15.15
CA LEU B 121 15.86 23.67 15.76
C LEU B 121 17.23 23.05 15.59
N LYS B 122 17.77 23.01 14.39
CA LYS B 122 19.06 22.32 14.18
C LYS B 122 20.06 22.78 15.20
N ASP B 123 20.39 24.05 15.27
CA ASP B 123 21.45 24.42 16.20
C ASP B 123 20.90 24.81 17.56
N GLY B 124 19.84 24.14 18.01
CA GLY B 124 19.29 24.42 19.32
C GLY B 124 20.11 23.96 20.49
N PHE B 125 21.20 23.22 20.23
CA PHE B 125 22.08 22.78 21.30
C PHE B 125 23.05 23.87 21.74
N THR B 126 23.15 24.98 21.01
CA THR B 126 24.10 26.03 21.33
C THR B 126 23.45 27.38 21.62
N GLN B 127 22.33 27.70 20.99
CA GLN B 127 21.69 28.98 21.24
C GLN B 127 20.98 28.97 22.60
N PRO B 128 21.02 30.08 23.34
CA PRO B 128 20.34 30.12 24.64
C PRO B 128 18.88 30.52 24.52
N CYS B 129 18.10 30.07 25.50
CA CYS B 129 16.68 30.33 25.56
C CYS B 129 16.35 31.11 26.82
N TYR B 130 15.05 31.24 27.12
CA TYR B 130 14.61 32.21 28.12
C TYR B 130 15.15 31.89 29.52
N ASP B 131 15.20 30.61 29.89
CA ASP B 131 15.60 30.28 31.25
C ASP B 131 17.10 30.40 31.46
N GLY B 132 17.89 30.65 30.41
CA GLY B 132 19.30 30.88 30.52
C GLY B 132 20.15 29.82 29.86
N GLN B 133 19.75 28.55 29.94
CA GLN B 133 20.51 27.48 29.33
C GLN B 133 20.21 27.40 27.83
N ASN B 134 20.82 26.43 27.17
CA ASN B 134 20.53 26.17 25.78
C ASN B 134 19.13 25.57 25.65
N PHE B 135 18.55 25.67 24.46
CA PHE B 135 17.20 25.15 24.24
C PHE B 135 17.17 23.65 24.47
N PHE B 136 18.07 22.92 23.82
CA PHE B 136 18.23 21.49 24.05
C PHE B 136 19.39 21.30 25.01
N ASP B 137 19.08 20.86 26.23
CA ASP B 137 20.06 20.84 27.31
C ASP B 137 19.70 19.73 28.28
N LYS B 138 20.67 19.32 29.09
CA LYS B 138 20.42 18.25 30.08
C LYS B 138 20.38 18.84 31.48
N GLU B 139 20.56 20.14 31.60
CA GLU B 139 20.46 20.80 32.92
C GLU B 139 19.50 22.00 32.83
N HIS B 140 18.20 21.77 32.92
CA HIS B 140 17.17 22.82 32.80
C HIS B 140 16.51 22.88 34.16
N PRO B 141 16.69 23.92 34.98
CA PRO B 141 16.25 23.95 36.38
C PRO B 141 14.75 23.88 36.52
N VAL B 142 14.29 23.13 37.53
CA VAL B 142 12.89 23.06 37.90
C VAL B 142 12.84 23.26 39.42
N TYR B 143 12.56 24.49 39.84
CA TYR B 143 12.64 24.84 41.24
C TYR B 143 11.44 24.25 42.00
N PRO B 144 11.62 23.92 43.29
CA PRO B 144 10.53 23.32 44.05
C PRO B 144 9.49 24.31 44.54
N ASN B 145 9.70 25.60 44.36
CA ASN B 145 8.77 26.62 44.83
C ASN B 145 8.27 27.44 43.65
N VAL B 146 7.02 27.90 43.74
CA VAL B 146 6.42 28.64 42.65
C VAL B 146 7.19 29.93 42.36
N ASP B 147 7.70 30.58 43.40
CA ASP B 147 8.42 31.83 43.24
C ASP B 147 9.77 31.67 42.58
N GLY B 148 10.20 30.45 42.27
CA GLY B 148 11.47 30.31 41.54
C GLY B 148 12.64 30.35 42.48
N THR B 149 12.46 29.79 43.67
CA THR B 149 13.52 29.82 44.69
C THR B 149 13.57 28.50 45.44
N GLY B 150 14.69 27.80 45.35
CA GLY B 150 14.88 26.56 46.13
C GLY B 150 16.15 25.91 45.63
N SER B 151 16.21 24.59 45.63
CA SER B 151 17.36 23.88 45.02
C SER B 151 16.86 23.28 43.71
N ALA B 152 17.39 23.74 42.58
CA ALA B 152 16.95 23.30 41.27
C ALA B 152 17.22 21.82 41.07
N VAL B 153 16.33 21.16 40.33
CA VAL B 153 16.50 19.77 39.93
C VAL B 153 16.65 19.77 38.42
N ASN B 154 17.83 19.41 37.94
CA ASN B 154 18.11 19.48 36.52
C ASN B 154 17.25 18.49 35.73
N THR B 155 16.33 19.03 34.95
CA THR B 155 15.50 18.24 34.06
C THR B 155 16.10 18.22 32.67
N SER B 156 16.14 17.04 32.06
CA SER B 156 16.79 16.83 30.77
C SER B 156 15.78 16.99 29.64
N ASN B 157 16.25 17.60 28.56
CA ASN B 157 15.46 17.82 27.36
C ASN B 157 15.93 16.95 26.20
N ILE B 158 16.99 16.18 26.39
CA ILE B 158 17.62 15.40 25.34
C ILE B 158 17.61 13.93 25.74
N VAL B 159 17.17 13.07 24.83
CA VAL B 159 17.31 11.63 24.98
C VAL B 159 18.43 11.16 24.06
N GLU B 160 19.43 10.50 24.63
CA GLU B 160 20.67 10.22 23.93
C GLU B 160 20.93 8.72 23.90
N GLN B 161 21.40 8.24 22.75
CA GLN B 161 21.79 6.85 22.58
C GLN B 161 23.30 6.77 22.54
N ASP B 162 23.87 5.85 23.32
CA ASP B 162 25.32 5.77 23.43
C ASP B 162 25.95 5.42 22.08
N SER B 163 27.07 6.07 21.78
CA SER B 163 27.85 5.82 20.56
C SER B 163 26.99 6.04 19.32
N PHE B 164 26.55 7.29 19.14
CA PHE B 164 25.73 7.67 18.01
C PHE B 164 26.37 8.84 17.29
N SER B 165 26.53 8.72 15.97
CA SER B 165 27.06 9.78 15.12
C SER B 165 26.16 9.86 13.89
N GLY B 166 25.13 10.69 13.96
CA GLY B 166 24.19 10.80 12.88
C GLY B 166 23.34 12.04 13.00
N LEU B 167 22.12 11.94 12.48
CA LEU B 167 21.21 13.08 12.41
C LEU B 167 20.08 12.92 13.39
N PRO B 168 19.90 13.86 14.32
CA PRO B 168 18.82 13.74 15.30
C PRO B 168 17.47 14.11 14.71
N PHE B 169 16.42 13.77 15.45
CA PHE B 169 15.06 14.14 15.09
C PHE B 169 14.32 14.63 16.32
N TYR B 170 13.25 15.39 16.08
CA TYR B 170 12.64 16.22 17.11
C TYR B 170 11.16 15.92 17.23
N LEU B 171 10.64 16.05 18.45
CA LEU B 171 9.22 15.96 18.72
C LEU B 171 8.77 17.25 19.38
N LEU B 172 7.67 17.82 18.89
CA LEU B 172 7.18 19.10 19.38
C LEU B 172 5.68 19.01 19.65
N ASP B 173 5.21 19.84 20.57
CA ASP B 173 3.78 19.92 20.90
C ASP B 173 3.22 21.20 20.30
N CYS B 174 2.89 21.11 19.02
CA CYS B 174 2.31 22.25 18.29
C CYS B 174 0.79 22.15 18.28
N SER B 175 0.21 22.12 19.48
CA SER B 175 -1.23 21.92 19.63
C SER B 175 -1.97 23.12 20.20
N ARG B 176 -1.29 24.04 20.87
CA ARG B 176 -1.90 25.21 21.47
C ARG B 176 -1.54 26.46 20.67
N ALA B 177 -1.95 27.61 21.20
CA ALA B 177 -1.62 28.89 20.55
C ALA B 177 -0.16 29.26 20.74
N VAL B 178 0.49 28.75 21.78
CA VAL B 178 1.89 29.03 22.05
C VAL B 178 2.70 27.85 21.51
N LYS B 179 3.31 28.04 20.35
CA LYS B 179 4.12 27.01 19.75
C LYS B 179 5.56 27.12 20.23
N PRO B 180 6.33 26.03 20.20
CA PRO B 180 7.70 26.09 20.74
C PRO B 180 8.64 27.02 19.98
N LEU B 181 8.34 27.38 18.74
CA LEU B 181 9.20 28.25 17.95
C LEU B 181 8.43 29.51 17.56
N ILE B 182 9.10 30.65 17.60
CA ILE B 182 8.49 31.94 17.31
C ILE B 182 9.16 32.55 16.09
N PHE B 183 8.33 33.01 15.15
CA PHE B 183 8.80 33.80 14.02
C PHE B 183 8.27 35.21 14.15
N GLN B 184 9.17 36.18 14.03
CA GLN B 184 8.86 37.58 14.29
C GLN B 184 9.21 38.39 13.05
N GLU B 185 8.22 39.09 12.49
CA GLU B 185 8.41 39.88 11.29
C GLU B 185 8.14 41.35 11.60
N ARG B 186 9.11 42.20 11.24
CA ARG B 186 9.00 43.63 11.46
C ARG B 186 8.61 44.37 10.18
N ARG B 187 9.40 44.25 9.13
CA ARG B 187 9.14 44.89 7.85
C ARG B 187 9.06 43.84 6.76
N LYS B 188 8.05 43.96 5.90
CA LYS B 188 7.90 43.03 4.80
C LYS B 188 9.01 43.25 3.78
N PRO B 189 9.36 42.21 3.00
CA PRO B 189 10.45 42.35 2.05
C PRO B 189 10.24 43.49 1.08
N GLU B 190 11.31 44.23 0.81
CA GLU B 190 11.29 45.36 -0.09
C GLU B 190 12.34 45.14 -1.18
N LEU B 191 11.90 45.13 -2.43
CA LEU B 191 12.77 44.84 -3.56
C LEU B 191 12.94 46.10 -4.41
N VAL B 192 14.19 46.47 -4.67
CA VAL B 192 14.51 47.70 -5.37
C VAL B 192 15.43 47.37 -6.54
N ALA B 193 15.06 47.85 -7.73
CA ALA B 193 15.84 47.64 -8.95
C ALA B 193 16.28 49.00 -9.48
N ARG B 194 17.56 49.32 -9.31
CA ARG B 194 18.10 50.62 -9.73
C ARG B 194 18.64 50.48 -11.15
N THR B 195 17.71 50.46 -12.11
CA THR B 195 18.04 50.30 -13.53
C THR B 195 17.59 51.52 -14.33
N ARG B 196 17.88 52.72 -13.82
CA ARG B 196 17.54 53.95 -14.51
C ARG B 196 18.81 54.71 -14.89
N ILE B 197 18.75 55.40 -16.02
CA ILE B 197 19.90 56.12 -16.55
C ILE B 197 20.33 57.28 -15.65
N ASP B 198 19.39 57.99 -15.05
CA ASP B 198 19.71 59.13 -14.20
C ASP B 198 20.26 58.74 -12.85
N ASP B 199 20.37 57.44 -12.55
CA ASP B 199 20.89 57.00 -11.27
C ASP B 199 22.35 57.39 -11.12
N ASP B 200 22.77 57.59 -9.88
CA ASP B 200 24.15 58.01 -9.60
C ASP B 200 25.14 56.89 -9.88
N HIS B 201 24.82 55.66 -9.47
CA HIS B 201 25.73 54.55 -9.69
C HIS B 201 25.87 54.24 -11.18
N VAL B 202 24.76 54.36 -11.93
CA VAL B 202 24.82 54.13 -13.36
C VAL B 202 25.71 55.17 -14.03
N PHE B 203 25.56 56.44 -13.62
CA PHE B 203 26.38 57.50 -14.18
C PHE B 203 27.84 57.40 -13.78
N MET B 204 28.14 56.81 -12.63
CA MET B 204 29.51 56.73 -12.14
C MET B 204 30.19 55.41 -12.40
N ASP B 205 29.44 54.31 -12.49
CA ASP B 205 30.07 53.00 -12.68
C ASP B 205 29.51 52.20 -13.85
N ASN B 206 28.46 52.66 -14.53
CA ASN B 206 27.87 51.94 -15.67
C ASN B 206 27.39 50.55 -15.24
N GLU B 207 26.67 50.52 -14.13
CA GLU B 207 26.21 49.26 -13.53
C GLU B 207 24.73 49.36 -13.17
N PHE B 208 24.06 48.21 -13.19
CA PHE B 208 22.69 48.09 -12.74
C PHE B 208 22.67 47.30 -11.44
N LEU B 209 21.92 47.78 -10.45
CA LEU B 209 21.91 47.21 -9.12
C LEU B 209 20.53 46.67 -8.79
N PHE B 210 20.48 45.44 -8.30
CA PHE B 210 19.26 44.82 -7.79
C PHE B 210 19.50 44.41 -6.35
N GLY B 211 18.66 44.91 -5.44
CA GLY B 211 18.86 44.68 -4.03
C GLY B 211 17.56 44.41 -3.30
N ALA B 212 17.67 43.65 -2.22
CA ALA B 212 16.54 43.30 -1.37
C ALA B 212 16.95 43.40 0.08
N SER B 213 15.98 43.66 0.95
CA SER B 213 16.24 43.77 2.37
C SER B 213 14.97 43.48 3.16
N THR B 214 15.11 42.76 4.27
CA THR B 214 14.00 42.40 5.14
C THR B 214 14.42 42.61 6.59
N ARG B 215 13.42 42.77 7.46
CA ARG B 215 13.64 42.88 8.90
C ARG B 215 12.81 41.81 9.61
N ARG B 216 13.47 40.72 9.99
CA ARG B 216 12.80 39.58 10.60
C ARG B 216 13.64 39.09 11.77
N ALA B 217 13.08 38.16 12.55
CA ALA B 217 13.80 37.55 13.65
C ALA B 217 13.10 36.26 14.04
N ALA B 218 13.89 35.30 14.53
CA ALA B 218 13.39 34.02 14.98
C ALA B 218 13.91 33.73 16.38
N GLY B 219 13.04 33.22 17.25
CA GLY B 219 13.41 32.97 18.63
C GLY B 219 12.75 31.71 19.15
N TYR B 220 13.13 31.35 20.37
CA TYR B 220 12.65 30.13 21.01
C TYR B 220 11.48 30.46 21.94
N GLY B 221 10.55 29.51 22.06
CA GLY B 221 9.46 29.64 22.99
C GLY B 221 9.74 28.95 24.30
N PHE B 222 8.94 27.94 24.63
CA PHE B 222 9.10 27.16 25.85
C PHE B 222 9.95 25.94 25.55
N TRP B 223 11.00 25.72 26.34
CA TRP B 223 11.81 24.52 26.16
C TRP B 223 11.05 23.25 26.52
N GLN B 224 9.98 23.35 27.31
CA GLN B 224 9.26 22.17 27.75
C GLN B 224 8.46 21.50 26.66
N MET B 225 8.30 22.13 25.51
CA MET B 225 7.45 21.63 24.44
C MET B 225 8.26 21.13 23.25
N ALA B 226 9.49 20.67 23.50
CA ALA B 226 10.32 20.12 22.44
C ALA B 226 11.32 19.14 23.05
N VAL B 227 11.61 18.08 22.31
CA VAL B 227 12.56 17.05 22.74
C VAL B 227 13.39 16.64 21.53
N ALA B 228 14.71 16.61 21.70
CA ALA B 228 15.63 16.23 20.64
C ALA B 228 16.12 14.82 20.90
N VAL B 229 15.93 13.92 19.94
CA VAL B 229 16.33 12.53 20.07
C VAL B 229 17.62 12.33 19.29
N LYS B 230 18.72 12.10 20.00
CA LYS B 230 20.02 11.86 19.38
C LYS B 230 20.27 10.37 19.26
N GLY B 231 19.47 9.73 18.43
CA GLY B 231 19.58 8.30 18.22
C GLY B 231 19.00 7.91 16.89
N ASP B 232 18.68 6.63 16.75
CA ASP B 232 18.09 6.09 15.53
C ASP B 232 16.57 6.24 15.58
N LEU B 233 15.96 6.25 14.39
CA LEU B 233 14.52 6.40 14.28
C LEU B 233 13.87 5.02 14.42
N THR B 234 13.94 4.50 15.64
CA THR B 234 13.28 3.25 15.98
C THR B 234 12.04 3.53 16.80
N LEU B 235 11.21 2.50 16.97
CA LEU B 235 10.02 2.62 17.79
C LEU B 235 10.38 2.91 19.25
N ASP B 236 11.44 2.27 19.75
CA ASP B 236 11.82 2.46 21.13
C ASP B 236 12.26 3.89 21.41
N ASN B 237 13.06 4.48 20.52
CA ASN B 237 13.52 5.85 20.73
C ASN B 237 12.35 6.84 20.64
N LEU B 238 11.43 6.60 19.72
CA LEU B 238 10.25 7.45 19.62
C LEU B 238 9.42 7.39 20.89
N TRP B 239 9.21 6.19 21.44
CA TRP B 239 8.44 6.09 22.67
C TRP B 239 9.18 6.68 23.86
N LYS B 240 10.52 6.57 23.87
CA LYS B 240 11.31 7.22 24.91
C LYS B 240 11.11 8.73 24.88
N GLY B 241 11.17 9.33 23.69
CA GLY B 241 10.92 10.75 23.58
C GLY B 241 9.52 11.11 24.02
N TRP B 242 8.53 10.31 23.62
CA TRP B 242 7.15 10.58 24.01
C TRP B 242 7.00 10.61 25.52
N GLN B 243 7.47 9.57 26.21
CA GLN B 243 7.34 9.49 27.66
C GLN B 243 8.17 10.56 28.37
N LEU B 244 9.38 10.85 27.89
CA LEU B 244 10.19 11.90 28.49
C LEU B 244 9.48 13.24 28.42
N MET B 245 8.87 13.55 27.27
CA MET B 245 8.14 14.80 27.16
C MET B 245 6.90 14.81 28.03
N ARG B 246 6.22 13.67 28.16
CA ARG B 246 5.06 13.62 29.04
C ARG B 246 5.42 13.70 30.52
N SER B 247 6.68 13.48 30.88
CA SER B 247 7.08 13.49 32.29
C SER B 247 7.47 14.87 32.81
N PHE B 248 7.39 15.92 31.99
CA PHE B 248 7.84 17.24 32.40
C PHE B 248 6.90 17.83 33.44
N GLU B 249 7.45 18.62 34.35
CA GLU B 249 6.70 19.32 35.38
C GLU B 249 7.11 20.78 35.43
N GLY B 250 6.21 21.60 35.98
CA GLY B 250 6.49 23.01 36.18
C GLY B 250 7.12 23.29 37.52
N ASP B 251 7.33 24.57 37.79
CA ASP B 251 7.86 24.97 39.08
C ASP B 251 6.86 24.69 40.19
N GLY B 252 7.36 24.22 41.32
CA GLY B 252 6.54 23.99 42.49
C GLY B 252 5.89 22.62 42.53
N GLY B 253 6.15 21.75 41.57
CA GLY B 253 5.53 20.44 41.54
C GLY B 253 4.29 20.33 40.69
N LYS B 254 3.96 21.36 39.91
CA LYS B 254 2.78 21.32 39.06
C LYS B 254 2.96 20.35 37.92
N LYS B 255 1.86 19.72 37.51
CA LYS B 255 1.85 18.70 36.47
C LYS B 255 1.27 19.29 35.20
N LEU B 256 2.14 19.59 34.24
CA LEU B 256 1.69 20.12 32.95
C LEU B 256 1.17 19.00 32.07
N GLY B 257 0.23 19.35 31.19
CA GLY B 257 -0.28 18.40 30.22
C GLY B 257 0.31 18.62 28.84
N LEU B 258 1.31 17.82 28.49
CA LEU B 258 2.02 17.95 27.22
C LEU B 258 2.15 16.58 26.59
N LYS B 259 2.11 16.54 25.25
CA LYS B 259 2.32 15.32 24.50
C LYS B 259 2.69 15.71 23.07
N PRO B 260 3.59 14.96 22.44
CA PRO B 260 4.05 15.35 21.11
C PRO B 260 2.91 15.37 20.10
N THR B 261 3.03 16.25 19.12
CA THR B 261 2.05 16.36 18.05
C THR B 261 2.71 16.24 16.69
N HIS B 262 3.92 16.79 16.56
CA HIS B 262 4.65 16.81 15.31
C HIS B 262 5.99 16.12 15.49
N ILE B 263 6.50 15.54 14.40
CA ILE B 263 7.83 14.93 14.40
C ILE B 263 8.55 15.44 13.15
N VAL B 264 9.73 16.02 13.35
CA VAL B 264 10.50 16.65 12.28
C VAL B 264 11.77 15.83 12.07
N VAL B 265 11.99 15.38 10.85
CA VAL B 265 13.15 14.56 10.53
C VAL B 265 13.86 15.15 9.31
N PRO B 266 15.16 14.99 9.19
CA PRO B 266 15.84 15.41 7.95
C PRO B 266 15.43 14.54 6.77
N VAL B 267 15.82 14.96 5.57
CA VAL B 267 15.49 14.21 4.38
C VAL B 267 16.27 12.90 4.28
N GLY B 268 17.27 12.71 5.13
CA GLY B 268 18.01 11.46 5.16
C GLY B 268 17.41 10.38 6.02
N LEU B 269 16.33 10.68 6.75
CA LEU B 269 15.66 9.73 7.62
C LEU B 269 14.25 9.46 7.13
N GLU B 270 14.01 9.62 5.83
CA GLU B 270 12.66 9.43 5.31
C GLU B 270 12.30 7.95 5.25
N LYS B 271 13.26 7.09 4.94
CA LYS B 271 12.98 5.66 4.85
C LYS B 271 12.47 5.12 6.18
N ALA B 272 13.17 5.45 7.27
CA ALA B 272 12.78 4.96 8.58
C ALA B 272 11.45 5.55 9.04
N ALA B 273 11.17 6.80 8.69
CA ALA B 273 9.89 7.39 9.05
C ALA B 273 8.74 6.72 8.32
N GLU B 274 8.91 6.49 7.01
CA GLU B 274 7.83 5.90 6.22
C GLU B 274 7.67 4.41 6.52
N GLN B 275 8.71 3.74 6.98
CA GLN B 275 8.64 2.34 7.32
C GLN B 275 8.20 2.11 8.76
N LEU B 276 7.89 3.17 9.48
CA LEU B 276 7.48 3.06 10.87
C LEU B 276 6.12 3.69 11.14
N LEU B 277 5.81 4.80 10.49
CA LEU B 277 4.57 5.52 10.75
C LEU B 277 3.49 5.25 9.72
N ASN B 278 3.85 4.87 8.49
CA ASN B 278 2.89 4.71 7.41
C ASN B 278 2.68 3.26 7.02
N ARG B 279 3.02 2.32 7.89
CA ARG B 279 2.78 0.90 7.66
C ARG B 279 1.66 0.44 8.58
N GLU B 280 0.62 -0.16 8.01
CA GLU B 280 -0.49 -0.67 8.81
C GLU B 280 -0.05 -1.87 9.66
N LEU B 281 0.62 -2.84 9.04
CA LEU B 281 1.17 -3.98 9.75
C LEU B 281 2.67 -4.00 9.50
N PHE B 282 3.45 -3.88 10.56
CA PHE B 282 4.91 -3.84 10.46
C PHE B 282 5.50 -4.93 11.36
N ALA B 283 6.82 -5.00 11.39
CA ALA B 283 7.53 -6.09 12.05
C ALA B 283 8.00 -5.63 13.43
N ASP B 284 7.74 -6.46 14.44
CA ASP B 284 8.12 -6.16 15.82
C ASP B 284 9.06 -7.22 16.37
N GLY B 285 10.11 -7.55 15.61
CA GLY B 285 11.03 -8.58 16.03
C GLY B 285 10.72 -9.94 15.44
N ASN B 286 10.65 -9.99 14.12
CA ASN B 286 10.43 -11.20 13.31
C ASN B 286 9.00 -11.71 13.38
N THR B 287 8.07 -10.94 13.92
CA THR B 287 6.65 -11.29 13.86
C THR B 287 5.87 -10.07 13.38
N THR B 288 4.83 -10.33 12.60
CA THR B 288 3.99 -9.27 12.05
C THR B 288 2.96 -8.86 13.08
N VAL B 289 2.96 -7.57 13.43
CA VAL B 289 2.04 -7.03 14.42
C VAL B 289 1.37 -5.79 13.85
N SER B 290 0.26 -5.41 14.47
CA SER B 290 -0.44 -4.19 14.07
C SER B 290 0.35 -2.96 14.52
N ASN B 291 0.18 -1.88 13.78
CA ASN B 291 0.87 -0.63 14.09
C ASN B 291 0.02 0.22 15.01
N GLU B 292 0.53 0.51 16.21
CA GLU B 292 -0.22 1.22 17.22
C GLU B 292 0.04 2.71 17.23
N MET B 293 0.90 3.20 16.35
CA MET B 293 1.30 4.60 16.31
C MET B 293 1.25 5.12 14.89
N LYS B 294 0.13 4.85 14.21
CA LYS B 294 0.01 5.24 12.81
C LYS B 294 -0.44 6.69 12.67
N GLY B 295 -1.63 7.01 13.18
CA GLY B 295 -2.17 8.35 13.07
C GLY B 295 -1.92 9.27 14.24
N LYS B 296 -1.06 8.89 15.18
CA LYS B 296 -0.85 9.70 16.38
C LYS B 296 -0.05 10.95 16.07
N LEU B 297 0.98 10.82 15.23
CA LEU B 297 1.92 11.91 14.98
C LEU B 297 1.80 12.37 13.53
N GLN B 298 2.17 13.63 13.30
CA GLN B 298 2.21 14.22 11.98
C GLN B 298 3.65 14.36 11.54
N LEU B 299 3.97 13.82 10.37
CA LEU B 299 5.36 13.76 9.90
C LEU B 299 5.69 14.99 9.07
N VAL B 300 6.81 15.63 9.39
CA VAL B 300 7.29 16.79 8.66
C VAL B 300 8.69 16.44 8.16
N VAL B 301 8.79 16.12 6.88
CA VAL B 301 10.09 15.86 6.26
C VAL B 301 10.66 17.18 5.77
N ALA B 302 11.47 17.82 6.61
CA ALA B 302 11.95 19.17 6.34
C ALA B 302 13.25 19.11 5.55
N ASP B 303 13.30 19.87 4.46
CA ASP B 303 14.54 20.09 3.72
C ASP B 303 15.36 21.22 4.32
N TYR B 304 14.89 21.81 5.43
CA TYR B 304 15.55 22.97 6.04
C TYR B 304 15.69 24.08 5.02
N LEU B 305 14.62 24.35 4.29
CA LEU B 305 14.60 25.26 3.15
C LEU B 305 15.39 26.53 3.34
N MET C 1 -16.56 -38.11 -63.63
CA MET C 1 -15.83 -36.97 -63.09
C MET C 1 -15.21 -36.15 -64.21
N ILE C 2 -15.42 -34.83 -64.16
CA ILE C 2 -14.91 -33.93 -65.19
C ILE C 2 -13.46 -33.58 -64.87
N VAL C 3 -12.58 -33.77 -65.86
CA VAL C 3 -11.15 -33.55 -65.68
C VAL C 3 -10.80 -32.08 -65.91
N THR C 4 -10.82 -31.29 -64.84
CA THR C 4 -10.49 -29.89 -65.04
C THR C 4 -8.98 -29.67 -64.87
N PRO C 5 -8.39 -28.77 -65.64
CA PRO C 5 -6.96 -28.49 -65.49
C PRO C 5 -6.68 -27.78 -64.18
N ALA C 6 -5.43 -27.87 -63.74
CA ALA C 6 -5.02 -27.22 -62.49
C ALA C 6 -5.17 -25.71 -62.53
N SER C 7 -5.01 -25.10 -63.71
CA SER C 7 -5.11 -23.65 -63.81
C SER C 7 -6.55 -23.19 -63.55
N ILE C 8 -7.53 -24.00 -63.91
CA ILE C 8 -8.93 -23.68 -63.69
C ILE C 8 -9.37 -23.96 -62.26
N LYS C 9 -8.88 -25.05 -61.66
CA LYS C 9 -9.25 -25.40 -60.30
C LYS C 9 -8.43 -24.68 -59.24
N ALA C 10 -7.37 -23.98 -59.63
CA ALA C 10 -6.64 -23.13 -58.71
C ALA C 10 -7.32 -21.79 -58.49
N LEU C 11 -8.30 -21.45 -59.33
CA LEU C 11 -9.11 -20.26 -59.14
C LEU C 11 -10.32 -20.51 -58.25
N MET C 12 -10.47 -21.73 -57.76
CA MET C 12 -11.61 -22.10 -56.92
C MET C 12 -11.25 -21.97 -55.45
N THR C 13 -11.11 -20.72 -55.02
CA THR C 13 -10.81 -20.38 -53.64
C THR C 13 -11.53 -19.10 -53.27
N SER C 14 -11.60 -18.83 -51.97
CA SER C 14 -12.24 -17.63 -51.45
C SER C 14 -11.19 -16.73 -50.82
N TRP C 15 -11.16 -15.46 -51.24
CA TRP C 15 -10.23 -14.51 -50.66
C TRP C 15 -10.81 -13.96 -49.36
N ARG C 16 -10.00 -14.02 -48.30
CA ARG C 16 -10.42 -13.55 -46.97
C ARG C 16 -9.45 -12.48 -46.49
N LYS C 17 -9.98 -11.32 -46.15
CA LYS C 17 -9.17 -10.23 -45.60
C LYS C 17 -9.27 -10.20 -44.08
N ASP C 18 -8.96 -11.35 -43.46
CA ASP C 18 -9.02 -11.50 -42.01
C ASP C 18 -7.67 -11.34 -41.34
N PHE C 19 -6.58 -11.49 -42.09
CA PHE C 19 -5.23 -11.27 -41.58
C PHE C 19 -4.71 -9.88 -41.91
N GLN C 20 -5.53 -9.03 -42.53
CA GLN C 20 -5.05 -7.77 -43.09
C GLN C 20 -4.41 -6.88 -42.02
N GLY C 21 -4.93 -6.94 -40.79
CA GLY C 21 -4.38 -6.12 -39.73
C GLY C 21 -2.92 -6.47 -39.43
N GLY C 22 -2.62 -7.76 -39.43
CA GLY C 22 -1.29 -8.21 -39.07
C GLY C 22 -1.05 -8.16 -37.58
N LEU C 23 0.24 -8.19 -37.23
CA LEU C 23 0.65 -8.10 -35.85
C LEU C 23 0.78 -6.64 -35.44
N GLU C 24 0.03 -6.24 -34.42
CA GLU C 24 0.06 -4.85 -34.01
C GLU C 24 1.40 -4.52 -33.35
N ASP C 25 1.77 -3.25 -33.42
CA ASP C 25 3.03 -2.76 -32.88
C ASP C 25 2.84 -2.24 -31.46
N ALA C 26 3.97 -2.00 -30.79
CA ALA C 26 3.95 -1.67 -29.38
C ALA C 26 3.28 -0.32 -29.15
N PRO C 27 2.69 -0.11 -27.98
CA PRO C 27 2.07 1.18 -27.68
C PRO C 27 3.12 2.28 -27.54
N SER C 28 2.69 3.50 -27.82
CA SER C 28 3.53 4.67 -27.67
C SER C 28 3.34 5.28 -26.28
N GLN C 29 4.42 5.34 -25.51
CA GLN C 29 4.34 5.87 -24.15
C GLN C 29 5.53 6.79 -23.87
N TYR C 30 5.89 7.63 -24.84
CA TYR C 30 6.95 8.60 -24.64
C TYR C 30 6.44 9.94 -24.14
N ASN C 31 5.12 10.12 -24.06
CA ASN C 31 4.56 11.39 -23.62
C ASN C 31 4.54 11.55 -22.12
N LYS C 32 4.76 10.46 -21.36
CA LYS C 32 4.74 10.55 -19.91
C LYS C 32 6.08 10.95 -19.32
N ILE C 33 7.16 10.89 -20.09
CA ILE C 33 8.49 11.11 -19.54
C ILE C 33 9.27 12.14 -20.35
N ALA C 34 8.64 12.71 -21.38
CA ALA C 34 9.33 13.65 -22.24
C ALA C 34 8.43 14.84 -22.55
N MET C 35 9.07 15.97 -22.83
CA MET C 35 8.39 17.21 -23.19
C MET C 35 8.71 17.56 -24.64
N VAL C 36 7.69 17.97 -25.38
CA VAL C 36 7.79 18.17 -26.82
C VAL C 36 7.96 19.66 -27.09
N VAL C 37 9.06 20.01 -27.77
CA VAL C 37 9.30 21.38 -28.21
C VAL C 37 9.49 21.36 -29.71
N ASN C 38 9.45 22.54 -30.31
CA ASN C 38 9.58 22.71 -31.74
C ASN C 38 10.97 23.21 -32.09
N SER C 39 11.22 23.38 -33.39
CA SER C 39 12.49 23.90 -33.87
C SER C 39 12.25 24.55 -35.23
N SER C 40 13.15 25.46 -35.59
CA SER C 40 13.03 26.12 -36.88
C SER C 40 14.37 26.35 -37.56
N THR C 41 15.46 25.75 -37.10
CA THR C 41 16.78 25.95 -37.67
C THR C 41 17.56 24.65 -37.53
N ARG C 42 18.88 24.73 -37.61
CA ARG C 42 19.72 23.55 -37.49
C ARG C 42 19.60 22.92 -36.11
N SER C 43 19.52 23.74 -35.06
CA SER C 43 19.52 23.24 -33.70
C SER C 43 18.62 24.11 -32.84
N ASN C 44 18.61 23.82 -31.53
CA ASN C 44 17.85 24.58 -30.55
C ASN C 44 18.76 24.86 -29.36
N THR C 45 18.75 26.09 -28.88
CA THR C 45 19.59 26.49 -27.76
C THR C 45 18.72 26.90 -26.57
N TYR C 46 18.99 26.33 -25.40
CA TYR C 46 18.24 26.60 -24.19
C TYR C 46 19.14 27.27 -23.17
N GLY C 47 18.62 28.33 -22.55
CA GLY C 47 19.38 29.04 -21.53
C GLY C 47 18.54 29.49 -20.35
N TRP C 48 19.07 29.32 -19.14
CA TRP C 48 18.38 29.74 -17.94
C TRP C 48 19.37 30.43 -17.00
N LEU C 49 18.82 31.22 -16.08
CA LEU C 49 19.59 32.01 -15.15
C LEU C 49 19.60 31.37 -13.77
N GLY C 50 20.72 31.52 -13.07
CA GLY C 50 20.85 30.95 -11.75
C GLY C 50 20.01 31.69 -10.73
N LYS C 51 20.10 31.22 -9.48
CA LYS C 51 19.32 31.80 -8.41
C LYS C 51 20.01 33.05 -7.87
N PHE C 52 19.35 33.70 -6.91
CA PHE C 52 19.79 34.91 -6.25
C PHE C 52 20.61 34.56 -5.00
N PRO C 53 21.57 35.41 -4.63
CA PRO C 53 22.31 35.17 -3.38
C PRO C 53 21.38 35.18 -2.18
N THR C 54 21.69 34.33 -1.20
CA THR C 54 20.91 34.28 0.02
C THR C 54 21.09 35.57 0.82
N LEU C 55 20.00 36.00 1.45
CA LEU C 55 20.03 37.21 2.27
C LEU C 55 20.95 37.02 3.47
N LYS C 56 21.78 38.03 3.71
CA LYS C 56 22.74 38.01 4.81
C LYS C 56 22.55 39.26 5.66
N GLU C 57 23.02 39.18 6.90
CA GLU C 57 22.83 40.29 7.83
C GLU C 57 23.56 41.53 7.35
N TRP C 58 22.89 42.68 7.45
CA TRP C 58 23.39 43.95 6.95
C TRP C 58 24.04 44.71 8.09
N VAL C 59 25.37 44.81 8.06
CA VAL C 59 26.13 45.47 9.12
C VAL C 59 26.74 46.78 8.64
N GLY C 60 27.42 46.77 7.49
CA GLY C 60 28.06 47.97 6.99
C GLY C 60 27.44 48.47 5.70
N LYS C 61 28.09 48.17 4.58
CA LYS C 61 27.62 48.54 3.26
C LYS C 61 27.27 47.28 2.48
N ARG C 62 26.35 47.42 1.53
CA ARG C 62 25.91 46.29 0.73
C ARG C 62 27.09 45.73 -0.06
N THR C 63 27.24 44.41 -0.03
CA THR C 63 28.30 43.72 -0.77
C THR C 63 27.71 43.16 -2.06
N ILE C 64 28.20 43.66 -3.19
CA ILE C 64 27.68 43.24 -4.48
C ILE C 64 28.23 41.87 -4.84
N GLN C 65 27.35 40.97 -5.28
CA GLN C 65 27.69 39.59 -5.57
C GLN C 65 27.43 39.28 -7.05
N GLN C 66 27.54 38.01 -7.40
CA GLN C 66 27.44 37.58 -8.80
C GLN C 66 26.47 36.40 -8.92
N MET C 67 25.94 36.24 -10.13
CA MET C 67 25.09 35.11 -10.49
C MET C 67 25.67 34.46 -11.75
N GLU C 68 25.01 33.40 -12.22
CA GLU C 68 25.48 32.64 -13.36
C GLU C 68 24.33 32.33 -14.31
N ALA C 69 24.70 31.96 -15.54
CA ALA C 69 23.75 31.51 -16.55
C ALA C 69 24.30 30.27 -17.22
N HIS C 70 23.39 29.43 -17.71
CA HIS C 70 23.74 28.15 -18.31
C HIS C 70 23.21 28.06 -19.73
N GLY C 71 23.74 27.10 -20.49
CA GLY C 71 23.34 26.93 -21.88
C GLY C 71 23.46 25.49 -22.32
N TYR C 72 22.65 25.12 -23.32
CA TYR C 72 22.62 23.76 -23.84
C TYR C 72 22.01 23.80 -25.25
N SER C 73 22.47 22.86 -26.09
CA SER C 73 22.05 22.83 -27.49
C SER C 73 21.78 21.41 -27.94
N ILE C 74 20.72 21.22 -28.72
CA ILE C 74 20.37 19.95 -29.34
C ILE C 74 20.19 20.17 -30.84
N ALA C 75 20.84 19.36 -31.65
CA ALA C 75 20.85 19.52 -33.09
C ALA C 75 19.95 18.50 -33.77
N ASN C 76 19.18 18.96 -34.76
CA ASN C 76 18.24 18.11 -35.47
C ASN C 76 18.97 17.24 -36.49
N LYS C 77 18.35 16.10 -36.82
CA LYS C 77 18.86 15.19 -37.83
C LYS C 77 17.73 14.74 -38.72
N THR C 78 18.07 14.36 -39.95
CA THR C 78 17.09 13.98 -40.95
C THR C 78 17.02 12.46 -41.10
N PHE C 79 15.88 11.97 -41.57
CA PHE C 79 15.62 10.55 -41.70
C PHE C 79 14.86 10.29 -42.99
N GLU C 80 14.93 9.05 -43.47
CA GLU C 80 14.30 8.71 -44.74
C GLU C 80 13.94 7.23 -44.75
N GLY C 81 13.03 6.88 -45.66
CA GLY C 81 12.70 5.50 -45.94
C GLY C 81 11.81 5.43 -47.16
N THR C 82 12.13 4.56 -48.12
CA THR C 82 11.39 4.50 -49.37
C THR C 82 11.29 3.06 -49.86
N VAL C 83 10.22 2.79 -50.62
CA VAL C 83 9.96 1.47 -51.19
C VAL C 83 9.41 1.67 -52.60
N GLY C 84 9.64 0.68 -53.46
CA GLY C 84 9.24 0.80 -54.85
C GLY C 84 8.48 -0.40 -55.39
N ILE C 85 7.35 -0.14 -56.04
CA ILE C 85 6.52 -1.18 -56.64
C ILE C 85 6.22 -0.77 -58.08
N SER C 86 6.25 -1.75 -58.98
CA SER C 86 5.99 -1.46 -60.39
C SER C 86 4.56 -0.99 -60.59
N ARG C 87 4.37 -0.15 -61.61
CA ARG C 87 3.03 0.39 -61.88
C ARG C 87 2.08 -0.71 -62.33
N ASP C 88 2.54 -1.61 -63.19
CA ASP C 88 1.67 -2.68 -63.67
C ASP C 88 1.22 -3.57 -62.53
N ASP C 89 2.14 -3.98 -61.66
CA ASP C 89 1.78 -4.83 -60.55
C ASP C 89 0.88 -4.12 -59.55
N PHE C 90 1.07 -2.81 -59.37
CA PHE C 90 0.23 -2.07 -58.45
C PHE C 90 -1.19 -1.95 -58.99
N GLU C 91 -1.34 -1.67 -60.28
CA GLU C 91 -2.66 -1.50 -60.88
C GLU C 91 -3.32 -2.80 -61.28
N ASP C 92 -2.61 -3.93 -61.20
CA ASP C 92 -3.14 -5.21 -61.63
C ASP C 92 -3.39 -6.15 -60.46
N ASP C 93 -3.93 -5.63 -59.35
CA ASP C 93 -4.42 -6.47 -58.27
C ASP C 93 -5.90 -6.19 -58.06
N ASN C 94 -6.66 -7.25 -57.76
CA ASN C 94 -8.06 -7.12 -57.40
C ASN C 94 -8.35 -7.64 -56.00
N LEU C 95 -7.35 -8.19 -55.33
CA LEU C 95 -7.48 -8.66 -53.95
C LEU C 95 -7.25 -7.56 -52.94
N GLY C 96 -6.78 -6.38 -53.37
CA GLY C 96 -6.49 -5.31 -52.45
C GLY C 96 -5.41 -5.69 -51.45
N ILE C 97 -4.33 -6.28 -51.94
CA ILE C 97 -3.29 -6.81 -51.07
C ILE C 97 -2.17 -5.78 -50.91
N TYR C 98 -1.94 -4.99 -51.96
CA TYR C 98 -0.96 -3.92 -51.92
C TYR C 98 -1.56 -2.57 -51.52
N ALA C 99 -2.82 -2.55 -51.13
CA ALA C 99 -3.49 -1.27 -50.86
C ALA C 99 -2.88 -0.52 -49.67
N PRO C 100 -2.69 -1.11 -48.48
CA PRO C 100 -2.32 -0.27 -47.33
C PRO C 100 -0.84 0.08 -47.23
N ILE C 101 -0.22 0.42 -48.36
CA ILE C 101 1.18 0.87 -48.30
C ILE C 101 1.28 2.23 -47.64
N PHE C 102 0.31 3.12 -47.91
CA PHE C 102 0.32 4.42 -47.25
C PHE C 102 0.11 4.30 -45.75
N GLN C 103 -0.80 3.40 -45.34
CA GLN C 103 -1.00 3.16 -43.91
C GLN C 103 0.25 2.61 -43.26
N GLU C 104 0.95 1.69 -43.95
CA GLU C 104 2.20 1.19 -43.41
C GLU C 104 3.26 2.28 -43.34
N MET C 105 3.27 3.19 -44.31
CA MET C 105 4.15 4.36 -44.23
C MET C 105 3.87 5.16 -42.97
N GLY C 106 2.62 5.50 -42.73
CA GLY C 106 2.29 6.30 -41.56
C GLY C 106 2.66 5.60 -40.26
N ARG C 107 2.34 4.32 -40.16
CA ARG C 107 2.65 3.55 -38.96
C ARG C 107 4.14 3.30 -38.79
N SER C 108 4.94 3.40 -39.85
CA SER C 108 6.38 3.29 -39.73
C SER C 108 7.05 4.58 -39.28
N ALA C 109 6.46 5.73 -39.60
CA ALA C 109 7.00 7.01 -39.17
C ALA C 109 6.38 7.51 -37.87
N ALA C 110 5.33 6.85 -37.39
CA ALA C 110 4.72 7.22 -36.12
C ALA C 110 5.34 6.51 -34.92
N VAL C 111 6.37 5.71 -35.13
CA VAL C 111 7.02 4.98 -34.04
C VAL C 111 8.41 5.51 -33.72
N GLN C 112 8.88 6.53 -34.43
CA GLN C 112 10.23 7.04 -34.19
C GLN C 112 10.42 7.66 -32.82
N PRO C 113 9.50 8.52 -32.31
CA PRO C 113 9.77 9.21 -31.04
C PRO C 113 10.08 8.27 -29.87
N ASP C 114 9.35 7.16 -29.78
CA ASP C 114 9.60 6.22 -28.69
C ASP C 114 11.00 5.64 -28.77
N GLU C 115 11.40 5.22 -29.97
CA GLU C 115 12.74 4.68 -30.17
C GLU C 115 13.80 5.71 -29.79
N LEU C 116 13.62 6.95 -30.25
CA LEU C 116 14.59 8.00 -29.97
C LEU C 116 14.72 8.25 -28.47
N ILE C 117 13.58 8.43 -27.78
CA ILE C 117 13.62 8.78 -26.37
C ILE C 117 14.21 7.64 -25.54
N PHE C 118 13.79 6.41 -25.81
CA PHE C 118 14.27 5.32 -24.97
C PHE C 118 15.71 4.93 -25.28
N LYS C 119 16.16 5.10 -26.53
CA LYS C 119 17.58 4.98 -26.80
C LYS C 119 18.38 6.05 -26.10
N LEU C 120 17.76 7.18 -25.75
CA LEU C 120 18.47 8.22 -24.95
C LEU C 120 18.85 7.66 -23.58
N LEU C 121 17.87 7.37 -22.75
CA LEU C 121 18.12 6.83 -21.39
C LEU C 121 19.16 5.72 -21.49
N LYS C 122 18.91 4.70 -22.31
CA LYS C 122 19.83 3.54 -22.37
C LYS C 122 21.26 4.05 -22.49
N ASP C 123 21.56 4.95 -23.41
CA ASP C 123 22.95 5.39 -23.42
C ASP C 123 23.09 6.78 -22.80
N GLY C 124 22.78 6.84 -21.50
CA GLY C 124 22.89 8.06 -20.75
C GLY C 124 24.20 8.17 -20.01
N PHE C 125 25.01 7.11 -20.06
CA PHE C 125 26.30 7.09 -19.41
C PHE C 125 27.43 7.59 -20.31
N THR C 126 27.13 7.90 -21.57
CA THR C 126 28.16 8.32 -22.51
C THR C 126 27.88 9.71 -23.07
N GLN C 127 26.64 9.96 -23.47
CA GLN C 127 26.28 11.25 -24.03
C GLN C 127 26.32 12.32 -22.94
N PRO C 128 26.64 13.56 -23.30
CA PRO C 128 26.81 14.61 -22.29
C PRO C 128 25.54 15.39 -22.01
N CYS C 129 25.58 16.12 -20.90
CA CYS C 129 24.50 17.01 -20.48
C CYS C 129 25.01 18.45 -20.48
N TYR C 130 24.20 19.35 -19.92
CA TYR C 130 24.49 20.77 -20.01
C TYR C 130 25.74 21.19 -19.24
N ASP C 131 26.14 20.45 -18.20
CA ASP C 131 27.30 20.84 -17.42
C ASP C 131 28.60 20.23 -17.95
N GLY C 132 28.55 19.46 -19.04
CA GLY C 132 29.72 18.90 -19.67
C GLY C 132 29.96 17.44 -19.36
N GLN C 133 29.47 16.95 -18.22
CA GLN C 133 29.62 15.57 -17.88
C GLN C 133 28.56 14.73 -18.60
N ASN C 134 28.55 13.43 -18.34
CA ASN C 134 27.51 12.57 -18.88
C ASN C 134 26.24 12.72 -18.05
N PHE C 135 25.11 12.31 -18.65
CA PHE C 135 23.84 12.43 -17.95
C PHE C 135 23.85 11.63 -16.65
N PHE C 136 24.24 10.35 -16.73
CA PHE C 136 24.40 9.50 -15.56
C PHE C 136 25.89 9.44 -15.26
N ASP C 137 26.34 10.26 -14.31
CA ASP C 137 27.76 10.38 -14.00
C ASP C 137 27.93 10.53 -12.50
N LYS C 138 29.09 10.15 -11.99
CA LYS C 138 29.34 10.18 -10.53
C LYS C 138 30.20 11.39 -10.18
N GLU C 139 30.27 12.37 -11.08
CA GLU C 139 31.18 13.50 -10.85
C GLU C 139 30.51 14.81 -11.26
N HIS C 140 29.25 14.96 -10.90
CA HIS C 140 28.51 16.17 -11.27
C HIS C 140 28.94 17.25 -10.29
N PRO C 141 29.58 18.35 -10.72
CA PRO C 141 30.11 19.38 -9.83
C PRO C 141 29.00 20.22 -9.23
N VAL C 142 29.05 20.41 -7.91
CA VAL C 142 28.15 21.30 -7.20
C VAL C 142 29.00 22.25 -6.37
N TYR C 143 28.88 23.54 -6.64
CA TYR C 143 29.71 24.56 -6.03
C TYR C 143 29.05 25.15 -4.81
N PRO C 144 29.83 25.62 -3.83
CA PRO C 144 29.27 26.20 -2.61
C PRO C 144 28.85 27.66 -2.72
N ASN C 145 28.98 28.27 -3.90
CA ASN C 145 28.53 29.64 -4.13
C ASN C 145 27.49 29.66 -5.24
N VAL C 146 26.62 30.65 -5.19
CA VAL C 146 25.51 30.77 -6.14
C VAL C 146 26.07 31.06 -7.53
N ASP C 147 27.18 31.80 -7.59
CA ASP C 147 27.78 32.19 -8.85
C ASP C 147 28.68 31.10 -9.43
N GLY C 148 28.55 29.88 -8.90
CA GLY C 148 29.32 28.77 -9.46
C GLY C 148 30.80 29.07 -9.37
N THR C 149 31.24 29.47 -8.19
CA THR C 149 32.67 29.77 -8.00
C THR C 149 33.06 29.26 -6.61
N GLY C 150 33.93 28.27 -6.55
CA GLY C 150 34.39 27.75 -5.26
C GLY C 150 34.95 26.37 -5.44
N SER C 151 35.15 25.66 -4.35
CA SER C 151 35.63 24.29 -4.39
C SER C 151 34.44 23.36 -4.69
N ALA C 152 34.39 22.85 -5.92
CA ALA C 152 33.30 21.96 -6.31
C ALA C 152 33.41 20.63 -5.59
N VAL C 153 32.26 20.09 -5.19
CA VAL C 153 32.18 18.77 -4.58
C VAL C 153 31.42 17.87 -5.54
N ASN C 154 31.98 16.70 -5.84
CA ASN C 154 31.44 15.83 -6.86
C ASN C 154 30.20 15.12 -6.35
N THR C 155 29.07 15.36 -6.99
CA THR C 155 27.80 14.73 -6.64
C THR C 155 27.52 13.57 -7.60
N SER C 156 26.93 12.52 -7.06
CA SER C 156 26.72 11.27 -7.78
C SER C 156 25.30 11.17 -8.30
N ASN C 157 25.15 10.59 -9.48
CA ASN C 157 23.85 10.43 -10.13
C ASN C 157 23.49 8.97 -10.34
N ILE C 158 24.35 8.05 -9.92
CA ILE C 158 24.21 6.61 -10.20
C ILE C 158 24.25 5.86 -8.89
N VAL C 159 23.41 4.83 -8.78
CA VAL C 159 23.45 3.89 -7.66
C VAL C 159 24.02 2.59 -8.19
N GLU C 160 25.16 2.18 -7.64
CA GLU C 160 25.88 1.01 -8.14
C GLU C 160 25.92 -0.07 -7.08
N GLN C 161 25.59 -1.30 -7.50
CA GLN C 161 25.67 -2.47 -6.65
C GLN C 161 26.94 -3.24 -6.98
N ASP C 162 27.50 -3.90 -5.97
CA ASP C 162 28.77 -4.58 -6.12
C ASP C 162 28.62 -5.80 -7.02
N SER C 163 29.46 -5.89 -8.05
CA SER C 163 29.49 -7.00 -9.00
C SER C 163 28.09 -7.30 -9.55
N PHE C 164 27.57 -6.32 -10.29
CA PHE C 164 26.27 -6.41 -10.93
C PHE C 164 26.45 -6.54 -12.43
N SER C 165 25.72 -7.48 -13.03
CA SER C 165 25.78 -7.73 -14.48
C SER C 165 24.36 -7.90 -15.01
N GLY C 166 23.47 -6.98 -14.65
CA GLY C 166 22.10 -7.07 -15.08
C GLY C 166 21.61 -5.85 -15.84
N LEU C 167 20.29 -5.68 -15.93
CA LEU C 167 19.67 -4.55 -16.62
C LEU C 167 19.34 -3.44 -15.63
N PRO C 168 19.84 -2.23 -15.82
CA PRO C 168 19.53 -1.15 -14.88
C PRO C 168 18.12 -0.62 -15.07
N PHE C 169 17.64 0.08 -14.04
CA PHE C 169 16.34 0.72 -14.07
C PHE C 169 16.47 2.16 -13.59
N TYR C 170 15.56 3.01 -14.05
CA TYR C 170 15.70 4.45 -13.92
C TYR C 170 14.55 5.03 -13.11
N LEU C 171 14.86 6.11 -12.40
CA LEU C 171 13.88 6.84 -11.58
C LEU C 171 13.89 8.30 -12.02
N LEU C 172 12.75 8.80 -12.46
CA LEU C 172 12.63 10.16 -12.93
C LEU C 172 11.59 10.92 -12.13
N ASP C 173 11.58 12.24 -12.30
CA ASP C 173 10.64 13.14 -11.62
C ASP C 173 9.95 13.98 -12.70
N CYS C 174 8.84 13.46 -13.23
CA CYS C 174 8.07 14.15 -14.25
C CYS C 174 6.85 14.83 -13.62
N SER C 175 7.13 15.84 -12.80
CA SER C 175 6.05 16.55 -12.12
C SER C 175 6.19 18.06 -12.30
N ARG C 176 7.42 18.54 -12.40
CA ARG C 176 7.67 19.98 -12.46
C ARG C 176 7.45 20.49 -13.88
N ALA C 177 7.90 21.72 -14.14
CA ALA C 177 7.68 22.34 -15.44
C ALA C 177 8.51 21.66 -16.52
N VAL C 178 9.75 21.32 -16.21
CA VAL C 178 10.68 20.76 -17.19
C VAL C 178 10.80 19.27 -16.94
N LYS C 179 10.49 18.46 -17.95
CA LYS C 179 10.65 17.03 -17.84
C LYS C 179 12.10 16.63 -18.12
N PRO C 180 12.54 15.48 -17.60
CA PRO C 180 13.97 15.13 -17.74
C PRO C 180 14.44 15.00 -19.17
N LEU C 181 13.59 14.54 -20.08
CA LEU C 181 13.96 14.28 -21.46
C LEU C 181 13.21 15.22 -22.39
N ILE C 182 13.87 15.61 -23.48
CA ILE C 182 13.30 16.53 -24.45
C ILE C 182 13.22 15.85 -25.80
N PHE C 183 12.12 16.09 -26.51
CA PHE C 183 11.90 15.58 -27.85
C PHE C 183 11.51 16.75 -28.75
N GLN C 184 12.44 17.21 -29.58
CA GLN C 184 12.18 18.34 -30.46
C GLN C 184 11.95 17.84 -31.88
N GLU C 185 10.91 18.36 -32.52
CA GLU C 185 10.56 17.99 -33.88
C GLU C 185 10.75 19.22 -34.77
N ARG C 186 11.58 19.07 -35.80
CA ARG C 186 11.82 20.19 -36.71
C ARG C 186 10.75 20.27 -37.79
N ARG C 187 10.58 19.21 -38.55
CA ARG C 187 9.60 19.18 -39.64
C ARG C 187 8.68 18.00 -39.46
N LYS C 188 7.38 18.24 -39.62
CA LYS C 188 6.40 17.18 -39.51
C LYS C 188 6.63 16.15 -40.62
N PRO C 189 6.49 14.86 -40.34
CA PRO C 189 6.75 13.84 -41.36
C PRO C 189 5.90 14.04 -42.59
N GLU C 190 6.51 13.86 -43.76
CA GLU C 190 5.85 14.01 -45.04
C GLU C 190 5.85 12.68 -45.77
N LEU C 191 4.69 12.29 -46.30
CA LEU C 191 4.51 11.03 -47.01
C LEU C 191 4.22 11.33 -48.47
N VAL C 192 5.05 10.80 -49.37
CA VAL C 192 4.97 11.11 -50.79
C VAL C 192 4.80 9.81 -51.56
N ALA C 193 3.81 9.79 -52.47
CA ALA C 193 3.56 8.67 -53.36
C ALA C 193 3.63 9.19 -54.79
N ARG C 194 4.71 8.87 -55.50
CA ARG C 194 4.91 9.37 -56.86
C ARG C 194 4.16 8.47 -57.82
N THR C 195 2.97 8.89 -58.23
CA THR C 195 2.12 8.10 -59.12
C THR C 195 1.70 8.85 -60.38
N ARG C 196 2.13 10.09 -60.56
CA ARG C 196 1.77 10.85 -61.76
C ARG C 196 2.38 10.20 -63.00
N ILE C 197 1.63 10.21 -64.10
CA ILE C 197 2.09 9.59 -65.33
C ILE C 197 3.17 10.39 -66.02
N ASP C 198 3.28 11.69 -65.74
CA ASP C 198 4.34 12.51 -66.30
C ASP C 198 5.54 12.65 -65.37
N ASP C 199 5.53 11.98 -64.23
CA ASP C 199 6.68 11.97 -63.35
C ASP C 199 7.87 11.32 -64.06
N ASP C 200 9.06 11.84 -63.80
CA ASP C 200 10.25 11.38 -64.52
C ASP C 200 10.50 9.90 -64.27
N HIS C 201 10.42 9.47 -63.01
CA HIS C 201 10.67 8.06 -62.69
C HIS C 201 9.57 7.18 -63.27
N VAL C 202 8.32 7.62 -63.20
CA VAL C 202 7.22 6.87 -63.78
C VAL C 202 7.36 6.81 -65.29
N PHE C 203 7.70 7.94 -65.91
CA PHE C 203 7.81 8.00 -67.36
C PHE C 203 8.93 7.12 -67.88
N MET C 204 10.08 7.11 -67.20
CA MET C 204 11.26 6.42 -67.70
C MET C 204 11.44 5.02 -67.14
N ASP C 205 10.67 4.62 -66.13
CA ASP C 205 10.85 3.29 -65.55
C ASP C 205 9.56 2.53 -65.30
N ASN C 206 8.38 3.15 -65.42
CA ASN C 206 7.10 2.49 -65.15
C ASN C 206 7.06 1.92 -63.75
N GLU C 207 7.63 2.66 -62.79
CA GLU C 207 7.71 2.22 -61.41
C GLU C 207 7.18 3.30 -60.49
N PHE C 208 6.34 2.91 -59.54
CA PHE C 208 5.84 3.81 -58.52
C PHE C 208 6.83 3.89 -57.38
N LEU C 209 6.98 5.09 -56.81
CA LEU C 209 7.88 5.32 -55.69
C LEU C 209 7.08 5.80 -54.49
N PHE C 210 7.25 5.12 -53.37
CA PHE C 210 6.62 5.46 -52.10
C PHE C 210 7.72 5.78 -51.10
N GLY C 211 7.72 7.02 -50.60
CA GLY C 211 8.78 7.47 -49.71
C GLY C 211 8.27 8.31 -48.57
N ALA C 212 9.01 8.27 -47.46
CA ALA C 212 8.71 9.04 -46.27
C ALA C 212 9.99 9.62 -45.71
N SER C 213 9.88 10.80 -45.09
CA SER C 213 11.03 11.50 -44.54
C SER C 213 10.63 12.31 -43.33
N THR C 214 11.47 12.30 -42.30
CA THR C 214 11.25 13.03 -41.06
C THR C 214 12.52 13.78 -40.69
N ARG C 215 12.36 14.81 -39.86
CA ARG C 215 13.48 15.63 -39.39
C ARG C 215 13.22 16.00 -37.93
N ARG C 216 13.85 15.27 -37.01
CA ARG C 216 13.59 15.44 -35.58
C ARG C 216 14.75 14.87 -34.79
N ALA C 217 14.82 15.22 -33.50
CA ALA C 217 15.88 14.75 -32.64
C ALA C 217 15.39 14.79 -31.19
N ALA C 218 16.26 14.38 -30.27
CA ALA C 218 15.94 14.33 -28.85
C ALA C 218 17.18 14.62 -28.02
N GLY C 219 16.97 15.07 -26.79
CA GLY C 219 18.07 15.46 -25.92
C GLY C 219 17.69 15.37 -24.46
N TYR C 220 18.67 15.67 -23.61
CA TYR C 220 18.53 15.60 -22.17
C TYR C 220 18.08 16.95 -21.59
N GLY C 221 17.65 16.92 -20.33
CA GLY C 221 17.23 18.11 -19.63
C GLY C 221 18.09 18.42 -18.42
N PHE C 222 17.52 18.26 -17.22
CA PHE C 222 18.24 18.46 -15.97
C PHE C 222 18.72 17.13 -15.42
N TRP C 223 20.00 17.04 -15.07
CA TRP C 223 20.52 15.79 -14.53
C TRP C 223 20.03 15.51 -13.12
N GLN C 224 19.59 16.55 -12.39
CA GLN C 224 19.11 16.35 -11.03
C GLN C 224 17.78 15.63 -10.97
N MET C 225 17.09 15.46 -12.10
CA MET C 225 15.75 14.91 -12.14
C MET C 225 15.72 13.48 -12.65
N ALA C 226 16.87 12.83 -12.79
CA ALA C 226 16.92 11.45 -13.25
C ALA C 226 18.05 10.72 -12.56
N VAL C 227 17.76 9.52 -12.03
CA VAL C 227 18.73 8.70 -11.33
C VAL C 227 18.69 7.29 -11.91
N ALA C 228 19.87 6.73 -12.19
CA ALA C 228 20.00 5.39 -12.73
C ALA C 228 20.50 4.44 -11.65
N VAL C 229 19.82 3.31 -11.49
CA VAL C 229 20.16 2.33 -10.46
C VAL C 229 20.69 1.09 -11.17
N LYS C 230 22.00 0.89 -11.13
CA LYS C 230 22.62 -0.31 -11.68
C LYS C 230 22.67 -1.38 -10.57
N GLY C 231 21.50 -1.93 -10.28
CA GLY C 231 21.39 -2.96 -9.27
C GLY C 231 20.11 -3.76 -9.40
N ASP C 232 19.90 -4.69 -8.47
CA ASP C 232 18.67 -5.46 -8.47
C ASP C 232 17.48 -4.57 -8.12
N LEU C 233 16.30 -4.95 -8.60
CA LEU C 233 15.07 -4.21 -8.32
C LEU C 233 14.48 -4.76 -7.02
N THR C 234 15.08 -4.33 -5.92
CA THR C 234 14.62 -4.68 -4.58
C THR C 234 14.21 -3.42 -3.84
N LEU C 235 13.68 -3.61 -2.64
CA LEU C 235 13.23 -2.47 -1.84
C LEU C 235 14.40 -1.57 -1.45
N ASP C 236 15.53 -2.17 -1.08
CA ASP C 236 16.67 -1.38 -0.61
C ASP C 236 17.23 -0.49 -1.72
N ASN C 237 17.41 -1.05 -2.92
CA ASN C 237 17.92 -0.26 -4.03
C ASN C 237 16.94 0.85 -4.41
N LEU C 238 15.65 0.54 -4.40
CA LEU C 238 14.64 1.55 -4.73
C LEU C 238 14.68 2.70 -3.74
N TRP C 239 14.77 2.40 -2.44
CA TRP C 239 14.82 3.46 -1.45
C TRP C 239 16.14 4.22 -1.51
N LYS C 240 17.25 3.54 -1.84
CA LYS C 240 18.52 4.23 -2.01
C LYS C 240 18.44 5.23 -3.16
N GLY C 241 17.86 4.83 -4.28
CA GLY C 241 17.68 5.76 -5.38
C GLY C 241 16.77 6.92 -5.02
N TRP C 242 15.70 6.63 -4.28
CA TRP C 242 14.80 7.68 -3.84
C TRP C 242 15.51 8.71 -2.98
N GLN C 243 16.30 8.24 -2.01
CA GLN C 243 16.99 9.16 -1.12
C GLN C 243 18.14 9.89 -1.81
N LEU C 244 18.77 9.26 -2.80
CA LEU C 244 19.78 9.98 -3.58
C LEU C 244 19.14 11.10 -4.39
N MET C 245 17.99 10.82 -5.01
CA MET C 245 17.28 11.87 -5.75
C MET C 245 16.83 12.99 -4.83
N ARG C 246 16.33 12.66 -3.65
CA ARG C 246 15.83 13.65 -2.71
C ARG C 246 16.93 14.51 -2.10
N SER C 247 18.20 14.12 -2.19
CA SER C 247 19.27 14.84 -1.53
C SER C 247 19.98 15.86 -2.41
N PHE C 248 19.65 15.95 -3.69
CA PHE C 248 20.30 16.92 -4.56
C PHE C 248 19.93 18.33 -4.18
N GLU C 249 20.89 19.24 -4.26
CA GLU C 249 20.67 20.65 -3.99
C GLU C 249 21.47 21.49 -4.97
N GLY C 250 21.01 22.71 -5.21
CA GLY C 250 21.63 23.58 -6.18
C GLY C 250 22.89 24.23 -5.63
N ASP C 251 23.47 25.10 -6.45
CA ASP C 251 24.66 25.84 -6.06
C ASP C 251 24.30 26.85 -4.99
N GLY C 252 25.14 26.93 -3.96
CA GLY C 252 24.94 27.90 -2.89
C GLY C 252 24.16 27.38 -1.70
N GLY C 253 23.90 26.09 -1.61
CA GLY C 253 23.09 25.54 -0.54
C GLY C 253 21.60 25.64 -0.76
N LYS C 254 21.16 26.10 -1.93
CA LYS C 254 19.75 26.18 -2.24
C LYS C 254 19.12 24.80 -2.18
N LYS C 255 18.00 24.70 -1.47
CA LYS C 255 17.33 23.42 -1.25
C LYS C 255 16.28 23.23 -2.34
N LEU C 256 16.47 22.23 -3.18
CA LEU C 256 15.49 21.87 -4.19
C LEU C 256 14.61 20.74 -3.69
N GLY C 257 13.31 20.83 -3.98
CA GLY C 257 12.42 19.76 -3.63
C GLY C 257 12.16 18.84 -4.79
N LEU C 258 12.83 17.69 -4.81
CA LEU C 258 12.70 16.72 -5.88
C LEU C 258 12.25 15.38 -5.30
N LYS C 259 11.40 14.69 -6.05
CA LYS C 259 10.81 13.45 -5.58
C LYS C 259 10.38 12.61 -6.78
N PRO C 260 10.84 11.36 -6.87
CA PRO C 260 10.51 10.56 -8.06
C PRO C 260 9.01 10.34 -8.21
N THR C 261 8.55 10.37 -9.46
CA THR C 261 7.16 10.11 -9.79
C THR C 261 6.98 8.98 -10.79
N HIS C 262 8.01 8.62 -11.54
CA HIS C 262 7.93 7.53 -12.50
C HIS C 262 9.14 6.63 -12.35
N ILE C 263 8.96 5.34 -12.60
CA ILE C 263 10.05 4.38 -12.62
C ILE C 263 9.96 3.62 -13.93
N VAL C 264 11.02 3.66 -14.72
CA VAL C 264 11.06 3.02 -16.03
C VAL C 264 11.90 1.77 -15.94
N VAL C 265 11.35 0.64 -16.38
CA VAL C 265 12.05 -0.64 -16.35
C VAL C 265 11.97 -1.28 -17.73
N PRO C 266 12.95 -2.06 -18.14
CA PRO C 266 12.84 -2.78 -19.41
C PRO C 266 11.84 -3.92 -19.30
N VAL C 267 11.63 -4.59 -20.43
CA VAL C 267 10.65 -5.68 -20.47
C VAL C 267 11.07 -6.83 -19.57
N GLY C 268 12.36 -7.09 -19.46
CA GLY C 268 12.83 -8.21 -18.66
C GLY C 268 12.74 -8.02 -17.17
N LEU C 269 12.37 -6.83 -16.70
CA LEU C 269 12.27 -6.54 -15.27
C LEU C 269 10.82 -6.39 -14.83
N GLU C 270 9.86 -6.75 -15.68
CA GLU C 270 8.46 -6.58 -15.35
C GLU C 270 8.08 -7.47 -14.16
N LYS C 271 8.68 -8.66 -14.06
CA LYS C 271 8.38 -9.54 -12.95
C LYS C 271 8.70 -8.87 -11.63
N ALA C 272 9.92 -8.35 -11.48
CA ALA C 272 10.31 -7.70 -10.23
C ALA C 272 9.52 -6.42 -10.01
N ALA C 273 9.28 -5.63 -11.06
CA ALA C 273 8.53 -4.40 -10.89
C ALA C 273 7.11 -4.68 -10.40
N GLU C 274 6.44 -5.68 -10.96
CA GLU C 274 5.10 -6.04 -10.54
C GLU C 274 5.07 -6.74 -9.20
N GLN C 275 6.16 -7.42 -8.81
CA GLN C 275 6.26 -8.05 -7.51
C GLN C 275 6.59 -7.04 -6.41
N LEU C 276 7.07 -5.87 -6.78
CA LEU C 276 7.45 -4.89 -5.77
C LEU C 276 6.43 -3.78 -5.63
N LEU C 277 5.93 -3.24 -6.75
CA LEU C 277 5.08 -2.06 -6.71
C LEU C 277 3.60 -2.38 -6.68
N ASN C 278 3.20 -3.65 -6.83
CA ASN C 278 1.80 -4.02 -6.88
C ASN C 278 1.34 -4.90 -5.74
N ARG C 279 2.26 -5.54 -5.01
CA ARG C 279 1.88 -6.39 -3.90
C ARG C 279 1.46 -5.54 -2.71
N GLU C 280 0.24 -5.75 -2.21
CA GLU C 280 -0.22 -5.00 -1.05
C GLU C 280 0.55 -5.40 0.22
N LEU C 281 0.75 -6.70 0.39
CA LEU C 281 1.52 -7.23 1.53
C LEU C 281 2.69 -8.02 0.96
N PHE C 282 3.90 -7.51 1.12
CA PHE C 282 5.08 -8.20 0.64
C PHE C 282 5.97 -8.57 1.82
N ALA C 283 7.15 -9.11 1.51
CA ALA C 283 8.11 -9.56 2.50
C ALA C 283 9.28 -8.59 2.57
N ASP C 284 9.60 -8.14 3.77
CA ASP C 284 10.73 -7.24 4.01
C ASP C 284 11.58 -7.86 5.13
N GLY C 285 12.49 -8.75 4.74
CA GLY C 285 13.36 -9.40 5.71
C GLY C 285 12.71 -10.57 6.40
N ASN C 286 12.17 -11.51 5.62
CA ASN C 286 11.51 -12.71 6.15
C ASN C 286 10.35 -12.38 7.08
N THR C 287 9.62 -11.31 6.78
CA THR C 287 8.44 -10.93 7.54
C THR C 287 7.42 -10.31 6.60
N THR C 288 6.15 -10.57 6.87
CA THR C 288 5.07 -9.97 6.09
C THR C 288 4.75 -8.60 6.66
N VAL C 289 4.97 -7.56 5.85
CA VAL C 289 4.70 -6.19 6.25
C VAL C 289 3.93 -5.50 5.14
N SER C 290 3.23 -4.43 5.48
CA SER C 290 2.45 -3.72 4.48
C SER C 290 3.35 -2.99 3.50
N ASN C 291 2.89 -2.91 2.25
CA ASN C 291 3.62 -2.17 1.23
C ASN C 291 3.42 -0.68 1.43
N GLU C 292 4.48 0.02 1.82
CA GLU C 292 4.40 1.46 2.03
C GLU C 292 4.68 2.26 0.76
N MET C 293 5.11 1.60 -0.32
CA MET C 293 5.37 2.28 -1.58
C MET C 293 4.41 1.84 -2.68
N LYS C 294 3.21 1.42 -2.32
CA LYS C 294 2.19 1.02 -3.28
C LYS C 294 1.35 2.24 -3.61
N GLY C 295 1.31 2.61 -4.87
CA GLY C 295 0.55 3.75 -5.32
C GLY C 295 1.30 5.06 -5.33
N LYS C 296 2.61 5.04 -5.11
CA LYS C 296 3.42 6.25 -5.13
C LYS C 296 4.11 6.48 -6.47
N LEU C 297 4.76 5.45 -7.00
CA LEU C 297 5.43 5.52 -8.28
C LEU C 297 4.54 4.97 -9.39
N GLN C 298 4.80 5.42 -10.61
CA GLN C 298 4.08 4.97 -11.79
C GLN C 298 5.00 4.12 -12.65
N LEU C 299 4.54 2.92 -13.00
CA LEU C 299 5.37 1.97 -13.74
C LEU C 299 5.25 2.21 -15.23
N VAL C 300 6.40 2.20 -15.91
CA VAL C 300 6.48 2.39 -17.36
C VAL C 300 7.34 1.26 -17.89
N VAL C 301 6.70 0.19 -18.36
CA VAL C 301 7.41 -0.94 -18.94
C VAL C 301 7.62 -0.67 -20.42
N ALA C 302 8.75 -0.06 -20.76
CA ALA C 302 9.01 0.38 -22.12
C ALA C 302 9.56 -0.77 -22.95
N ASP C 303 8.97 -0.98 -24.13
CA ASP C 303 9.53 -1.92 -25.09
C ASP C 303 10.73 -1.36 -25.82
N TYR C 304 11.15 -0.14 -25.49
CA TYR C 304 12.18 0.58 -26.23
C TYR C 304 11.83 0.64 -27.72
N LEU C 305 10.58 0.98 -28.00
CA LEU C 305 10.01 0.94 -29.34
C LEU C 305 10.89 1.67 -30.35
N MET D 1 -41.25 -75.11 -2.39
CA MET D 1 -40.69 -74.33 -3.48
C MET D 1 -41.16 -74.87 -4.83
N ILE D 2 -41.67 -73.98 -5.67
CA ILE D 2 -42.08 -74.34 -7.04
C ILE D 2 -40.89 -73.98 -7.92
N VAL D 3 -40.17 -75.01 -8.34
CA VAL D 3 -38.95 -74.82 -9.14
C VAL D 3 -39.32 -74.11 -10.44
N THR D 4 -38.48 -73.18 -10.86
CA THR D 4 -38.85 -72.39 -12.03
C THR D 4 -37.70 -72.31 -13.02
N PRO D 5 -37.95 -72.44 -14.31
CA PRO D 5 -36.86 -72.32 -15.28
C PRO D 5 -36.27 -70.92 -15.29
N ALA D 6 -35.00 -70.82 -15.68
CA ALA D 6 -34.34 -69.53 -15.74
C ALA D 6 -35.03 -68.60 -16.74
N SER D 7 -35.60 -69.17 -17.80
CA SER D 7 -36.30 -68.34 -18.79
C SER D 7 -37.52 -67.67 -18.17
N ILE D 8 -38.25 -68.38 -17.31
CA ILE D 8 -39.42 -67.77 -16.67
C ILE D 8 -38.99 -66.74 -15.63
N LYS D 9 -37.91 -67.03 -14.89
CA LYS D 9 -37.43 -66.07 -13.91
C LYS D 9 -37.00 -64.77 -14.57
N ALA D 10 -36.31 -64.86 -15.72
CA ALA D 10 -35.84 -63.67 -16.41
C ALA D 10 -37.00 -62.74 -16.75
N LEU D 11 -38.17 -63.30 -17.02
CA LEU D 11 -39.34 -62.49 -17.31
C LEU D 11 -39.91 -61.82 -16.08
N MET D 12 -39.60 -62.34 -14.89
CA MET D 12 -40.12 -61.78 -13.64
C MET D 12 -39.18 -60.67 -13.18
N THR D 13 -39.38 -59.48 -13.74
CA THR D 13 -38.57 -58.32 -13.39
C THR D 13 -39.32 -57.08 -13.84
N SER D 14 -38.79 -55.92 -13.44
CA SER D 14 -39.36 -54.62 -13.79
C SER D 14 -38.40 -53.88 -14.71
N TRP D 15 -38.97 -53.13 -15.65
CA TRP D 15 -38.17 -52.30 -16.55
C TRP D 15 -38.16 -50.87 -16.00
N ARG D 16 -36.98 -50.41 -15.58
CA ARG D 16 -36.79 -49.05 -15.09
C ARG D 16 -35.94 -48.29 -16.10
N LYS D 17 -36.48 -47.21 -16.66
CA LYS D 17 -35.74 -46.36 -17.57
C LYS D 17 -35.16 -45.15 -16.84
N ASP D 18 -34.35 -45.45 -15.82
CA ASP D 18 -33.76 -44.40 -15.00
C ASP D 18 -32.33 -44.06 -15.37
N PHE D 19 -31.63 -44.95 -16.07
CA PHE D 19 -30.27 -44.68 -16.53
C PHE D 19 -30.24 -44.10 -17.93
N GLN D 20 -31.40 -43.76 -18.50
CA GLN D 20 -31.49 -43.38 -19.89
C GLN D 20 -30.58 -42.18 -20.19
N GLY D 21 -29.94 -42.23 -21.35
CA GLY D 21 -28.99 -41.20 -21.71
C GLY D 21 -27.56 -41.57 -21.34
N GLY D 22 -27.32 -41.85 -20.08
CA GLY D 22 -26.02 -42.26 -19.62
C GLY D 22 -25.19 -41.12 -19.07
N LEU D 23 -23.89 -41.20 -19.32
CA LEU D 23 -22.96 -40.20 -18.85
C LEU D 23 -22.94 -39.00 -19.79
N GLU D 24 -22.97 -37.81 -19.22
CA GLU D 24 -23.08 -36.60 -20.03
C GLU D 24 -21.75 -36.26 -20.70
N ASP D 25 -21.84 -35.53 -21.80
CA ASP D 25 -20.67 -35.12 -22.55
C ASP D 25 -20.07 -33.85 -21.96
N ALA D 26 -18.83 -33.57 -22.35
CA ALA D 26 -18.09 -32.45 -21.81
C ALA D 26 -18.67 -31.14 -22.31
N PRO D 27 -18.46 -30.05 -21.57
CA PRO D 27 -18.96 -28.73 -22.03
C PRO D 27 -18.15 -28.19 -23.19
N SER D 28 -18.80 -27.31 -23.94
CA SER D 28 -18.18 -26.64 -25.08
C SER D 28 -17.34 -25.45 -24.61
N GLN D 29 -16.10 -25.38 -25.10
CA GLN D 29 -15.16 -24.39 -24.62
C GLN D 29 -14.22 -23.88 -25.71
N TYR D 30 -14.54 -24.15 -26.98
CA TYR D 30 -13.65 -23.80 -28.07
C TYR D 30 -13.86 -22.39 -28.60
N ASN D 31 -14.87 -21.67 -28.13
CA ASN D 31 -15.15 -20.33 -28.64
C ASN D 31 -14.29 -19.26 -27.97
N LYS D 32 -13.58 -19.59 -26.90
CA LYS D 32 -12.71 -18.63 -26.25
C LYS D 32 -11.32 -18.57 -26.85
N ILE D 33 -10.91 -19.62 -27.57
CA ILE D 33 -9.53 -19.75 -28.04
C ILE D 33 -9.41 -19.58 -29.55
N ALA D 34 -10.45 -19.86 -30.32
CA ALA D 34 -10.37 -19.87 -31.77
C ALA D 34 -11.34 -18.86 -32.36
N MET D 35 -11.27 -18.73 -33.68
CA MET D 35 -12.14 -17.81 -34.42
C MET D 35 -12.89 -18.60 -35.48
N VAL D 36 -14.11 -18.16 -35.80
CA VAL D 36 -14.98 -18.87 -36.72
C VAL D 36 -15.15 -18.02 -37.97
N VAL D 37 -14.85 -18.59 -39.13
CA VAL D 37 -14.99 -17.90 -40.41
C VAL D 37 -15.70 -18.84 -41.38
N ASN D 38 -16.87 -18.43 -41.86
CA ASN D 38 -17.59 -19.23 -42.84
C ASN D 38 -16.84 -19.26 -44.15
N SER D 39 -16.90 -20.38 -44.84
CA SER D 39 -16.19 -20.55 -46.10
C SER D 39 -17.10 -21.19 -47.13
N SER D 40 -16.92 -20.79 -48.38
CA SER D 40 -17.52 -21.43 -49.53
C SER D 40 -16.41 -21.91 -50.45
N THR D 41 -16.81 -22.69 -51.47
CA THR D 41 -15.89 -23.17 -52.51
C THR D 41 -14.88 -24.12 -51.83
N ARG D 42 -13.87 -24.60 -52.55
CA ARG D 42 -13.03 -25.67 -52.05
C ARG D 42 -12.23 -25.26 -50.83
N SER D 43 -11.64 -24.06 -50.84
CA SER D 43 -10.77 -23.65 -49.75
C SER D 43 -10.81 -22.13 -49.59
N ASN D 44 -10.15 -21.66 -48.54
CA ASN D 44 -10.04 -20.24 -48.24
C ASN D 44 -8.58 -19.81 -48.41
N THR D 45 -8.38 -18.60 -48.90
CA THR D 45 -7.04 -18.03 -49.07
C THR D 45 -6.92 -16.77 -48.23
N TYR D 46 -5.89 -16.71 -47.40
CA TYR D 46 -5.63 -15.59 -46.51
C TYR D 46 -4.36 -14.87 -46.95
N GLY D 47 -4.41 -13.54 -46.95
CA GLY D 47 -3.26 -12.77 -47.36
C GLY D 47 -3.11 -11.45 -46.64
N TRP D 48 -1.89 -11.13 -46.21
CA TRP D 48 -1.61 -9.88 -45.53
C TRP D 48 -0.30 -9.31 -46.04
N LEU D 49 -0.15 -8.00 -45.90
CA LEU D 49 1.04 -7.29 -46.35
C LEU D 49 1.98 -7.01 -45.18
N GLY D 50 3.27 -7.10 -45.43
CA GLY D 50 4.27 -6.86 -44.41
C GLY D 50 4.35 -5.38 -44.06
N LYS D 51 5.25 -5.10 -43.13
CA LYS D 51 5.40 -3.74 -42.62
C LYS D 51 6.25 -2.90 -43.58
N PHE D 52 6.54 -1.67 -43.17
CA PHE D 52 7.29 -0.71 -43.95
C PHE D 52 8.68 -0.52 -43.34
N PRO D 53 9.71 -0.33 -44.16
CA PRO D 53 11.07 -0.24 -43.63
C PRO D 53 11.25 0.86 -42.60
N THR D 54 12.06 0.59 -41.58
CA THR D 54 12.33 1.60 -40.56
C THR D 54 13.06 2.79 -41.16
N LEU D 55 12.80 3.96 -40.59
CA LEU D 55 13.36 5.20 -41.12
C LEU D 55 14.82 5.33 -40.69
N LYS D 56 15.73 5.28 -41.65
CA LYS D 56 17.14 5.43 -41.40
C LYS D 56 17.61 6.84 -41.73
N GLU D 57 18.78 7.20 -41.19
CA GLU D 57 19.32 8.53 -41.39
C GLU D 57 19.73 8.73 -42.85
N TRP D 58 19.45 9.90 -43.39
CA TRP D 58 19.73 10.22 -44.78
C TRP D 58 21.08 10.90 -44.88
N VAL D 59 22.00 10.31 -45.64
CA VAL D 59 23.35 10.83 -45.82
C VAL D 59 23.67 11.09 -47.29
N GLY D 60 23.42 10.09 -48.15
CA GLY D 60 23.75 10.23 -49.55
C GLY D 60 22.53 10.26 -50.45
N LYS D 61 22.28 9.15 -51.15
CA LYS D 61 21.11 9.01 -51.99
C LYS D 61 20.07 8.15 -51.28
N ARG D 62 18.91 8.01 -51.89
CA ARG D 62 17.82 7.22 -51.32
C ARG D 62 17.90 5.79 -51.83
N THR D 63 17.95 4.84 -50.91
CA THR D 63 18.01 3.42 -51.26
C THR D 63 16.61 2.85 -51.34
N ILE D 64 16.27 2.25 -52.48
CA ILE D 64 14.93 1.73 -52.72
C ILE D 64 14.86 0.33 -52.13
N GLN D 65 14.19 0.18 -50.99
CA GLN D 65 13.97 -1.13 -50.39
C GLN D 65 12.71 -1.76 -50.95
N GLN D 66 12.39 -2.97 -50.48
CA GLN D 66 11.23 -3.71 -50.94
C GLN D 66 10.52 -4.34 -49.75
N MET D 67 9.24 -4.63 -49.95
CA MET D 67 8.38 -5.19 -48.92
C MET D 67 8.05 -6.65 -49.28
N GLU D 68 7.17 -7.26 -48.50
CA GLU D 68 6.80 -8.64 -48.72
C GLU D 68 5.32 -8.84 -48.41
N ALA D 69 4.65 -9.64 -49.24
CA ALA D 69 3.29 -10.06 -49.03
C ALA D 69 3.27 -11.54 -48.66
N HIS D 70 2.23 -11.94 -47.93
CA HIS D 70 2.14 -13.29 -47.40
C HIS D 70 0.85 -13.95 -47.86
N GLY D 71 0.87 -15.28 -47.86
CA GLY D 71 -0.29 -16.05 -48.24
C GLY D 71 -0.40 -17.31 -47.41
N TYR D 72 -1.62 -17.81 -47.27
CA TYR D 72 -1.89 -18.97 -46.44
C TYR D 72 -3.29 -19.47 -46.75
N SER D 73 -3.43 -20.78 -46.99
CA SER D 73 -4.69 -21.37 -47.40
C SER D 73 -5.02 -22.57 -46.53
N ILE D 74 -6.31 -22.77 -46.28
CA ILE D 74 -6.82 -23.91 -45.52
C ILE D 74 -7.89 -24.59 -46.37
N ALA D 75 -7.71 -25.88 -46.62
CA ALA D 75 -8.64 -26.62 -47.46
C ALA D 75 -9.74 -27.26 -46.61
N ASN D 76 -10.91 -27.43 -47.21
CA ASN D 76 -12.07 -27.96 -46.53
C ASN D 76 -12.07 -29.48 -46.60
N LYS D 77 -12.55 -30.13 -45.54
CA LYS D 77 -12.61 -31.57 -45.44
C LYS D 77 -14.04 -32.02 -45.21
N THR D 78 -14.32 -33.28 -45.55
CA THR D 78 -15.65 -33.85 -45.43
C THR D 78 -15.64 -34.99 -44.41
N PHE D 79 -16.63 -34.99 -43.52
CA PHE D 79 -16.73 -35.96 -42.44
C PHE D 79 -18.05 -36.70 -42.54
N GLU D 80 -18.10 -37.90 -41.97
CA GLU D 80 -19.29 -38.73 -42.03
C GLU D 80 -19.28 -39.75 -40.91
N GLY D 81 -20.47 -40.24 -40.56
CA GLY D 81 -20.64 -41.30 -39.59
C GLY D 81 -21.98 -42.01 -39.79
N THR D 82 -21.98 -43.33 -39.85
CA THR D 82 -23.18 -44.08 -40.18
C THR D 82 -23.35 -45.27 -39.25
N VAL D 83 -24.59 -45.53 -38.85
CA VAL D 83 -24.94 -46.66 -37.99
C VAL D 83 -26.17 -47.35 -38.56
N GLY D 84 -26.13 -48.68 -38.62
CA GLY D 84 -27.23 -49.44 -39.18
C GLY D 84 -27.85 -50.44 -38.23
N ILE D 85 -29.18 -50.41 -38.12
CA ILE D 85 -29.93 -51.33 -37.27
C ILE D 85 -31.00 -51.99 -38.12
N SER D 86 -31.17 -53.29 -37.93
CA SER D 86 -32.12 -54.06 -38.74
C SER D 86 -33.55 -53.62 -38.46
N ARG D 87 -34.41 -53.78 -39.47
CA ARG D 87 -35.82 -53.43 -39.31
C ARG D 87 -36.47 -54.31 -38.25
N ASP D 88 -36.14 -55.60 -38.24
CA ASP D 88 -36.67 -56.51 -37.24
C ASP D 88 -36.31 -56.06 -35.83
N ASP D 89 -35.02 -55.76 -35.61
CA ASP D 89 -34.57 -55.37 -34.29
C ASP D 89 -35.18 -54.03 -33.88
N PHE D 90 -35.44 -53.15 -34.84
CA PHE D 90 -36.05 -51.87 -34.52
C PHE D 90 -37.51 -52.02 -34.14
N GLU D 91 -38.28 -52.78 -34.91
CA GLU D 91 -39.71 -52.89 -34.66
C GLU D 91 -40.03 -53.81 -33.48
N ASP D 92 -39.18 -54.80 -33.22
CA ASP D 92 -39.45 -55.73 -32.13
C ASP D 92 -39.04 -55.19 -30.77
N ASP D 93 -38.44 -54.02 -30.71
CA ASP D 93 -38.00 -53.43 -29.44
C ASP D 93 -39.21 -52.87 -28.70
N ASN D 94 -39.65 -53.58 -27.66
CA ASN D 94 -40.76 -53.14 -26.82
C ASN D 94 -40.29 -52.39 -25.58
N LEU D 95 -38.99 -52.21 -25.40
CA LEU D 95 -38.43 -51.58 -24.22
C LEU D 95 -38.14 -50.10 -24.44
N GLY D 96 -37.68 -49.73 -25.63
CA GLY D 96 -37.30 -48.37 -25.92
C GLY D 96 -35.83 -48.08 -25.85
N ILE D 97 -34.98 -49.11 -25.87
CA ILE D 97 -33.54 -48.89 -25.76
C ILE D 97 -33.00 -48.17 -27.00
N TYR D 98 -33.45 -48.58 -28.19
CA TYR D 98 -32.92 -48.06 -29.43
C TYR D 98 -33.55 -46.74 -29.85
N ALA D 99 -34.50 -46.22 -29.09
CA ALA D 99 -35.17 -44.98 -29.47
C ALA D 99 -34.22 -43.79 -29.55
N PRO D 100 -33.34 -43.52 -28.57
CA PRO D 100 -32.47 -42.34 -28.69
C PRO D 100 -31.20 -42.61 -29.49
N ILE D 101 -31.35 -42.73 -30.81
CA ILE D 101 -30.21 -42.80 -31.72
C ILE D 101 -30.02 -41.48 -32.45
N PHE D 102 -31.11 -40.82 -32.86
CA PHE D 102 -31.00 -39.52 -33.49
C PHE D 102 -30.39 -38.49 -32.53
N GLN D 103 -30.77 -38.56 -31.26
CA GLN D 103 -30.16 -37.68 -30.26
C GLN D 103 -28.66 -37.90 -30.17
N GLU D 104 -28.24 -39.17 -30.16
CA GLU D 104 -26.81 -39.45 -30.12
C GLU D 104 -26.11 -38.98 -31.38
N MET D 105 -26.77 -39.07 -32.53
CA MET D 105 -26.18 -38.55 -33.77
C MET D 105 -25.96 -37.05 -33.67
N GLY D 106 -26.96 -36.32 -33.20
CA GLY D 106 -26.80 -34.89 -33.04
C GLY D 106 -25.72 -34.53 -32.05
N ARG D 107 -25.65 -35.27 -30.93
CA ARG D 107 -24.60 -35.01 -29.95
C ARG D 107 -23.22 -35.28 -30.52
N SER D 108 -23.05 -36.34 -31.30
CA SER D 108 -21.76 -36.64 -31.91
C SER D 108 -21.38 -35.62 -32.99
N ALA D 109 -22.35 -35.05 -33.68
CA ALA D 109 -22.05 -34.01 -34.66
C ALA D 109 -21.77 -32.66 -34.02
N ALA D 110 -22.35 -32.37 -32.87
CA ALA D 110 -22.14 -31.08 -32.21
C ALA D 110 -20.85 -31.01 -31.41
N VAL D 111 -20.12 -32.12 -31.30
CA VAL D 111 -18.89 -32.17 -30.52
C VAL D 111 -17.65 -31.93 -31.37
N GLN D 112 -17.73 -32.13 -32.67
CA GLN D 112 -16.55 -32.12 -33.53
C GLN D 112 -15.71 -30.84 -33.44
N PRO D 113 -16.27 -29.63 -33.47
CA PRO D 113 -15.40 -28.44 -33.42
C PRO D 113 -14.51 -28.39 -32.19
N ASP D 114 -15.03 -28.79 -31.02
CA ASP D 114 -14.21 -28.84 -29.82
C ASP D 114 -13.06 -29.81 -29.97
N GLU D 115 -13.37 -31.03 -30.41
CA GLU D 115 -12.36 -32.08 -30.55
C GLU D 115 -11.35 -31.78 -31.65
N LEU D 116 -11.67 -30.86 -32.57
CA LEU D 116 -10.73 -30.45 -33.59
C LEU D 116 -9.84 -29.30 -33.11
N ILE D 117 -10.44 -28.26 -32.52
CA ILE D 117 -9.66 -27.13 -32.07
C ILE D 117 -8.73 -27.53 -30.94
N PHE D 118 -9.21 -28.29 -29.96
CA PHE D 118 -8.37 -28.67 -28.83
C PHE D 118 -7.41 -29.79 -29.15
N LYS D 119 -7.55 -30.44 -30.31
CA LYS D 119 -6.54 -31.35 -30.81
C LYS D 119 -5.46 -30.64 -31.61
N LEU D 120 -5.74 -29.44 -32.15
CA LEU D 120 -4.70 -28.64 -32.87
C LEU D 120 -3.59 -28.22 -31.92
N LEU D 121 -3.89 -27.98 -30.65
CA LEU D 121 -2.87 -27.45 -29.70
C LEU D 121 -2.02 -28.60 -29.18
N LYS D 122 -2.59 -29.77 -28.99
CA LYS D 122 -1.79 -30.93 -28.53
C LYS D 122 -0.76 -31.28 -29.60
N ASP D 123 -1.18 -31.47 -30.84
CA ASP D 123 -0.21 -31.88 -31.85
C ASP D 123 0.44 -30.70 -32.54
N GLY D 124 0.55 -29.57 -31.84
CA GLY D 124 1.18 -28.39 -32.39
C GLY D 124 2.68 -28.45 -32.47
N PHE D 125 3.31 -29.45 -31.87
CA PHE D 125 4.75 -29.64 -31.97
C PHE D 125 5.16 -30.31 -33.27
N THR D 126 4.21 -30.82 -34.05
CA THR D 126 4.52 -31.51 -35.30
C THR D 126 3.78 -30.96 -36.51
N GLN D 127 2.82 -30.06 -36.33
CA GLN D 127 2.06 -29.57 -37.48
C GLN D 127 2.58 -28.22 -37.94
N PRO D 128 2.77 -28.05 -39.25
CA PRO D 128 3.35 -26.81 -39.75
C PRO D 128 2.37 -25.65 -39.73
N CYS D 129 2.94 -24.44 -39.74
CA CYS D 129 2.22 -23.18 -39.80
C CYS D 129 2.61 -22.46 -41.09
N TYR D 130 2.23 -21.18 -41.20
CA TYR D 130 2.39 -20.48 -42.47
C TYR D 130 3.84 -20.36 -42.91
N ASP D 131 4.79 -20.30 -41.98
CA ASP D 131 6.19 -20.13 -42.37
C ASP D 131 6.86 -21.44 -42.74
N GLY D 132 6.18 -22.58 -42.59
CA GLY D 132 6.70 -23.86 -42.97
C GLY D 132 7.23 -24.70 -41.82
N GLN D 133 7.53 -24.08 -40.69
CA GLN D 133 7.99 -24.82 -39.52
C GLN D 133 6.80 -25.27 -38.68
N ASN D 134 7.08 -26.10 -37.68
CA ASN D 134 6.06 -26.53 -36.75
C ASN D 134 5.54 -25.34 -35.95
N PHE D 135 4.30 -25.44 -35.49
CA PHE D 135 3.69 -24.34 -34.74
C PHE D 135 4.48 -24.02 -33.48
N PHE D 136 4.84 -25.05 -32.72
CA PHE D 136 5.68 -24.90 -31.54
C PHE D 136 7.06 -25.44 -31.89
N ASP D 137 7.99 -24.54 -32.16
CA ASP D 137 9.30 -24.90 -32.67
C ASP D 137 10.35 -24.01 -32.01
N LYS D 138 11.58 -24.53 -31.89
CA LYS D 138 12.67 -23.74 -31.27
C LYS D 138 13.49 -23.12 -32.37
N GLU D 139 12.92 -22.98 -33.57
CA GLU D 139 13.73 -22.51 -34.72
C GLU D 139 12.86 -21.71 -35.69
N HIS D 140 12.06 -20.77 -35.18
CA HIS D 140 11.19 -19.95 -36.05
C HIS D 140 12.03 -18.81 -36.58
N PRO D 141 12.17 -18.61 -37.90
CA PRO D 141 13.11 -17.63 -38.48
C PRO D 141 12.58 -16.21 -38.36
N VAL D 142 13.45 -15.30 -37.92
CA VAL D 142 13.16 -13.87 -37.88
C VAL D 142 14.21 -13.15 -38.71
N TYR D 143 13.78 -12.27 -39.61
CA TYR D 143 14.70 -11.75 -40.58
C TYR D 143 15.07 -10.30 -40.28
N PRO D 144 16.30 -9.89 -40.61
CA PRO D 144 16.70 -8.50 -40.32
C PRO D 144 16.02 -7.47 -41.20
N ASN D 145 15.58 -7.85 -42.39
CA ASN D 145 14.90 -6.94 -43.30
C ASN D 145 13.40 -7.18 -43.27
N VAL D 146 12.65 -6.21 -43.79
CA VAL D 146 11.20 -6.34 -43.82
C VAL D 146 10.78 -7.51 -44.70
N ASP D 147 11.42 -7.59 -45.87
CA ASP D 147 11.18 -8.73 -46.76
C ASP D 147 11.82 -9.93 -46.07
N GLY D 148 11.61 -11.13 -46.56
CA GLY D 148 12.34 -12.24 -45.93
C GLY D 148 13.74 -12.32 -46.46
N THR D 149 14.48 -11.22 -46.40
CA THR D 149 15.83 -11.21 -46.97
C THR D 149 16.80 -11.03 -45.81
N GLY D 150 17.95 -11.67 -45.87
CA GLY D 150 18.88 -11.58 -44.75
C GLY D 150 18.97 -12.91 -44.02
N SER D 151 19.94 -13.05 -43.15
CA SER D 151 20.14 -14.27 -42.38
C SER D 151 19.16 -14.35 -41.23
N ALA D 152 18.59 -15.54 -41.03
CA ALA D 152 17.56 -15.75 -40.02
C ALA D 152 18.19 -15.96 -38.64
N VAL D 153 17.57 -15.35 -37.63
CA VAL D 153 17.90 -15.59 -36.24
C VAL D 153 16.74 -16.35 -35.63
N ASN D 154 16.99 -17.57 -35.16
CA ASN D 154 15.92 -18.44 -34.73
C ASN D 154 15.29 -17.96 -33.43
N THR D 155 13.97 -18.09 -33.35
CA THR D 155 13.20 -17.78 -32.16
C THR D 155 12.32 -18.97 -31.79
N SER D 156 11.94 -19.06 -30.52
CA SER D 156 11.20 -20.22 -30.04
C SER D 156 9.99 -19.79 -29.24
N ASN D 157 8.90 -20.54 -29.37
CA ASN D 157 7.73 -20.40 -28.51
C ASN D 157 7.76 -21.37 -27.35
N ILE D 158 8.80 -22.19 -27.24
CA ILE D 158 8.87 -23.25 -26.25
C ILE D 158 9.90 -22.85 -25.21
N VAL D 159 9.46 -22.72 -23.96
CA VAL D 159 10.35 -22.58 -22.82
C VAL D 159 10.44 -23.93 -22.13
N GLU D 160 11.65 -24.47 -22.05
CA GLU D 160 11.87 -25.86 -21.65
C GLU D 160 12.57 -25.93 -20.31
N GLN D 161 12.09 -26.81 -19.45
CA GLN D 161 12.71 -27.10 -18.17
C GLN D 161 13.56 -28.36 -18.30
N ASP D 162 14.79 -28.30 -17.84
CA ASP D 162 15.72 -29.42 -17.98
C ASP D 162 15.21 -30.63 -17.23
N SER D 163 15.24 -31.79 -17.91
CA SER D 163 14.87 -33.08 -17.33
C SER D 163 13.44 -33.04 -16.78
N PHE D 164 12.50 -32.83 -17.70
CA PHE D 164 11.08 -32.76 -17.36
C PHE D 164 10.32 -33.74 -18.24
N SER D 165 9.54 -34.61 -17.61
CA SER D 165 8.65 -35.53 -18.30
C SER D 165 7.27 -35.36 -17.69
N GLY D 166 6.40 -34.63 -18.37
CA GLY D 166 5.08 -34.33 -17.84
C GLY D 166 4.11 -33.81 -18.89
N LEU D 167 3.33 -32.80 -18.53
CA LEU D 167 2.31 -32.25 -19.39
C LEU D 167 2.55 -30.75 -19.60
N PRO D 168 2.53 -30.27 -20.84
CA PRO D 168 2.75 -28.85 -21.07
C PRO D 168 1.47 -28.04 -20.98
N PHE D 169 1.64 -26.74 -20.74
CA PHE D 169 0.54 -25.79 -20.71
C PHE D 169 0.86 -24.59 -21.60
N TYR D 170 -0.20 -23.91 -22.04
CA TYR D 170 -0.09 -22.95 -23.13
C TYR D 170 -0.59 -21.58 -22.69
N LEU D 171 -0.01 -20.54 -23.29
CA LEU D 171 -0.40 -19.16 -23.07
C LEU D 171 -0.72 -18.53 -24.43
N LEU D 172 -1.87 -17.87 -24.51
CA LEU D 172 -2.36 -17.36 -25.79
C LEU D 172 -2.74 -15.90 -25.67
N ASP D 173 -2.72 -15.21 -26.82
CA ASP D 173 -3.12 -13.82 -26.91
C ASP D 173 -4.44 -13.78 -27.70
N CYS D 174 -5.54 -14.02 -27.00
CA CYS D 174 -6.86 -13.98 -27.62
C CYS D 174 -7.57 -12.66 -27.37
N SER D 175 -6.95 -11.55 -27.78
CA SER D 175 -7.47 -10.23 -27.47
C SER D 175 -7.70 -9.39 -28.72
N ARG D 176 -7.66 -10.01 -29.89
CA ARG D 176 -7.85 -9.31 -31.15
C ARG D 176 -8.84 -10.08 -32.00
N ALA D 177 -9.12 -9.54 -33.19
CA ALA D 177 -9.96 -10.26 -34.14
C ALA D 177 -9.26 -11.50 -34.66
N VAL D 178 -7.93 -11.46 -34.76
CA VAL D 178 -7.15 -12.61 -35.20
C VAL D 178 -6.68 -13.36 -33.96
N LYS D 179 -7.07 -14.61 -33.86
CA LYS D 179 -6.74 -15.50 -32.77
C LYS D 179 -5.79 -16.59 -33.23
N PRO D 180 -5.08 -17.25 -32.31
CA PRO D 180 -4.07 -18.24 -32.72
C PRO D 180 -4.64 -19.45 -33.46
N LEU D 181 -5.93 -19.74 -33.32
CA LEU D 181 -6.54 -20.90 -33.96
C LEU D 181 -7.73 -20.46 -34.79
N ILE D 182 -7.92 -21.11 -35.94
CA ILE D 182 -8.98 -20.78 -36.88
C ILE D 182 -9.84 -22.02 -37.09
N PHE D 183 -11.14 -21.87 -36.90
CA PHE D 183 -12.11 -22.90 -37.21
C PHE D 183 -13.02 -22.40 -38.31
N GLN D 184 -12.96 -23.03 -39.47
CA GLN D 184 -13.75 -22.62 -40.62
C GLN D 184 -14.78 -23.68 -40.97
N GLU D 185 -15.98 -23.24 -41.31
CA GLU D 185 -17.10 -24.11 -41.61
C GLU D 185 -17.57 -23.88 -43.04
N ARG D 186 -17.70 -24.97 -43.80
CA ARG D 186 -18.14 -24.92 -45.18
C ARG D 186 -19.60 -25.29 -45.36
N ARG D 187 -20.10 -26.28 -44.63
CA ARG D 187 -21.50 -26.67 -44.70
C ARG D 187 -21.93 -27.16 -43.32
N LYS D 188 -23.12 -26.74 -42.90
CA LYS D 188 -23.63 -27.13 -41.60
C LYS D 188 -23.96 -28.62 -41.55
N PRO D 189 -23.89 -29.23 -40.37
CA PRO D 189 -24.19 -30.66 -40.26
C PRO D 189 -25.60 -30.98 -40.73
N GLU D 190 -25.74 -32.09 -41.45
CA GLU D 190 -27.03 -32.57 -41.91
C GLU D 190 -27.21 -34.00 -41.41
N LEU D 191 -28.38 -34.28 -40.84
CA LEU D 191 -28.69 -35.57 -40.25
C LEU D 191 -29.88 -36.18 -40.96
N VAL D 192 -29.73 -37.43 -41.40
CA VAL D 192 -30.80 -38.13 -42.10
C VAL D 192 -31.08 -39.44 -41.37
N ALA D 193 -32.33 -39.89 -41.47
CA ALA D 193 -32.77 -41.16 -40.88
C ALA D 193 -33.65 -41.86 -41.90
N ARG D 194 -33.10 -42.85 -42.58
CA ARG D 194 -33.80 -43.54 -43.65
C ARG D 194 -34.54 -44.74 -43.06
N THR D 195 -35.75 -44.49 -42.55
CA THR D 195 -36.56 -45.51 -41.91
C THR D 195 -37.85 -45.79 -42.66
N ARG D 196 -38.03 -45.25 -43.85
CA ARG D 196 -39.21 -45.55 -44.65
C ARG D 196 -39.04 -46.89 -45.35
N ILE D 197 -40.14 -47.64 -45.46
CA ILE D 197 -40.11 -48.95 -46.08
C ILE D 197 -40.07 -48.88 -47.60
N ASP D 198 -40.11 -47.67 -48.18
CA ASP D 198 -39.99 -47.48 -49.62
C ASP D 198 -38.57 -47.25 -50.08
N ASP D 199 -37.61 -47.15 -49.16
CA ASP D 199 -36.23 -46.89 -49.54
C ASP D 199 -35.63 -48.11 -50.25
N ASP D 200 -34.53 -47.88 -50.97
CA ASP D 200 -33.84 -48.95 -51.66
C ASP D 200 -33.08 -49.86 -50.71
N HIS D 201 -32.37 -49.28 -49.74
CA HIS D 201 -31.63 -50.09 -48.78
C HIS D 201 -32.57 -50.87 -47.88
N VAL D 202 -33.68 -50.25 -47.46
CA VAL D 202 -34.66 -50.95 -46.64
C VAL D 202 -35.28 -52.11 -47.41
N PHE D 203 -35.61 -51.87 -48.68
CA PHE D 203 -36.22 -52.92 -49.49
C PHE D 203 -35.25 -54.07 -49.75
N MET D 204 -33.99 -53.76 -50.08
CA MET D 204 -33.06 -54.79 -50.50
C MET D 204 -32.19 -55.34 -49.39
N ASP D 205 -32.18 -54.70 -48.22
CA ASP D 205 -31.33 -55.16 -47.12
C ASP D 205 -32.03 -55.22 -45.78
N ASN D 206 -33.24 -54.69 -45.65
CA ASN D 206 -33.97 -54.70 -44.39
C ASN D 206 -33.17 -54.03 -43.27
N GLU D 207 -32.56 -52.88 -43.60
CA GLU D 207 -31.68 -52.18 -42.67
C GLU D 207 -32.10 -50.73 -42.58
N PHE D 208 -32.28 -50.24 -41.35
CA PHE D 208 -32.50 -48.82 -41.12
C PHE D 208 -31.16 -48.13 -40.96
N LEU D 209 -30.98 -47.02 -41.67
CA LEU D 209 -29.69 -46.32 -41.71
C LEU D 209 -29.82 -44.94 -41.09
N PHE D 210 -28.88 -44.61 -40.20
CA PHE D 210 -28.77 -43.28 -39.62
C PHE D 210 -27.38 -42.75 -39.94
N GLY D 211 -27.33 -41.55 -40.53
CA GLY D 211 -26.07 -41.00 -40.97
C GLY D 211 -26.01 -39.50 -40.74
N ALA D 212 -24.79 -38.97 -40.82
CA ALA D 212 -24.54 -37.55 -40.63
C ALA D 212 -23.29 -37.17 -41.43
N SER D 213 -23.24 -35.92 -41.90
CA SER D 213 -22.11 -35.44 -42.67
C SER D 213 -21.91 -33.95 -42.46
N THR D 214 -20.65 -33.53 -42.37
CA THR D 214 -20.28 -32.13 -42.21
C THR D 214 -19.14 -31.79 -43.16
N ARG D 215 -18.93 -30.49 -43.35
CA ARG D 215 -17.81 -29.97 -44.15
C ARG D 215 -17.16 -28.84 -43.37
N ARG D 216 -16.05 -29.13 -42.72
CA ARG D 216 -15.39 -28.16 -41.85
C ARG D 216 -13.91 -28.48 -41.79
N ALA D 217 -13.12 -27.51 -41.31
CA ALA D 217 -11.69 -27.70 -41.16
C ALA D 217 -11.17 -26.76 -40.09
N ALA D 218 -9.97 -27.06 -39.60
CA ALA D 218 -9.31 -26.27 -38.58
C ALA D 218 -7.88 -25.96 -39.01
N GLY D 219 -7.39 -24.79 -38.64
CA GLY D 219 -6.06 -24.37 -39.03
C GLY D 219 -5.45 -23.44 -38.00
N TYR D 220 -4.22 -23.03 -38.29
CA TYR D 220 -3.44 -22.19 -37.40
C TYR D 220 -3.50 -20.73 -37.82
N GLY D 221 -3.04 -19.86 -36.91
CA GLY D 221 -2.94 -18.45 -37.20
C GLY D 221 -1.50 -17.96 -37.14
N PHE D 222 -1.23 -16.98 -36.29
CA PHE D 222 0.13 -16.48 -36.09
C PHE D 222 0.79 -17.26 -34.97
N TRP D 223 2.04 -17.69 -35.19
CA TRP D 223 2.76 -18.42 -34.17
C TRP D 223 3.30 -17.52 -33.06
N GLN D 224 3.39 -16.21 -33.30
CA GLN D 224 3.86 -15.28 -32.28
C GLN D 224 2.86 -15.10 -31.15
N MET D 225 1.63 -15.57 -31.32
CA MET D 225 0.56 -15.34 -30.37
C MET D 225 0.25 -16.57 -29.53
N ALA D 226 1.22 -17.48 -29.37
CA ALA D 226 1.05 -18.67 -28.56
C ALA D 226 2.42 -19.14 -28.06
N VAL D 227 2.45 -19.66 -26.84
CA VAL D 227 3.68 -20.13 -26.21
C VAL D 227 3.38 -21.46 -25.52
N ALA D 228 4.26 -22.44 -25.70
CA ALA D 228 4.11 -23.76 -25.10
C ALA D 228 5.17 -23.93 -24.02
N VAL D 229 4.73 -24.07 -22.77
CA VAL D 229 5.63 -24.19 -21.63
C VAL D 229 5.69 -25.66 -21.24
N LYS D 230 6.82 -26.30 -21.53
CA LYS D 230 7.04 -27.71 -21.15
C LYS D 230 7.77 -27.76 -19.80
N GLY D 231 7.03 -27.41 -18.75
CA GLY D 231 7.56 -27.42 -17.40
C GLY D 231 6.45 -27.48 -16.37
N ASP D 232 6.80 -27.26 -15.10
CA ASP D 232 5.79 -27.25 -14.05
C ASP D 232 5.00 -25.96 -14.08
N LEU D 233 3.76 -26.04 -13.61
CA LEU D 233 2.90 -24.86 -13.49
C LEU D 233 3.23 -24.15 -12.18
N THR D 234 4.37 -23.46 -12.20
CA THR D 234 4.81 -22.64 -11.09
C THR D 234 4.85 -21.18 -11.51
N LEU D 235 5.07 -20.31 -10.53
CA LEU D 235 5.09 -18.87 -10.81
C LEU D 235 6.26 -18.51 -11.72
N ASP D 236 7.42 -19.12 -11.52
CA ASP D 236 8.60 -18.78 -12.31
C ASP D 236 8.41 -19.14 -13.78
N ASN D 237 7.88 -20.34 -14.05
CA ASN D 237 7.65 -20.73 -15.44
C ASN D 237 6.57 -19.87 -16.10
N LEU D 238 5.53 -19.53 -15.36
CA LEU D 238 4.50 -18.65 -15.91
C LEU D 238 5.08 -17.29 -16.28
N TRP D 239 5.91 -16.72 -15.40
CA TRP D 239 6.53 -15.45 -15.72
C TRP D 239 7.52 -15.57 -16.87
N LYS D 240 8.23 -16.70 -16.97
CA LYS D 240 9.13 -16.92 -18.10
C LYS D 240 8.35 -16.93 -19.41
N GLY D 241 7.21 -17.64 -19.43
CA GLY D 241 6.39 -17.65 -20.63
C GLY D 241 5.84 -16.27 -20.96
N TRP D 242 5.42 -15.52 -19.94
CA TRP D 242 4.92 -14.17 -20.16
C TRP D 242 5.98 -13.28 -20.79
N GLN D 243 7.19 -13.30 -20.24
CA GLN D 243 8.26 -12.45 -20.77
C GLN D 243 8.68 -12.91 -22.15
N LEU D 244 8.72 -14.23 -22.39
CA LEU D 244 9.06 -14.72 -23.73
C LEU D 244 8.04 -14.25 -24.75
N MET D 245 6.75 -14.32 -24.42
CA MET D 245 5.73 -13.86 -25.35
C MET D 245 5.84 -12.36 -25.59
N ARG D 246 6.11 -11.59 -24.53
CA ARG D 246 6.20 -10.15 -24.66
C ARG D 246 7.48 -9.70 -25.35
N SER D 247 8.46 -10.59 -25.51
CA SER D 247 9.73 -10.23 -26.11
C SER D 247 9.85 -10.55 -27.60
N PHE D 248 8.80 -11.02 -28.26
CA PHE D 248 8.88 -11.33 -29.68
C PHE D 248 9.01 -10.06 -30.52
N GLU D 249 9.73 -10.16 -31.62
CA GLU D 249 9.91 -9.05 -32.56
C GLU D 249 9.59 -9.52 -33.97
N GLY D 250 9.10 -8.59 -34.79
CA GLY D 250 8.79 -8.89 -36.17
C GLY D 250 10.00 -8.77 -37.08
N ASP D 251 9.75 -8.93 -38.37
CA ASP D 251 10.80 -8.74 -39.37
C ASP D 251 11.22 -7.29 -39.41
N GLY D 252 12.52 -7.06 -39.50
CA GLY D 252 13.05 -5.72 -39.46
C GLY D 252 13.31 -5.18 -38.07
N GLY D 253 13.33 -6.04 -37.06
CA GLY D 253 13.57 -5.59 -35.70
C GLY D 253 12.51 -4.66 -35.18
N LYS D 254 11.25 -5.02 -35.36
CA LYS D 254 10.12 -4.19 -34.97
C LYS D 254 9.41 -4.79 -33.78
N LYS D 255 9.18 -3.97 -32.76
CA LYS D 255 8.53 -4.42 -31.54
C LYS D 255 7.04 -4.66 -31.78
N LEU D 256 6.47 -5.57 -31.00
CA LEU D 256 5.07 -5.95 -31.12
C LEU D 256 4.41 -5.94 -29.76
N GLY D 257 3.14 -5.57 -29.73
CA GLY D 257 2.38 -5.50 -28.49
C GLY D 257 1.64 -6.76 -28.15
N LEU D 258 2.35 -7.82 -27.76
CA LEU D 258 1.75 -9.09 -27.43
C LEU D 258 1.81 -9.33 -25.93
N LYS D 259 0.76 -9.96 -25.40
CA LYS D 259 0.61 -10.20 -23.98
C LYS D 259 -0.39 -11.32 -23.76
N PRO D 260 -0.08 -12.32 -22.91
CA PRO D 260 -1.02 -13.42 -22.71
C PRO D 260 -2.34 -12.93 -22.15
N THR D 261 -3.43 -13.55 -22.61
CA THR D 261 -4.75 -13.28 -22.07
C THR D 261 -5.46 -14.51 -21.57
N HIS D 262 -5.15 -15.69 -22.10
CA HIS D 262 -5.72 -16.95 -21.66
C HIS D 262 -4.60 -17.91 -21.34
N ILE D 263 -4.88 -18.84 -20.42
CA ILE D 263 -4.01 -19.97 -20.16
C ILE D 263 -4.84 -21.24 -20.28
N VAL D 264 -4.40 -22.16 -21.12
CA VAL D 264 -5.12 -23.40 -21.38
C VAL D 264 -4.34 -24.55 -20.77
N VAL D 265 -4.99 -25.31 -19.90
CA VAL D 265 -4.31 -26.36 -19.16
C VAL D 265 -5.14 -27.64 -19.21
N PRO D 266 -4.52 -28.82 -19.24
CA PRO D 266 -5.30 -30.06 -19.18
C PRO D 266 -5.90 -30.27 -17.80
N VAL D 267 -6.76 -31.28 -17.71
CA VAL D 267 -7.41 -31.59 -16.44
C VAL D 267 -6.40 -32.06 -15.39
N GLY D 268 -5.26 -32.60 -15.81
CA GLY D 268 -4.27 -33.07 -14.85
C GLY D 268 -3.67 -31.93 -14.05
N LEU D 269 -3.36 -30.82 -14.70
CA LEU D 269 -2.73 -29.67 -14.04
C LEU D 269 -3.78 -28.63 -13.64
N GLU D 270 -4.73 -29.07 -12.83
CA GLU D 270 -5.73 -28.16 -12.28
C GLU D 270 -5.42 -27.74 -10.86
N LYS D 271 -4.77 -28.60 -10.08
CA LYS D 271 -4.37 -28.23 -8.73
C LYS D 271 -3.44 -27.02 -8.74
N ALA D 272 -2.43 -27.06 -9.60
CA ALA D 272 -1.48 -25.95 -9.67
C ALA D 272 -2.15 -24.67 -10.13
N ALA D 273 -3.01 -24.76 -11.14
CA ALA D 273 -3.70 -23.58 -11.64
C ALA D 273 -4.59 -22.97 -10.58
N GLU D 274 -5.32 -23.80 -9.84
CA GLU D 274 -6.20 -23.28 -8.80
C GLU D 274 -5.45 -22.79 -7.57
N GLN D 275 -4.27 -23.32 -7.29
CA GLN D 275 -3.46 -22.81 -6.18
C GLN D 275 -2.65 -21.59 -6.56
N LEU D 276 -2.49 -21.31 -7.83
CA LEU D 276 -1.67 -20.17 -8.23
C LEU D 276 -2.49 -18.98 -8.71
N LEU D 277 -3.61 -19.22 -9.39
CA LEU D 277 -4.38 -18.12 -9.98
C LEU D 277 -5.60 -17.73 -9.17
N ASN D 278 -6.05 -18.57 -8.23
CA ASN D 278 -7.25 -18.29 -7.47
C ASN D 278 -7.00 -18.15 -5.98
N ARG D 279 -5.74 -17.99 -5.57
CA ARG D 279 -5.37 -17.88 -4.16
C ARG D 279 -4.99 -16.43 -3.88
N GLU D 280 -5.67 -15.84 -2.90
CA GLU D 280 -5.45 -14.41 -2.60
C GLU D 280 -4.09 -14.18 -1.97
N LEU D 281 -3.72 -14.99 -0.98
CA LEU D 281 -2.42 -14.91 -0.33
C LEU D 281 -1.74 -16.27 -0.45
N PHE D 282 -0.56 -16.30 -1.07
CA PHE D 282 0.17 -17.54 -1.18
C PHE D 282 1.54 -17.41 -0.52
N ALA D 283 2.41 -18.39 -0.77
CA ALA D 283 3.76 -18.41 -0.21
C ALA D 283 4.76 -18.10 -1.31
N ASP D 284 5.45 -16.97 -1.19
CA ASP D 284 6.61 -16.66 -2.01
C ASP D 284 7.85 -16.79 -1.14
N GLY D 285 8.66 -17.81 -1.40
CA GLY D 285 9.73 -18.12 -0.48
C GLY D 285 9.16 -18.81 0.75
N ASN D 286 9.40 -18.22 1.92
CA ASN D 286 8.92 -18.78 3.18
C ASN D 286 8.05 -17.80 3.94
N THR D 287 7.54 -16.78 3.25
CA THR D 287 6.69 -15.78 3.88
C THR D 287 5.40 -15.65 3.08
N THR D 288 4.34 -15.21 3.75
CA THR D 288 3.05 -15.04 3.10
C THR D 288 3.01 -13.64 2.48
N VAL D 289 2.81 -13.59 1.17
CA VAL D 289 2.73 -12.33 0.43
C VAL D 289 1.48 -12.37 -0.42
N SER D 290 1.06 -11.20 -0.88
CA SER D 290 -0.14 -11.10 -1.69
C SER D 290 0.11 -11.68 -3.08
N ASN D 291 -0.96 -11.77 -3.85
CA ASN D 291 -0.93 -12.36 -5.19
C ASN D 291 -0.95 -11.26 -6.25
N GLU D 292 0.13 -11.16 -7.01
CA GLU D 292 0.21 -10.20 -8.11
C GLU D 292 -0.24 -10.79 -9.43
N MET D 293 -0.56 -12.09 -9.46
CA MET D 293 -0.96 -12.78 -10.68
C MET D 293 -2.42 -13.24 -10.58
N LYS D 294 -3.24 -12.49 -9.84
CA LYS D 294 -4.64 -12.82 -9.63
C LYS D 294 -5.49 -11.91 -10.51
N GLY D 295 -6.25 -12.51 -11.41
CA GLY D 295 -7.10 -11.77 -12.33
C GLY D 295 -6.42 -11.32 -13.60
N LYS D 296 -5.11 -11.54 -13.73
CA LYS D 296 -4.40 -11.12 -14.93
C LYS D 296 -4.67 -12.07 -16.09
N LEU D 297 -4.94 -13.34 -15.80
CA LEU D 297 -5.14 -14.37 -16.81
C LEU D 297 -6.50 -15.03 -16.61
N GLN D 298 -7.05 -15.55 -17.70
CA GLN D 298 -8.30 -16.29 -17.68
C GLN D 298 -8.03 -17.77 -17.87
N LEU D 299 -8.47 -18.58 -16.92
CA LEU D 299 -8.14 -20.00 -16.89
C LEU D 299 -9.12 -20.79 -17.75
N VAL D 300 -8.58 -21.64 -18.61
CA VAL D 300 -9.40 -22.50 -19.47
C VAL D 300 -8.96 -23.95 -19.27
N VAL D 301 -9.63 -24.65 -18.35
CA VAL D 301 -9.34 -26.06 -18.14
C VAL D 301 -10.12 -26.88 -19.18
N ALA D 302 -9.40 -27.50 -20.10
CA ALA D 302 -10.00 -28.12 -21.26
C ALA D 302 -9.99 -29.64 -21.10
N ASP D 303 -11.15 -30.26 -21.29
CA ASP D 303 -11.24 -31.70 -21.41
C ASP D 303 -10.90 -32.18 -22.81
N TYR D 304 -10.59 -31.26 -23.72
CA TYR D 304 -10.29 -31.57 -25.12
C TYR D 304 -11.45 -32.30 -25.80
N LEU D 305 -12.67 -31.85 -25.52
CA LEU D 305 -13.88 -32.52 -25.98
C LEU D 305 -13.89 -32.81 -27.48
N MET E 1 -39.90 -41.40 66.43
CA MET E 1 -39.58 -42.03 65.16
C MET E 1 -40.24 -43.40 65.06
N ILE E 2 -41.00 -43.62 64.00
CA ILE E 2 -41.67 -44.90 63.78
C ILE E 2 -40.79 -45.75 62.88
N VAL E 3 -40.07 -46.70 63.48
CA VAL E 3 -39.18 -47.58 62.72
C VAL E 3 -39.97 -48.43 61.76
N THR E 4 -39.63 -48.36 60.45
CA THR E 4 -40.30 -48.92 59.29
C THR E 4 -39.42 -49.95 58.60
N PRO E 5 -40.00 -51.06 58.12
CA PRO E 5 -39.21 -52.03 57.37
C PRO E 5 -38.71 -51.44 56.06
N ALA E 6 -37.60 -52.00 55.57
CA ALA E 6 -37.01 -51.50 54.33
C ALA E 6 -37.96 -51.69 53.14
N SER E 7 -38.69 -52.80 53.12
CA SER E 7 -39.60 -53.07 52.01
C SER E 7 -40.70 -52.02 51.93
N ILE E 8 -41.24 -51.61 53.08
CA ILE E 8 -42.25 -50.56 53.08
C ILE E 8 -41.64 -49.23 52.70
N LYS E 9 -40.43 -48.93 53.20
CA LYS E 9 -39.80 -47.65 52.92
C LYS E 9 -39.45 -47.48 51.45
N ALA E 10 -39.07 -48.56 50.78
CA ALA E 10 -38.72 -48.49 49.37
C ALA E 10 -39.92 -48.22 48.47
N LEU E 11 -41.14 -48.29 49.00
CA LEU E 11 -42.35 -48.04 48.24
C LEU E 11 -42.78 -46.58 48.26
N MET E 12 -42.08 -45.73 49.04
CA MET E 12 -42.43 -44.33 49.13
C MET E 12 -41.58 -43.49 48.17
N THR E 13 -41.63 -43.80 46.88
CA THR E 13 -40.95 -43.03 45.86
C THR E 13 -41.97 -42.58 44.82
N SER E 14 -41.49 -41.82 43.84
CA SER E 14 -42.33 -41.30 42.77
C SER E 14 -41.84 -41.86 41.44
N TRP E 15 -42.77 -42.24 40.58
CA TRP E 15 -42.44 -42.65 39.22
C TRP E 15 -42.56 -41.44 38.32
N ARG E 16 -41.48 -41.09 37.63
CA ARG E 16 -41.38 -39.81 36.94
C ARG E 16 -41.42 -39.92 35.42
N LYS E 17 -40.95 -41.03 34.85
CA LYS E 17 -40.93 -41.28 33.41
C LYS E 17 -40.43 -40.06 32.63
N ASP E 18 -39.37 -39.43 33.15
CA ASP E 18 -38.72 -38.32 32.48
C ASP E 18 -37.55 -38.73 31.60
N PHE E 19 -37.00 -39.92 31.81
CA PHE E 19 -35.96 -40.46 30.95
C PHE E 19 -36.55 -41.27 29.80
N GLN E 20 -37.87 -41.33 29.69
CA GLN E 20 -38.52 -42.16 28.68
C GLN E 20 -38.11 -41.74 27.28
N GLY E 21 -37.87 -42.73 26.43
CA GLY E 21 -37.40 -42.50 25.08
C GLY E 21 -35.92 -42.76 24.88
N GLY E 22 -35.15 -42.85 25.96
CA GLY E 22 -33.74 -43.14 25.84
C GLY E 22 -32.97 -42.05 25.11
N LEU E 23 -31.95 -42.50 24.39
CA LEU E 23 -31.12 -41.60 23.60
C LEU E 23 -31.55 -41.62 22.14
N GLU E 24 -31.65 -40.45 21.54
CA GLU E 24 -32.08 -40.36 20.15
C GLU E 24 -31.02 -40.94 19.22
N ASP E 25 -31.48 -41.42 18.08
CA ASP E 25 -30.60 -41.97 17.06
C ASP E 25 -29.97 -40.85 16.25
N ALA E 26 -28.96 -41.21 15.45
CA ALA E 26 -28.30 -40.25 14.60
C ALA E 26 -29.24 -39.79 13.49
N PRO E 27 -29.03 -38.59 12.96
CA PRO E 27 -29.86 -38.12 11.84
C PRO E 27 -29.61 -38.91 10.57
N SER E 28 -30.63 -38.96 9.72
CA SER E 28 -30.53 -39.65 8.45
C SER E 28 -29.91 -38.75 7.38
N GLN E 29 -29.05 -39.34 6.55
CA GLN E 29 -28.38 -38.54 5.52
C GLN E 29 -28.33 -39.24 4.16
N TYR E 30 -28.97 -40.38 3.97
CA TYR E 30 -28.82 -41.11 2.72
C TYR E 30 -29.50 -40.44 1.53
N ASN E 31 -30.28 -39.38 1.75
CA ASN E 31 -30.94 -38.68 0.67
C ASN E 31 -30.04 -37.70 -0.06
N LYS E 32 -28.78 -37.58 0.37
CA LYS E 32 -27.80 -36.76 -0.34
C LYS E 32 -26.89 -37.56 -1.24
N ILE E 33 -26.81 -38.88 -1.05
CA ILE E 33 -25.91 -39.74 -1.81
C ILE E 33 -26.66 -40.73 -2.70
N ALA E 34 -27.92 -41.03 -2.41
CA ALA E 34 -28.62 -42.11 -3.07
C ALA E 34 -29.93 -41.60 -3.66
N MET E 35 -30.42 -42.34 -4.66
CA MET E 35 -31.70 -42.06 -5.27
C MET E 35 -32.67 -43.20 -4.99
N VAL E 36 -33.94 -42.85 -4.87
CA VAL E 36 -34.96 -43.77 -4.39
C VAL E 36 -35.90 -44.12 -5.54
N VAL E 37 -36.02 -45.41 -5.84
CA VAL E 37 -36.92 -45.89 -6.86
C VAL E 37 -37.78 -47.00 -6.26
N ASN E 38 -38.89 -47.29 -6.94
CA ASN E 38 -39.81 -48.32 -6.50
C ASN E 38 -39.53 -49.63 -7.21
N SER E 39 -40.01 -50.71 -6.62
CA SER E 39 -39.82 -52.05 -7.17
C SER E 39 -41.11 -52.83 -7.13
N SER E 40 -41.30 -53.68 -8.14
CA SER E 40 -42.37 -54.66 -8.16
C SER E 40 -41.77 -55.97 -8.63
N THR E 41 -42.39 -57.08 -8.24
CA THR E 41 -41.87 -58.42 -8.53
C THR E 41 -40.48 -58.59 -7.94
N ARG E 42 -39.65 -59.42 -8.57
CA ARG E 42 -38.40 -59.84 -7.96
C ARG E 42 -37.31 -58.79 -8.01
N SER E 43 -37.15 -58.08 -9.12
CA SER E 43 -36.03 -57.17 -9.28
C SER E 43 -36.36 -56.11 -10.32
N ASN E 44 -35.54 -55.06 -10.34
CA ASN E 44 -35.61 -54.01 -11.35
C ASN E 44 -34.47 -54.19 -12.33
N THR E 45 -34.75 -53.92 -13.60
CA THR E 45 -33.74 -54.01 -14.65
C THR E 45 -33.56 -52.65 -15.30
N TYR E 46 -32.31 -52.20 -15.41
CA TYR E 46 -31.97 -50.89 -15.94
C TYR E 46 -31.22 -51.03 -17.24
N GLY E 47 -31.44 -50.09 -18.15
CA GLY E 47 -30.77 -50.12 -19.44
C GLY E 47 -30.61 -48.76 -20.09
N TRP E 48 -29.53 -48.57 -20.84
CA TRP E 48 -29.29 -47.32 -21.54
C TRP E 48 -28.48 -47.61 -22.80
N LEU E 49 -28.55 -46.67 -23.75
CA LEU E 49 -27.87 -46.80 -25.03
C LEU E 49 -26.54 -46.04 -25.01
N GLY E 50 -25.63 -46.47 -25.87
CA GLY E 50 -24.31 -45.86 -25.94
C GLY E 50 -24.30 -44.52 -26.65
N LYS E 51 -23.23 -44.24 -27.39
CA LYS E 51 -23.06 -42.96 -28.06
C LYS E 51 -22.76 -43.18 -29.52
N PHE E 52 -23.17 -42.23 -30.36
CA PHE E 52 -22.89 -42.33 -31.78
C PHE E 52 -21.39 -42.27 -32.03
N PRO E 53 -20.87 -42.96 -33.04
CA PRO E 53 -19.44 -42.89 -33.32
C PRO E 53 -19.02 -41.49 -33.74
N THR E 54 -17.79 -41.14 -33.42
CA THR E 54 -17.25 -39.86 -33.86
C THR E 54 -17.13 -39.83 -35.37
N LEU E 55 -17.38 -38.65 -35.95
CA LEU E 55 -17.31 -38.49 -37.39
C LEU E 55 -15.88 -38.67 -37.88
N LYS E 56 -15.72 -39.39 -38.99
CA LYS E 56 -14.43 -39.62 -39.60
C LYS E 56 -14.49 -39.21 -41.07
N GLU E 57 -13.32 -38.94 -41.64
CA GLU E 57 -13.25 -38.37 -42.98
C GLU E 57 -13.88 -39.30 -44.02
N TRP E 58 -14.66 -38.71 -44.92
CA TRP E 58 -15.37 -39.46 -45.96
C TRP E 58 -14.47 -39.58 -47.18
N VAL E 59 -13.90 -40.77 -47.38
CA VAL E 59 -12.98 -41.00 -48.49
C VAL E 59 -13.61 -41.83 -49.60
N GLY E 60 -14.26 -42.93 -49.25
CA GLY E 60 -14.89 -43.77 -50.26
C GLY E 60 -16.39 -43.76 -50.18
N LYS E 61 -16.97 -44.82 -49.62
CA LYS E 61 -18.40 -44.92 -49.36
C LYS E 61 -18.62 -45.08 -47.86
N ARG E 62 -19.81 -44.70 -47.41
CA ARG E 62 -20.11 -44.71 -45.98
C ARG E 62 -19.92 -46.11 -45.41
N THR E 63 -19.33 -46.17 -44.22
CA THR E 63 -19.08 -47.44 -43.53
C THR E 63 -20.12 -47.59 -42.43
N ILE E 64 -20.87 -48.69 -42.46
CA ILE E 64 -21.86 -48.96 -41.42
C ILE E 64 -21.14 -49.43 -40.17
N GLN E 65 -21.46 -48.84 -39.04
CA GLN E 65 -20.83 -49.14 -37.77
C GLN E 65 -21.86 -49.63 -36.76
N GLN E 66 -21.40 -49.88 -35.53
CA GLN E 66 -22.23 -50.50 -34.50
C GLN E 66 -22.15 -49.72 -33.21
N MET E 67 -23.28 -49.67 -32.50
CA MET E 67 -23.41 -49.09 -31.18
C MET E 67 -23.51 -50.23 -30.16
N GLU E 68 -23.84 -49.87 -28.91
CA GLU E 68 -23.91 -50.86 -27.85
C GLU E 68 -24.96 -50.44 -26.83
N ALA E 69 -25.63 -51.43 -26.25
CA ALA E 69 -26.59 -51.23 -25.18
C ALA E 69 -26.13 -51.98 -23.93
N HIS E 70 -26.53 -51.48 -22.76
CA HIS E 70 -26.10 -52.03 -21.48
C HIS E 70 -27.30 -52.42 -20.63
N GLY E 71 -27.05 -53.32 -19.67
CA GLY E 71 -28.08 -53.77 -18.77
C GLY E 71 -27.53 -54.02 -17.38
N TYR E 72 -28.43 -54.00 -16.40
CA TYR E 72 -28.06 -54.12 -15.01
C TYR E 72 -29.33 -54.32 -14.18
N SER E 73 -29.25 -55.17 -13.15
CA SER E 73 -30.42 -55.48 -12.34
C SER E 73 -30.03 -55.68 -10.87
N ILE E 74 -30.93 -55.28 -9.97
CA ILE E 74 -30.73 -55.40 -8.53
C ILE E 74 -31.92 -56.15 -7.95
N ALA E 75 -31.65 -57.19 -7.17
CA ALA E 75 -32.68 -58.03 -6.60
C ALA E 75 -33.00 -57.63 -5.17
N ASN E 76 -34.28 -57.71 -4.80
CA ASN E 76 -34.73 -57.28 -3.48
C ASN E 76 -34.36 -58.33 -2.43
N LYS E 77 -34.57 -57.95 -1.16
CA LYS E 77 -34.26 -58.80 -0.02
C LYS E 77 -35.35 -58.62 1.04
N THR E 78 -35.35 -59.52 2.02
CA THR E 78 -36.32 -59.51 3.09
C THR E 78 -35.63 -59.40 4.44
N PHE E 79 -36.23 -58.64 5.33
CA PHE E 79 -35.64 -58.33 6.63
C PHE E 79 -36.67 -58.54 7.73
N GLU E 80 -36.19 -58.90 8.92
CA GLU E 80 -37.08 -59.23 10.04
C GLU E 80 -36.44 -58.83 11.36
N GLY E 81 -37.30 -58.63 12.36
CA GLY E 81 -36.87 -58.41 13.72
C GLY E 81 -38.01 -58.61 14.69
N THR E 82 -37.79 -59.39 15.74
CA THR E 82 -38.86 -59.73 16.68
C THR E 82 -38.32 -59.90 18.08
N VAL E 83 -39.19 -59.66 19.06
CA VAL E 83 -38.87 -59.80 20.48
C VAL E 83 -40.00 -60.54 21.17
N GLY E 84 -39.69 -61.11 22.33
CA GLY E 84 -40.69 -61.82 23.10
C GLY E 84 -40.79 -61.35 24.53
N ILE E 85 -41.97 -60.89 24.93
CA ILE E 85 -42.23 -60.44 26.29
C ILE E 85 -43.35 -61.30 26.85
N SER E 86 -43.13 -61.85 28.05
CA SER E 86 -44.07 -62.81 28.62
C SER E 86 -45.41 -62.14 28.91
N ARG E 87 -46.47 -62.97 28.90
CA ARG E 87 -47.81 -62.44 29.12
C ARG E 87 -47.97 -61.87 30.51
N ASP E 88 -47.43 -62.56 31.52
CA ASP E 88 -47.53 -62.09 32.89
C ASP E 88 -46.84 -60.74 33.06
N ASP E 89 -45.59 -60.64 32.58
CA ASP E 89 -44.84 -59.40 32.74
C ASP E 89 -45.49 -58.25 31.99
N PHE E 90 -46.10 -58.54 30.84
CA PHE E 90 -46.80 -57.50 30.11
C PHE E 90 -48.06 -57.05 30.85
N GLU E 91 -48.78 -57.98 31.47
CA GLU E 91 -50.02 -57.65 32.15
C GLU E 91 -49.83 -57.17 33.57
N ASP E 92 -48.78 -57.63 34.27
CA ASP E 92 -48.50 -57.17 35.62
C ASP E 92 -47.55 -55.97 35.55
N ASP E 93 -48.07 -54.87 35.02
CA ASP E 93 -47.27 -53.67 34.77
C ASP E 93 -48.13 -52.44 34.98
N ASN E 94 -48.00 -51.82 36.15
CA ASN E 94 -48.70 -50.58 36.43
C ASN E 94 -47.88 -49.34 36.10
N LEU E 95 -46.56 -49.49 36.08
CA LEU E 95 -45.68 -48.35 35.81
C LEU E 95 -45.81 -47.89 34.36
N GLY E 96 -46.03 -48.81 33.43
CA GLY E 96 -46.04 -48.48 32.03
C GLY E 96 -44.66 -48.48 31.39
N ILE E 97 -43.68 -49.13 32.03
CA ILE E 97 -42.32 -49.10 31.52
C ILE E 97 -42.21 -49.85 30.20
N TYR E 98 -42.98 -50.92 30.04
CA TYR E 98 -42.97 -51.71 28.80
C TYR E 98 -43.90 -51.15 27.73
N ALA E 99 -44.61 -50.06 28.01
CA ALA E 99 -45.60 -49.57 27.05
C ALA E 99 -45.03 -49.19 25.70
N PRO E 100 -43.93 -48.42 25.60
CA PRO E 100 -43.46 -48.06 24.25
C PRO E 100 -42.53 -49.10 23.63
N ILE E 101 -43.11 -50.19 23.13
CA ILE E 101 -42.34 -51.17 22.36
C ILE E 101 -42.66 -50.97 20.90
N PHE E 102 -43.86 -50.49 20.61
CA PHE E 102 -44.24 -50.23 19.22
C PHE E 102 -43.40 -49.13 18.61
N GLN E 103 -43.20 -48.03 19.34
CA GLN E 103 -42.41 -46.92 18.82
C GLN E 103 -40.94 -47.31 18.66
N GLU E 104 -40.40 -48.02 19.64
CA GLU E 104 -39.02 -48.49 19.54
C GLU E 104 -38.84 -49.45 18.37
N MET E 105 -39.90 -50.19 17.99
CA MET E 105 -39.84 -51.07 16.83
C MET E 105 -39.89 -50.26 15.54
N GLY E 106 -40.76 -49.26 15.48
CA GLY E 106 -40.84 -48.41 14.30
C GLY E 106 -39.56 -47.65 14.04
N ARG E 107 -38.91 -47.18 15.09
CA ARG E 107 -37.64 -46.46 14.92
C ARG E 107 -36.57 -47.36 14.33
N SER E 108 -36.47 -48.60 14.83
CA SER E 108 -35.49 -49.52 14.29
C SER E 108 -35.81 -49.92 12.86
N ALA E 109 -37.10 -49.96 12.50
CA ALA E 109 -37.45 -50.17 11.10
C ALA E 109 -37.02 -48.98 10.24
N ALA E 110 -37.23 -47.76 10.72
CA ALA E 110 -36.94 -46.57 9.93
C ALA E 110 -35.46 -46.27 9.81
N VAL E 111 -34.64 -46.73 10.76
CA VAL E 111 -33.20 -46.50 10.70
C VAL E 111 -32.51 -47.27 9.59
N GLN E 112 -33.15 -48.33 9.09
CA GLN E 112 -32.46 -49.28 8.21
C GLN E 112 -31.89 -48.67 6.93
N PRO E 113 -32.60 -47.81 6.19
CA PRO E 113 -32.06 -47.37 4.89
C PRO E 113 -30.67 -46.75 4.98
N ASP E 114 -30.40 -45.98 6.02
CA ASP E 114 -29.06 -45.39 6.17
C ASP E 114 -28.01 -46.46 6.37
N GLU E 115 -28.30 -47.44 7.22
CA GLU E 115 -27.39 -48.58 7.39
C GLU E 115 -27.12 -49.25 6.04
N LEU E 116 -28.16 -49.51 5.28
CA LEU E 116 -28.00 -50.20 4.00
C LEU E 116 -27.13 -49.40 3.04
N ILE E 117 -27.45 -48.12 2.84
CA ILE E 117 -26.75 -47.31 1.85
C ILE E 117 -25.29 -47.13 2.25
N PHE E 118 -25.04 -46.58 3.43
CA PHE E 118 -23.66 -46.23 3.80
C PHE E 118 -22.86 -47.48 4.11
N LYS E 119 -23.36 -48.65 3.76
CA LYS E 119 -22.57 -49.89 3.94
C LYS E 119 -22.21 -50.35 2.55
N LEU E 120 -22.94 -49.89 1.54
CA LEU E 120 -22.68 -50.25 0.14
C LEU E 120 -21.44 -49.48 -0.29
N LEU E 121 -21.14 -48.33 0.32
CA LEU E 121 -19.85 -47.64 0.02
C LEU E 121 -18.77 -48.34 0.80
N LYS E 122 -18.85 -48.26 2.11
CA LYS E 122 -17.85 -48.93 2.97
C LYS E 122 -17.40 -50.24 2.34
N ASP E 123 -18.29 -51.03 1.75
CA ASP E 123 -17.75 -52.29 1.25
C ASP E 123 -17.86 -52.38 -0.27
N GLY E 124 -17.65 -51.26 -0.95
CA GLY E 124 -17.67 -51.26 -2.39
C GLY E 124 -16.46 -51.87 -3.05
N PHE E 125 -15.46 -52.25 -2.29
CA PHE E 125 -14.27 -52.90 -2.81
C PHE E 125 -14.49 -54.38 -3.10
N THR E 126 -15.62 -54.95 -2.67
CA THR E 126 -15.91 -56.36 -2.87
C THR E 126 -17.18 -56.63 -3.65
N GLN E 127 -18.14 -55.72 -3.63
CA GLN E 127 -19.38 -55.95 -4.35
C GLN E 127 -19.25 -55.46 -5.80
N PRO E 128 -19.87 -56.15 -6.75
CA PRO E 128 -19.71 -55.82 -8.17
C PRO E 128 -20.72 -54.80 -8.67
N CYS E 129 -20.37 -54.20 -9.81
CA CYS E 129 -21.24 -53.24 -10.49
C CYS E 129 -21.60 -53.74 -11.88
N TYR E 130 -22.21 -52.89 -12.70
CA TYR E 130 -22.76 -53.33 -13.97
C TYR E 130 -21.68 -53.84 -14.91
N ASP E 131 -20.45 -53.34 -14.79
CA ASP E 131 -19.39 -53.73 -15.71
C ASP E 131 -18.72 -55.04 -15.33
N GLY E 132 -19.09 -55.64 -14.20
CA GLY E 132 -18.61 -56.93 -13.78
C GLY E 132 -17.56 -56.88 -12.68
N GLN E 133 -16.74 -55.85 -12.66
CA GLN E 133 -15.72 -55.71 -11.63
C GLN E 133 -16.35 -55.11 -10.37
N ASN E 134 -15.54 -54.91 -9.34
CA ASN E 134 -16.03 -54.26 -8.13
C ASN E 134 -16.25 -52.77 -8.40
N PHE E 135 -17.03 -52.14 -7.52
CA PHE E 135 -17.28 -50.71 -7.67
C PHE E 135 -15.97 -49.92 -7.59
N PHE E 136 -15.15 -50.21 -6.59
CA PHE E 136 -13.85 -49.56 -6.42
C PHE E 136 -12.80 -50.57 -6.83
N ASP E 137 -12.40 -50.54 -8.10
CA ASP E 137 -11.46 -51.50 -8.65
C ASP E 137 -10.35 -50.78 -9.39
N LYS E 138 -9.18 -51.40 -9.42
CA LYS E 138 -8.01 -50.82 -10.11
C LYS E 138 -7.93 -51.36 -11.53
N GLU E 139 -9.00 -51.97 -12.02
CA GLU E 139 -9.03 -52.44 -13.43
C GLU E 139 -10.45 -52.40 -13.98
N HIS E 140 -10.91 -51.24 -14.44
CA HIS E 140 -12.24 -51.10 -15.04
C HIS E 140 -12.03 -50.96 -16.54
N PRO E 141 -12.52 -51.89 -17.37
CA PRO E 141 -12.23 -51.91 -18.81
C PRO E 141 -12.87 -50.77 -19.58
N VAL E 142 -12.06 -49.99 -20.30
CA VAL E 142 -12.54 -48.95 -21.19
C VAL E 142 -12.06 -49.29 -22.59
N TYR E 143 -12.99 -49.42 -23.53
CA TYR E 143 -12.67 -49.89 -24.86
C TYR E 143 -12.44 -48.72 -25.81
N PRO E 144 -11.62 -48.91 -26.85
CA PRO E 144 -11.38 -47.82 -27.80
C PRO E 144 -12.45 -47.64 -28.87
N ASN E 145 -13.45 -48.52 -28.92
CA ASN E 145 -14.52 -48.42 -29.90
C ASN E 145 -15.85 -48.28 -29.18
N VAL E 146 -16.80 -47.63 -29.85
CA VAL E 146 -18.12 -47.42 -29.25
C VAL E 146 -18.82 -48.74 -29.00
N ASP E 147 -18.74 -49.67 -29.95
CA ASP E 147 -19.46 -50.93 -29.81
C ASP E 147 -18.91 -51.78 -28.67
N GLY E 148 -17.77 -51.40 -28.13
CA GLY E 148 -17.19 -52.16 -27.00
C GLY E 148 -16.15 -53.15 -27.50
N THR E 149 -15.90 -53.18 -28.80
CA THR E 149 -14.85 -54.07 -29.35
C THR E 149 -13.49 -53.40 -29.17
N GLY E 150 -12.43 -54.20 -29.03
CA GLY E 150 -11.08 -53.62 -28.93
C GLY E 150 -10.37 -54.03 -27.66
N SER E 151 -9.05 -53.83 -27.62
CA SER E 151 -8.29 -54.09 -26.40
C SER E 151 -8.59 -53.01 -25.37
N ALA E 152 -8.88 -53.45 -24.14
CA ALA E 152 -9.30 -52.54 -23.09
C ALA E 152 -8.11 -51.99 -22.32
N VAL E 153 -8.25 -50.76 -21.83
CA VAL E 153 -7.30 -50.16 -20.91
C VAL E 153 -7.94 -50.19 -19.52
N ASN E 154 -7.12 -50.15 -18.48
CA ASN E 154 -7.59 -50.36 -17.12
C ASN E 154 -7.54 -49.05 -16.34
N THR E 155 -8.70 -48.42 -16.19
CA THR E 155 -8.82 -47.24 -15.33
C THR E 155 -9.02 -47.67 -13.88
N SER E 156 -8.92 -46.71 -12.97
CA SER E 156 -8.98 -47.00 -11.54
C SER E 156 -9.91 -46.03 -10.84
N ASN E 157 -10.54 -46.53 -9.77
CA ASN E 157 -11.36 -45.71 -8.87
C ASN E 157 -10.72 -45.53 -7.51
N ILE E 158 -9.49 -45.98 -7.33
CA ILE E 158 -8.86 -46.04 -6.02
C ILE E 158 -7.58 -45.20 -6.05
N VAL E 159 -7.44 -44.33 -5.05
CA VAL E 159 -6.20 -43.63 -4.79
C VAL E 159 -5.53 -44.27 -3.59
N GLU E 160 -4.33 -44.81 -3.78
CA GLU E 160 -3.66 -45.59 -2.75
C GLU E 160 -2.40 -44.87 -2.29
N GLN E 161 -2.25 -44.74 -0.98
CA GLN E 161 -1.01 -44.26 -0.41
C GLN E 161 -0.03 -45.42 -0.27
N ASP E 162 1.20 -45.10 0.15
CA ASP E 162 2.26 -46.11 0.22
C ASP E 162 1.90 -47.20 1.23
N SER E 163 1.81 -46.84 2.51
CA SER E 163 1.51 -47.79 3.57
C SER E 163 0.45 -47.13 4.47
N PHE E 164 -0.81 -47.41 4.16
CA PHE E 164 -1.94 -46.78 4.83
C PHE E 164 -2.76 -47.84 5.56
N SER E 165 -3.08 -47.57 6.82
CA SER E 165 -3.86 -48.48 7.65
C SER E 165 -4.91 -47.72 8.45
N GLY E 166 -5.55 -46.75 7.83
CA GLY E 166 -6.58 -45.97 8.51
C GLY E 166 -7.96 -46.15 7.91
N LEU E 167 -8.70 -45.06 7.74
CA LEU E 167 -10.04 -45.08 7.20
C LEU E 167 -10.09 -44.30 5.89
N PRO E 168 -10.68 -44.86 4.84
CA PRO E 168 -10.78 -44.15 3.57
C PRO E 168 -11.88 -43.10 3.58
N PHE E 169 -11.87 -42.26 2.54
CA PHE E 169 -12.91 -41.28 2.32
C PHE E 169 -13.22 -41.22 0.83
N TYR E 170 -14.43 -40.79 0.49
CA TYR E 170 -14.98 -40.97 -0.84
C TYR E 170 -15.47 -39.65 -1.42
N LEU E 171 -15.27 -39.48 -2.73
CA LEU E 171 -15.71 -38.30 -3.46
C LEU E 171 -16.72 -38.74 -4.52
N LEU E 172 -17.89 -38.12 -4.55
CA LEU E 172 -18.99 -38.56 -5.40
C LEU E 172 -19.55 -37.39 -6.20
N ASP E 173 -20.24 -37.73 -7.29
CA ASP E 173 -20.87 -36.75 -8.17
C ASP E 173 -22.38 -36.85 -8.02
N CYS E 174 -22.90 -36.20 -6.98
CA CYS E 174 -24.33 -36.18 -6.73
C CYS E 174 -24.95 -34.91 -7.35
N SER E 175 -24.74 -34.76 -8.66
CA SER E 175 -25.18 -33.57 -9.38
C SER E 175 -26.06 -33.87 -10.57
N ARG E 176 -25.97 -35.07 -11.15
CA ARG E 176 -26.76 -35.43 -12.32
C ARG E 176 -28.10 -36.00 -11.89
N ALA E 177 -28.86 -36.52 -12.85
CA ALA E 177 -30.14 -37.15 -12.53
C ALA E 177 -29.93 -38.49 -11.84
N VAL E 178 -28.85 -39.18 -12.18
CA VAL E 178 -28.54 -40.50 -11.63
C VAL E 178 -27.51 -40.32 -10.53
N LYS E 179 -27.88 -40.60 -9.29
CA LYS E 179 -26.94 -40.58 -8.20
C LYS E 179 -26.06 -41.82 -8.24
N PRO E 180 -24.87 -41.77 -7.62
CA PRO E 180 -23.99 -42.95 -7.67
C PRO E 180 -24.53 -44.16 -6.93
N LEU E 181 -25.49 -44.00 -6.03
CA LEU E 181 -26.04 -45.10 -5.26
C LEU E 181 -27.55 -45.15 -5.45
N ILE E 182 -28.11 -46.35 -5.38
CA ILE E 182 -29.53 -46.57 -5.60
C ILE E 182 -30.12 -47.25 -4.37
N PHE E 183 -31.27 -46.75 -3.93
CA PHE E 183 -32.06 -47.39 -2.87
C PHE E 183 -33.44 -47.67 -3.43
N GLN E 184 -33.79 -48.94 -3.54
CA GLN E 184 -35.10 -49.33 -4.03
C GLN E 184 -35.86 -50.08 -2.95
N GLU E 185 -37.17 -49.78 -2.86
CA GLU E 185 -38.04 -50.38 -1.85
C GLU E 185 -39.23 -51.03 -2.53
N ARG E 186 -39.54 -52.26 -2.13
CA ARG E 186 -40.68 -52.98 -2.69
C ARG E 186 -41.92 -52.87 -1.81
N ARG E 187 -41.82 -53.27 -0.55
CA ARG E 187 -42.94 -53.24 0.38
C ARG E 187 -42.58 -52.45 1.61
N LYS E 188 -43.48 -51.57 2.03
CA LYS E 188 -43.27 -50.76 3.22
C LYS E 188 -43.29 -51.64 4.46
N PRO E 189 -42.59 -51.23 5.52
CA PRO E 189 -42.56 -52.03 6.74
C PRO E 189 -43.95 -52.24 7.32
N GLU E 190 -44.19 -53.46 7.82
CA GLU E 190 -45.43 -53.79 8.49
C GLU E 190 -45.14 -54.16 9.94
N LEU E 191 -45.94 -53.63 10.85
CA LEU E 191 -45.70 -53.73 12.28
C LEU E 191 -46.90 -54.45 12.91
N VAL E 192 -46.64 -55.58 13.56
CA VAL E 192 -47.69 -56.43 14.10
C VAL E 192 -47.38 -56.78 15.55
N ALA E 193 -48.39 -56.69 16.41
CA ALA E 193 -48.28 -57.09 17.81
C ALA E 193 -49.25 -58.25 18.04
N ARG E 194 -48.70 -59.44 18.31
CA ARG E 194 -49.49 -60.65 18.47
C ARG E 194 -49.82 -60.83 19.95
N THR E 195 -50.91 -60.17 20.38
CA THR E 195 -51.31 -60.19 21.77
C THR E 195 -52.74 -60.68 21.93
N ARG E 196 -53.07 -61.79 21.27
CA ARG E 196 -54.39 -62.40 21.36
C ARG E 196 -54.27 -63.77 22.00
N ILE E 197 -55.21 -64.08 22.89
CA ILE E 197 -55.14 -65.36 23.62
C ILE E 197 -55.29 -66.53 22.66
N ASP E 198 -56.21 -66.43 21.71
CA ASP E 198 -56.42 -67.49 20.73
C ASP E 198 -55.27 -67.46 19.70
N ASP E 199 -54.12 -67.95 20.13
CA ASP E 199 -52.94 -68.00 19.29
C ASP E 199 -52.04 -69.13 19.76
N ASP E 200 -51.33 -69.76 18.83
CA ASP E 200 -50.53 -70.92 19.16
C ASP E 200 -49.41 -70.57 20.14
N HIS E 201 -48.75 -69.44 19.91
CA HIS E 201 -47.63 -69.06 20.78
C HIS E 201 -48.10 -68.53 22.13
N VAL E 202 -49.33 -68.04 22.23
CA VAL E 202 -49.85 -67.56 23.50
C VAL E 202 -50.53 -68.67 24.30
N PHE E 203 -50.77 -69.82 23.69
CA PHE E 203 -51.29 -70.99 24.38
C PHE E 203 -50.17 -71.96 24.73
N MET E 204 -49.38 -72.39 23.75
CA MET E 204 -48.26 -73.28 24.01
C MET E 204 -47.14 -72.60 24.79
N ASP E 205 -47.21 -71.27 24.93
CA ASP E 205 -46.25 -70.56 25.75
C ASP E 205 -46.91 -69.28 26.25
N ASN E 206 -46.36 -68.72 27.31
CA ASN E 206 -46.90 -67.49 27.90
C ASN E 206 -46.14 -66.28 27.38
N GLU E 207 -46.22 -66.04 26.07
CA GLU E 207 -45.43 -65.01 25.42
C GLU E 207 -46.28 -64.14 24.51
N PHE E 208 -45.85 -62.90 24.35
CA PHE E 208 -46.38 -61.99 23.33
C PHE E 208 -45.26 -61.69 22.35
N LEU E 209 -45.62 -61.50 21.08
CA LEU E 209 -44.63 -61.32 20.02
C LEU E 209 -44.88 -60.02 19.27
N PHE E 210 -43.82 -59.21 19.12
CA PHE E 210 -43.83 -58.01 18.31
C PHE E 210 -42.85 -58.20 17.16
N GLY E 211 -43.33 -58.04 15.93
CA GLY E 211 -42.53 -58.33 14.77
C GLY E 211 -42.58 -57.24 13.72
N ALA E 212 -41.58 -57.24 12.85
CA ALA E 212 -41.45 -56.25 11.78
C ALA E 212 -40.83 -56.92 10.56
N SER E 213 -41.14 -56.38 9.38
CA SER E 213 -40.68 -56.98 8.13
C SER E 213 -40.62 -55.90 7.05
N THR E 214 -39.52 -55.90 6.29
CA THR E 214 -39.32 -54.93 5.22
C THR E 214 -38.76 -55.65 3.99
N ARG E 215 -39.14 -55.18 2.81
CA ARG E 215 -38.60 -55.67 1.54
C ARG E 215 -37.95 -54.51 0.80
N ARG E 216 -36.63 -54.54 0.71
CA ARG E 216 -35.87 -53.44 0.13
C ARG E 216 -34.48 -53.95 -0.22
N ALA E 217 -33.79 -53.20 -1.09
CA ALA E 217 -32.43 -53.51 -1.46
C ALA E 217 -31.72 -52.25 -1.92
N ALA E 218 -30.40 -52.33 -1.98
CA ALA E 218 -29.55 -51.21 -2.37
C ALA E 218 -28.51 -51.67 -3.38
N GLY E 219 -28.29 -50.86 -4.42
CA GLY E 219 -27.36 -51.22 -5.47
C GLY E 219 -26.55 -50.02 -5.93
N TYR E 220 -25.63 -50.29 -6.85
CA TYR E 220 -24.72 -49.27 -7.34
C TYR E 220 -25.25 -48.61 -8.62
N GLY E 221 -24.63 -47.49 -8.97
CA GLY E 221 -24.99 -46.77 -10.18
C GLY E 221 -23.92 -46.83 -11.24
N PHE E 222 -23.21 -45.72 -11.44
CA PHE E 222 -22.09 -45.66 -12.38
C PHE E 222 -20.79 -45.65 -11.61
N TRP E 223 -19.85 -46.50 -12.02
CA TRP E 223 -18.55 -46.54 -11.34
C TRP E 223 -17.71 -45.30 -11.63
N GLN E 224 -18.07 -44.52 -12.64
CA GLN E 224 -17.32 -43.34 -13.02
C GLN E 224 -17.71 -42.13 -12.20
N MET E 225 -18.52 -42.29 -11.16
CA MET E 225 -18.99 -41.16 -10.38
C MET E 225 -18.68 -41.34 -8.90
N ALA E 226 -17.66 -42.12 -8.55
CA ALA E 226 -17.25 -42.28 -7.17
C ALA E 226 -15.81 -42.74 -7.14
N VAL E 227 -15.03 -42.16 -6.23
CA VAL E 227 -13.60 -42.44 -6.10
C VAL E 227 -13.28 -42.63 -4.63
N ALA E 228 -12.58 -43.71 -4.30
CA ALA E 228 -12.20 -44.02 -2.93
C ALA E 228 -10.74 -43.66 -2.71
N VAL E 229 -10.49 -42.77 -1.76
CA VAL E 229 -9.14 -42.33 -1.45
C VAL E 229 -8.71 -43.07 -0.19
N LYS E 230 -7.87 -44.10 -0.38
CA LYS E 230 -7.29 -44.84 0.74
C LYS E 230 -6.00 -44.15 1.17
N GLY E 231 -6.17 -43.03 1.86
CA GLY E 231 -5.03 -42.28 2.34
C GLY E 231 -5.46 -41.23 3.34
N ASP E 232 -4.49 -40.45 3.79
CA ASP E 232 -4.77 -39.39 4.75
C ASP E 232 -5.61 -38.29 4.12
N LEU E 233 -6.43 -37.64 4.94
CA LEU E 233 -7.26 -36.54 4.49
C LEU E 233 -6.41 -35.26 4.48
N THR E 234 -5.55 -35.18 3.48
CA THR E 234 -4.72 -34.01 3.26
C THR E 234 -5.11 -33.36 1.94
N LEU E 235 -4.53 -32.18 1.68
CA LEU E 235 -4.86 -31.46 0.46
C LEU E 235 -4.40 -32.22 -0.78
N ASP E 236 -3.22 -32.82 -0.73
CA ASP E 236 -2.67 -33.50 -1.89
C ASP E 236 -3.55 -34.66 -2.30
N ASN E 237 -4.00 -35.47 -1.34
CA ASN E 237 -4.85 -36.61 -1.66
C ASN E 237 -6.20 -36.18 -2.19
N LEU E 238 -6.77 -35.11 -1.62
CA LEU E 238 -8.04 -34.60 -2.12
C LEU E 238 -7.92 -34.14 -3.56
N TRP E 239 -6.84 -33.44 -3.88
CA TRP E 239 -6.65 -33.00 -5.26
C TRP E 239 -6.38 -34.17 -6.19
N LYS E 240 -5.66 -35.19 -5.71
CA LYS E 240 -5.43 -36.37 -6.54
C LYS E 240 -6.75 -37.07 -6.87
N GLY E 241 -7.63 -37.22 -5.89
CA GLY E 241 -8.93 -37.80 -6.16
C GLY E 241 -9.75 -36.96 -7.11
N TRP E 242 -9.72 -35.63 -6.92
CA TRP E 242 -10.46 -34.74 -7.81
C TRP E 242 -10.00 -34.89 -9.26
N GLN E 243 -8.69 -34.84 -9.49
CA GLN E 243 -8.18 -34.95 -10.85
C GLN E 243 -8.39 -36.34 -11.44
N LEU E 244 -8.24 -37.39 -10.64
CA LEU E 244 -8.50 -38.74 -11.13
C LEU E 244 -9.94 -38.87 -11.59
N MET E 245 -10.87 -38.33 -10.79
CA MET E 245 -12.27 -38.39 -11.18
C MET E 245 -12.56 -37.56 -12.43
N ARG E 246 -11.88 -36.41 -12.58
CA ARG E 246 -12.08 -35.59 -13.76
C ARG E 246 -11.38 -36.14 -15.00
N SER E 247 -10.53 -37.16 -14.85
CA SER E 247 -9.80 -37.71 -15.99
C SER E 247 -10.51 -38.87 -16.67
N PHE E 248 -11.69 -39.26 -16.20
CA PHE E 248 -12.38 -40.42 -16.76
C PHE E 248 -12.96 -40.10 -18.14
N GLU E 249 -13.06 -41.12 -18.99
CA GLU E 249 -13.66 -40.97 -20.31
C GLU E 249 -14.44 -42.23 -20.65
N GLY E 250 -15.32 -42.10 -21.64
CA GLY E 250 -16.17 -43.20 -22.06
C GLY E 250 -15.50 -44.10 -23.09
N ASP E 251 -16.33 -44.89 -23.76
CA ASP E 251 -15.86 -45.84 -24.76
C ASP E 251 -15.74 -45.13 -26.11
N GLY E 252 -14.57 -45.21 -26.71
CA GLY E 252 -14.31 -44.59 -27.99
C GLY E 252 -13.71 -43.20 -27.92
N GLY E 253 -13.01 -42.85 -26.85
CA GLY E 253 -12.43 -41.53 -26.73
C GLY E 253 -13.47 -40.43 -26.58
N LYS E 254 -14.55 -40.71 -25.86
CA LYS E 254 -15.58 -39.72 -25.60
C LYS E 254 -15.30 -39.04 -24.26
N LYS E 255 -15.24 -37.72 -24.26
CA LYS E 255 -14.95 -36.97 -23.05
C LYS E 255 -16.23 -36.76 -22.24
N LEU E 256 -16.15 -37.03 -20.95
CA LEU E 256 -17.29 -36.89 -20.04
C LEU E 256 -16.98 -35.79 -19.03
N GLY E 257 -17.95 -34.90 -18.83
CA GLY E 257 -17.80 -33.86 -17.84
C GLY E 257 -18.27 -34.28 -16.46
N LEU E 258 -17.34 -34.71 -15.62
CA LEU E 258 -17.63 -35.15 -14.27
C LEU E 258 -16.68 -34.47 -13.30
N LYS E 259 -17.16 -34.20 -12.09
CA LYS E 259 -16.33 -33.57 -11.07
C LYS E 259 -16.97 -33.79 -9.71
N PRO E 260 -16.17 -33.96 -8.66
CA PRO E 260 -16.74 -34.26 -7.34
C PRO E 260 -17.65 -33.15 -6.86
N THR E 261 -18.66 -33.54 -6.09
CA THR E 261 -19.61 -32.58 -5.53
C THR E 261 -19.73 -32.77 -4.02
N HIS E 262 -19.68 -34.02 -3.58
CA HIS E 262 -19.79 -34.36 -2.16
C HIS E 262 -18.55 -35.10 -1.72
N ILE E 263 -18.24 -35.00 -0.42
CA ILE E 263 -17.18 -35.80 0.20
C ILE E 263 -17.78 -36.42 1.45
N VAL E 264 -17.61 -37.73 1.60
CA VAL E 264 -18.17 -38.46 2.73
C VAL E 264 -17.03 -39.04 3.56
N VAL E 265 -17.06 -38.77 4.86
CA VAL E 265 -16.01 -39.23 5.77
C VAL E 265 -16.64 -39.87 6.99
N PRO E 266 -15.93 -40.79 7.62
CA PRO E 266 -16.37 -41.32 8.91
C PRO E 266 -16.33 -40.24 9.99
N VAL E 267 -16.71 -40.63 11.20
CA VAL E 267 -16.68 -39.71 12.34
C VAL E 267 -15.29 -39.73 12.96
N GLY E 268 -14.36 -40.43 12.33
CA GLY E 268 -12.99 -40.44 12.81
C GLY E 268 -12.12 -39.44 12.09
N LEU E 269 -12.65 -38.84 11.03
CA LEU E 269 -11.91 -37.90 10.20
C LEU E 269 -12.53 -36.50 10.25
N GLU E 270 -13.41 -36.27 11.22
CA GLU E 270 -14.07 -34.97 11.32
C GLU E 270 -13.08 -33.86 11.63
N LYS E 271 -12.08 -34.14 12.46
CA LYS E 271 -11.08 -33.13 12.78
C LYS E 271 -10.37 -32.65 11.53
N ALA E 272 -9.84 -33.58 10.73
CA ALA E 272 -9.15 -33.20 9.51
C ALA E 272 -10.10 -32.53 8.53
N ALA E 273 -11.34 -33.01 8.44
CA ALA E 273 -12.29 -32.40 7.52
C ALA E 273 -12.53 -30.93 7.89
N GLU E 274 -12.72 -30.65 9.18
CA GLU E 274 -13.01 -29.28 9.60
C GLU E 274 -11.77 -28.40 9.51
N GLN E 275 -10.59 -28.96 9.71
CA GLN E 275 -9.37 -28.16 9.63
C GLN E 275 -8.84 -28.05 8.20
N LEU E 276 -9.50 -28.73 7.27
CA LEU E 276 -9.08 -28.63 5.88
C LEU E 276 -10.07 -27.85 5.04
N LEU E 277 -11.37 -27.95 5.36
CA LEU E 277 -12.40 -27.43 4.49
C LEU E 277 -13.09 -26.19 5.04
N ASN E 278 -12.95 -25.87 6.32
CA ASN E 278 -13.67 -24.77 6.94
C ASN E 278 -12.77 -23.63 7.40
N ARG E 279 -11.50 -23.62 6.98
CA ARG E 279 -10.57 -22.56 7.35
C ARG E 279 -10.36 -21.64 6.16
N GLU E 280 -10.56 -20.34 6.38
CA GLU E 280 -10.26 -19.37 5.33
C GLU E 280 -8.76 -19.27 5.09
N LEU E 281 -7.98 -19.21 6.15
CA LEU E 281 -6.53 -19.24 6.09
C LEU E 281 -6.04 -20.50 6.77
N PHE E 282 -5.14 -21.23 6.12
CA PHE E 282 -4.68 -22.50 6.65
C PHE E 282 -3.22 -22.72 6.29
N ALA E 283 -2.55 -23.54 7.06
CA ALA E 283 -1.13 -23.77 6.88
C ALA E 283 -0.87 -24.60 5.62
N ASP E 284 0.24 -24.30 4.96
CA ASP E 284 0.68 -25.04 3.77
C ASP E 284 2.21 -25.00 3.75
N GLY E 285 2.83 -26.02 4.36
CA GLY E 285 4.27 -26.06 4.47
C GLY E 285 4.84 -25.02 5.41
N ASN E 286 4.28 -24.92 6.62
CA ASN E 286 4.70 -23.98 7.66
C ASN E 286 4.57 -22.52 7.23
N THR E 287 3.68 -22.24 6.27
CA THR E 287 3.41 -20.88 5.83
C THR E 287 1.91 -20.72 5.63
N THR E 288 1.36 -19.64 6.16
CA THR E 288 -0.08 -19.39 6.05
C THR E 288 -0.42 -18.97 4.62
N VAL E 289 -1.37 -19.66 4.02
CA VAL E 289 -1.86 -19.35 2.68
C VAL E 289 -3.38 -19.35 2.71
N SER E 290 -3.97 -18.76 1.69
CA SER E 290 -5.42 -18.75 1.58
C SER E 290 -5.91 -20.14 1.18
N ASN E 291 -7.20 -20.39 1.40
CA ASN E 291 -7.81 -21.69 1.12
C ASN E 291 -8.56 -21.63 -0.19
N GLU E 292 -8.16 -22.45 -1.16
CA GLU E 292 -8.81 -22.49 -2.46
C GLU E 292 -9.83 -23.61 -2.59
N MET E 293 -9.90 -24.52 -1.62
CA MET E 293 -10.85 -25.62 -1.65
C MET E 293 -12.07 -25.35 -0.76
N LYS E 294 -12.18 -24.16 -0.21
CA LYS E 294 -13.29 -23.83 0.68
C LYS E 294 -14.53 -23.50 -0.14
N GLY E 295 -15.63 -24.17 0.18
CA GLY E 295 -16.89 -23.90 -0.50
C GLY E 295 -17.10 -24.63 -1.80
N LYS E 296 -16.23 -25.58 -2.14
CA LYS E 296 -16.37 -26.33 -3.39
C LYS E 296 -16.91 -27.73 -3.19
N LEU E 297 -16.81 -28.29 -1.99
CA LEU E 297 -17.32 -29.62 -1.69
C LEU E 297 -18.23 -29.56 -0.47
N GLN E 298 -19.32 -30.31 -0.52
CA GLN E 298 -20.19 -30.46 0.63
C GLN E 298 -19.73 -31.66 1.47
N LEU E 299 -19.67 -31.46 2.77
CA LEU E 299 -19.11 -32.45 3.70
C LEU E 299 -20.24 -33.21 4.37
N VAL E 300 -20.20 -34.54 4.26
CA VAL E 300 -21.17 -35.41 4.90
C VAL E 300 -20.40 -36.24 5.92
N VAL E 301 -20.62 -35.96 7.20
CA VAL E 301 -20.01 -36.74 8.27
C VAL E 301 -20.92 -37.93 8.55
N ALA E 302 -20.66 -39.04 7.86
CA ALA E 302 -21.56 -40.19 7.92
C ALA E 302 -21.33 -40.97 9.20
N ASP E 303 -22.39 -41.11 10.01
CA ASP E 303 -22.37 -41.99 11.16
C ASP E 303 -22.58 -43.44 10.78
N TYR E 304 -22.87 -43.71 9.51
CA TYR E 304 -23.31 -45.03 9.05
C TYR E 304 -24.51 -45.49 9.87
N LEU E 305 -25.45 -44.56 10.08
CA LEU E 305 -26.61 -44.73 10.95
C LEU E 305 -27.26 -46.09 10.85
N MET F 1 -10.12 28.08 72.27
CA MET F 1 -10.41 26.70 71.92
C MET F 1 -11.08 25.98 73.06
N ILE F 2 -12.31 25.53 72.85
CA ILE F 2 -13.05 24.79 73.88
C ILE F 2 -12.49 23.38 73.96
N VAL F 3 -11.94 23.02 75.12
CA VAL F 3 -11.35 21.70 75.31
C VAL F 3 -12.47 20.71 75.56
N THR F 4 -12.65 19.76 74.66
CA THR F 4 -13.75 18.82 74.72
C THR F 4 -13.25 17.39 74.90
N PRO F 5 -14.02 16.54 75.59
CA PRO F 5 -13.57 15.17 75.82
C PRO F 5 -13.54 14.35 74.55
N ALA F 6 -12.90 13.18 74.65
CA ALA F 6 -12.77 12.31 73.49
C ALA F 6 -14.12 11.78 73.03
N SER F 7 -14.99 11.41 73.98
CA SER F 7 -16.28 10.82 73.62
C SER F 7 -17.15 11.83 72.87
N ILE F 8 -17.19 13.07 73.36
CA ILE F 8 -18.02 14.09 72.73
C ILE F 8 -17.57 14.30 71.29
N LYS F 9 -16.26 14.38 71.07
CA LYS F 9 -15.75 14.51 69.71
C LYS F 9 -16.08 13.28 68.87
N ALA F 10 -16.01 12.09 69.48
CA ALA F 10 -16.35 10.87 68.74
C ALA F 10 -17.81 10.85 68.33
N LEU F 11 -18.67 11.58 69.05
CA LEU F 11 -20.09 11.62 68.70
C LEU F 11 -20.40 12.61 67.58
N MET F 12 -19.42 13.36 67.08
CA MET F 12 -19.66 14.34 66.03
C MET F 12 -19.28 13.78 64.66
N THR F 13 -20.00 12.75 64.24
CA THR F 13 -19.80 12.15 62.93
C THR F 13 -21.12 12.02 62.19
N SER F 14 -21.10 11.43 61.00
CA SER F 14 -22.30 11.23 60.21
C SER F 14 -22.45 9.74 59.90
N TRP F 15 -23.68 9.26 59.93
CA TRP F 15 -23.96 7.90 59.45
C TRP F 15 -24.34 7.99 57.98
N ARG F 16 -23.55 7.34 57.12
CA ARG F 16 -23.70 7.50 55.68
C ARG F 16 -24.43 6.35 55.01
N LYS F 17 -24.32 5.14 55.54
CA LYS F 17 -24.93 3.92 55.00
C LYS F 17 -24.79 3.84 53.48
N ASP F 18 -23.56 4.07 53.01
CA ASP F 18 -23.22 3.95 51.60
C ASP F 18 -22.66 2.59 51.23
N PHE F 19 -22.18 1.81 52.20
CA PHE F 19 -21.65 0.48 51.95
C PHE F 19 -22.67 -0.61 52.27
N GLN F 20 -23.96 -0.25 52.33
CA GLN F 20 -24.95 -1.14 52.93
C GLN F 20 -25.04 -2.49 52.20
N GLY F 21 -25.00 -2.47 50.87
CA GLY F 21 -25.13 -3.71 50.12
C GLY F 21 -24.01 -4.69 50.39
N GLY F 22 -22.80 -4.19 50.65
CA GLY F 22 -21.67 -5.06 50.80
C GLY F 22 -21.12 -5.50 49.46
N LEU F 23 -20.47 -6.65 49.46
CA LEU F 23 -19.91 -7.22 48.24
C LEU F 23 -20.97 -8.03 47.51
N GLU F 24 -21.07 -7.81 46.21
CA GLU F 24 -22.10 -8.43 45.40
C GLU F 24 -21.86 -9.93 45.26
N ASP F 25 -22.94 -10.70 45.33
CA ASP F 25 -22.85 -12.15 45.19
C ASP F 25 -22.58 -12.54 43.73
N ALA F 26 -22.18 -13.79 43.55
CA ALA F 26 -21.87 -14.31 42.23
C ALA F 26 -23.15 -14.57 41.44
N PRO F 27 -23.08 -14.51 40.11
CA PRO F 27 -24.26 -14.80 39.29
C PRO F 27 -24.65 -16.26 39.36
N SER F 28 -25.93 -16.52 39.10
CA SER F 28 -26.49 -17.86 39.08
C SER F 28 -26.66 -18.34 37.65
N GLN F 29 -26.01 -19.46 37.32
CA GLN F 29 -26.09 -19.99 35.97
C GLN F 29 -26.14 -21.51 35.92
N TYR F 30 -26.97 -22.11 36.77
CA TYR F 30 -27.15 -23.56 36.75
C TYR F 30 -28.25 -24.02 35.80
N ASN F 31 -29.13 -23.12 35.36
CA ASN F 31 -30.18 -23.51 34.44
C ASN F 31 -29.64 -23.89 33.06
N LYS F 32 -28.45 -23.40 32.70
CA LYS F 32 -27.88 -23.71 31.40
C LYS F 32 -27.52 -25.18 31.26
N ILE F 33 -27.19 -25.86 32.35
CA ILE F 33 -26.65 -27.20 32.31
C ILE F 33 -27.44 -28.20 33.14
N ALA F 34 -28.56 -27.79 33.74
CA ALA F 34 -29.35 -28.68 34.56
C ALA F 34 -30.82 -28.60 34.20
N MET F 35 -31.54 -29.69 34.47
CA MET F 35 -32.97 -29.78 34.21
C MET F 35 -33.71 -29.90 35.54
N VAL F 36 -34.79 -29.14 35.68
CA VAL F 36 -35.51 -29.02 36.95
C VAL F 36 -36.72 -29.93 36.92
N VAL F 37 -36.84 -30.77 37.94
CA VAL F 37 -37.98 -31.65 38.14
C VAL F 37 -38.42 -31.51 39.59
N ASN F 38 -39.67 -31.89 39.86
CA ASN F 38 -40.23 -31.78 41.19
C ASN F 38 -40.20 -33.12 41.92
N SER F 39 -40.65 -33.09 43.17
CA SER F 39 -40.74 -34.30 43.98
C SER F 39 -41.94 -34.16 44.92
N SER F 40 -42.42 -35.29 45.40
CA SER F 40 -43.57 -35.28 46.30
C SER F 40 -43.45 -36.29 47.43
N THR F 41 -42.35 -37.02 47.55
CA THR F 41 -42.22 -38.04 48.58
C THR F 41 -40.76 -38.21 48.98
N ARG F 42 -40.43 -39.37 49.57
CA ARG F 42 -39.08 -39.59 50.08
C ARG F 42 -38.04 -39.54 48.97
N SER F 43 -38.36 -40.04 47.79
CA SER F 43 -37.40 -40.09 46.69
C SER F 43 -38.13 -40.03 45.36
N ASN F 44 -37.34 -39.87 44.30
CA ASN F 44 -37.82 -39.88 42.93
C ASN F 44 -37.18 -41.05 42.19
N THR F 45 -37.94 -41.73 41.35
CA THR F 45 -37.45 -42.87 40.58
C THR F 45 -37.72 -42.66 39.10
N TYR F 46 -36.75 -43.03 38.27
CA TYR F 46 -36.81 -42.85 36.83
C TYR F 46 -36.52 -44.17 36.14
N GLY F 47 -37.24 -44.44 35.05
CA GLY F 47 -37.02 -45.66 34.29
C GLY F 47 -37.33 -45.44 32.83
N TRP F 48 -36.60 -46.17 31.98
CA TRP F 48 -36.78 -46.06 30.54
C TRP F 48 -36.44 -47.41 29.90
N LEU F 49 -36.92 -47.58 28.68
CA LEU F 49 -36.81 -48.84 27.95
C LEU F 49 -35.69 -48.78 26.91
N GLY F 50 -35.14 -49.94 26.60
CA GLY F 50 -34.06 -50.05 25.63
C GLY F 50 -34.53 -49.85 24.21
N LYS F 51 -33.81 -50.45 23.27
CA LYS F 51 -34.07 -50.28 21.85
C LYS F 51 -34.34 -51.62 21.18
N PHE F 52 -35.29 -51.60 20.24
CA PHE F 52 -35.63 -52.78 19.47
C PHE F 52 -34.44 -53.22 18.63
N PRO F 53 -34.24 -54.52 18.45
CA PRO F 53 -33.08 -55.00 17.68
C PRO F 53 -33.11 -54.51 16.23
N THR F 54 -31.92 -54.34 15.65
CA THR F 54 -31.83 -54.02 14.24
C THR F 54 -32.32 -55.18 13.40
N LEU F 55 -32.95 -54.87 12.28
CA LEU F 55 -33.51 -55.91 11.42
C LEU F 55 -32.39 -56.63 10.69
N LYS F 56 -32.33 -57.95 10.86
CA LYS F 56 -31.39 -58.80 10.14
C LYS F 56 -32.08 -59.32 8.87
N GLU F 57 -31.46 -60.29 8.20
CA GLU F 57 -32.01 -60.86 6.99
C GLU F 57 -32.82 -62.10 7.32
N TRP F 58 -34.00 -62.22 6.70
CA TRP F 58 -34.91 -63.32 6.96
C TRP F 58 -34.57 -64.51 6.08
N VAL F 59 -34.21 -65.63 6.68
CA VAL F 59 -33.86 -66.83 5.93
C VAL F 59 -34.75 -68.00 6.30
N GLY F 60 -34.71 -68.41 7.57
CA GLY F 60 -35.47 -69.54 8.03
C GLY F 60 -36.73 -69.13 8.76
N LYS F 61 -36.70 -69.20 10.09
CA LYS F 61 -37.77 -68.70 10.94
C LYS F 61 -37.25 -67.60 11.86
N ARG F 62 -38.17 -66.73 12.28
CA ARG F 62 -37.79 -65.58 13.08
C ARG F 62 -37.18 -66.02 14.40
N THR F 63 -36.15 -65.30 14.84
CA THR F 63 -35.45 -65.60 16.08
C THR F 63 -35.93 -64.61 17.14
N ILE F 64 -36.56 -65.13 18.20
CA ILE F 64 -37.03 -64.28 19.27
C ILE F 64 -35.84 -63.72 20.03
N GLN F 65 -35.88 -62.42 20.32
CA GLN F 65 -34.79 -61.74 20.98
C GLN F 65 -35.29 -61.00 22.22
N GLN F 66 -34.34 -60.48 22.99
CA GLN F 66 -34.62 -59.81 24.25
C GLN F 66 -34.30 -58.32 24.17
N MET F 67 -34.93 -57.56 25.06
CA MET F 67 -34.61 -56.15 25.26
C MET F 67 -34.20 -55.93 26.70
N GLU F 68 -34.07 -54.68 27.13
CA GLU F 68 -33.62 -54.38 28.48
C GLU F 68 -34.26 -53.09 28.96
N ALA F 69 -34.31 -52.93 30.29
CA ALA F 69 -34.87 -51.75 30.93
C ALA F 69 -33.91 -51.28 32.01
N HIS F 70 -33.99 -49.99 32.33
CA HIS F 70 -33.07 -49.36 33.27
C HIS F 70 -33.84 -48.58 34.32
N GLY F 71 -33.14 -48.24 35.40
CA GLY F 71 -33.76 -47.50 36.49
C GLY F 71 -32.74 -46.71 37.26
N TYR F 72 -33.21 -45.61 37.86
CA TYR F 72 -32.36 -44.69 38.62
C TYR F 72 -33.24 -43.92 39.59
N SER F 73 -32.72 -43.70 40.80
CA SER F 73 -33.48 -43.01 41.84
C SER F 73 -32.61 -42.05 42.62
N ILE F 74 -33.18 -40.88 42.94
CA ILE F 74 -32.49 -39.81 43.66
C ILE F 74 -33.29 -39.47 44.90
N ALA F 75 -32.61 -39.41 46.04
CA ALA F 75 -33.24 -39.17 47.33
C ALA F 75 -33.12 -37.70 47.74
N ASN F 76 -34.09 -37.23 48.52
CA ASN F 76 -34.13 -35.84 48.92
C ASN F 76 -33.30 -35.61 50.17
N LYS F 77 -33.18 -34.34 50.55
CA LYS F 77 -32.39 -33.91 51.69
C LYS F 77 -33.01 -32.65 52.26
N THR F 78 -32.68 -32.36 53.52
CA THR F 78 -33.21 -31.20 54.22
C THR F 78 -32.05 -30.32 54.69
N PHE F 79 -32.18 -29.01 54.49
CA PHE F 79 -31.14 -28.04 54.82
C PHE F 79 -31.71 -26.95 55.70
N GLU F 80 -30.86 -26.32 56.50
CA GLU F 80 -31.31 -25.37 57.49
C GLU F 80 -30.22 -24.34 57.77
N GLY F 81 -30.64 -23.22 58.35
CA GLY F 81 -29.73 -22.16 58.76
C GLY F 81 -30.44 -21.17 59.66
N THR F 82 -29.81 -20.76 60.75
CA THR F 82 -30.46 -19.86 61.69
C THR F 82 -29.43 -18.94 62.32
N VAL F 83 -29.88 -17.75 62.72
CA VAL F 83 -29.04 -16.74 63.36
C VAL F 83 -29.80 -16.16 64.55
N GLY F 84 -29.12 -16.02 65.68
CA GLY F 84 -29.75 -15.48 66.87
C GLY F 84 -29.21 -14.13 67.29
N ILE F 85 -30.11 -13.16 67.43
CA ILE F 85 -29.76 -11.79 67.82
C ILE F 85 -30.58 -11.41 69.04
N SER F 86 -29.93 -10.76 70.00
CA SER F 86 -30.58 -10.43 71.26
C SER F 86 -31.72 -9.46 71.05
N ARG F 87 -32.69 -9.51 71.97
CA ARG F 87 -33.84 -8.61 71.89
C ARG F 87 -33.50 -7.20 72.29
N ASP F 88 -32.63 -7.01 73.28
CA ASP F 88 -32.22 -5.69 73.70
C ASP F 88 -31.21 -5.05 72.75
N ASP F 89 -30.66 -5.82 71.81
CA ASP F 89 -29.75 -5.29 70.79
C ASP F 89 -30.44 -5.03 69.46
N PHE F 90 -31.53 -5.72 69.16
CA PHE F 90 -32.28 -5.47 67.94
C PHE F 90 -33.23 -4.29 68.07
N GLU F 91 -33.52 -3.86 69.30
CA GLU F 91 -34.45 -2.77 69.55
C GLU F 91 -33.76 -1.51 70.05
N ASP F 92 -32.43 -1.49 70.04
CA ASP F 92 -31.69 -0.34 70.54
C ASP F 92 -30.79 0.32 69.52
N ASP F 93 -30.86 -0.06 68.25
CA ASP F 93 -30.02 0.55 67.23
C ASP F 93 -30.78 1.68 66.55
N ASN F 94 -30.19 2.88 66.59
CA ASN F 94 -30.72 4.00 65.83
C ASN F 94 -30.12 4.08 64.44
N LEU F 95 -28.98 3.39 64.23
CA LEU F 95 -28.30 3.46 62.94
C LEU F 95 -29.02 2.66 61.88
N GLY F 96 -29.86 1.70 62.28
CA GLY F 96 -30.47 0.79 61.32
C GLY F 96 -29.47 -0.13 60.66
N ILE F 97 -28.50 -0.65 61.41
CA ILE F 97 -27.45 -1.47 60.83
C ILE F 97 -27.77 -2.96 60.86
N TYR F 98 -28.75 -3.39 61.66
CA TYR F 98 -29.13 -4.79 61.71
C TYR F 98 -30.39 -5.08 60.91
N ALA F 99 -31.00 -4.05 60.30
CA ALA F 99 -32.25 -4.26 59.59
C ALA F 99 -32.15 -5.24 58.43
N PRO F 100 -31.15 -5.17 57.53
CA PRO F 100 -31.13 -6.10 56.41
C PRO F 100 -30.62 -7.48 56.75
N ILE F 101 -31.37 -8.26 57.54
CA ILE F 101 -31.03 -9.64 57.82
C ILE F 101 -31.93 -10.60 57.04
N PHE F 102 -33.20 -10.24 56.85
CA PHE F 102 -34.10 -11.06 56.05
C PHE F 102 -33.61 -11.17 54.61
N GLN F 103 -33.10 -10.08 54.04
CA GLN F 103 -32.59 -10.11 52.67
C GLN F 103 -31.38 -11.04 52.56
N GLU F 104 -30.46 -10.95 53.53
CA GLU F 104 -29.31 -11.84 53.52
C GLU F 104 -29.73 -13.29 53.63
N MET F 105 -30.74 -13.57 54.47
CA MET F 105 -31.25 -14.93 54.59
C MET F 105 -31.84 -15.41 53.27
N GLY F 106 -32.62 -14.56 52.61
CA GLY F 106 -33.18 -14.94 51.32
C GLY F 106 -32.13 -15.22 50.27
N ARG F 107 -31.08 -14.39 50.20
CA ARG F 107 -30.01 -14.65 49.25
C ARG F 107 -29.21 -15.90 49.58
N SER F 108 -28.97 -16.17 50.86
CA SER F 108 -28.29 -17.41 51.22
C SER F 108 -29.11 -18.62 50.86
N ALA F 109 -30.44 -18.51 50.96
CA ALA F 109 -31.30 -19.60 50.47
C ALA F 109 -31.22 -19.73 48.96
N ALA F 110 -31.20 -18.60 48.24
CA ALA F 110 -31.24 -18.65 46.78
C ALA F 110 -29.94 -19.18 46.18
N VAL F 111 -28.81 -18.98 46.88
CA VAL F 111 -27.52 -19.43 46.35
C VAL F 111 -27.43 -20.95 46.19
N GLN F 112 -28.23 -21.71 46.93
CA GLN F 112 -27.97 -23.15 47.11
C GLN F 112 -27.95 -23.98 45.84
N PRO F 113 -28.88 -23.82 44.88
CA PRO F 113 -28.85 -24.71 43.71
C PRO F 113 -27.54 -24.69 42.92
N ASP F 114 -26.89 -23.53 42.82
CA ASP F 114 -25.63 -23.46 42.09
C ASP F 114 -24.55 -24.31 42.76
N GLU F 115 -24.40 -24.17 44.07
CA GLU F 115 -23.38 -24.92 44.78
C GLU F 115 -23.76 -26.38 44.94
N LEU F 116 -25.03 -26.74 44.71
CA LEU F 116 -25.37 -28.15 44.61
C LEU F 116 -24.95 -28.72 43.26
N ILE F 117 -25.36 -28.07 42.17
CA ILE F 117 -25.13 -28.62 40.83
C ILE F 117 -23.64 -28.65 40.49
N PHE F 118 -22.94 -27.56 40.72
CA PHE F 118 -21.53 -27.45 40.27
C PHE F 118 -20.62 -28.21 41.22
N LYS F 119 -21.16 -28.86 42.23
CA LYS F 119 -20.33 -29.71 43.09
C LYS F 119 -20.40 -31.11 42.51
N LEU F 120 -21.54 -31.48 41.96
CA LEU F 120 -21.68 -32.78 41.27
C LEU F 120 -20.60 -32.84 40.21
N LEU F 121 -20.66 -31.99 39.20
CA LEU F 121 -19.69 -32.07 38.09
C LEU F 121 -18.32 -32.44 38.65
N LYS F 122 -17.84 -31.74 39.67
CA LYS F 122 -16.51 -31.95 40.26
C LYS F 122 -16.43 -33.32 40.93
N ASP F 123 -17.45 -33.70 41.69
CA ASP F 123 -17.45 -34.97 42.46
C ASP F 123 -18.09 -36.07 41.63
N GLY F 124 -17.77 -36.15 40.37
CA GLY F 124 -18.40 -37.15 39.51
C GLY F 124 -17.45 -38.27 39.30
N PHE F 125 -16.24 -38.10 39.75
CA PHE F 125 -15.32 -39.23 39.65
C PHE F 125 -15.55 -40.28 40.72
N THR F 126 -16.37 -39.98 41.74
CA THR F 126 -16.61 -40.90 42.84
C THR F 126 -18.08 -41.31 42.94
N GLN F 127 -19.01 -40.37 42.88
CA GLN F 127 -20.42 -40.72 42.98
C GLN F 127 -20.88 -41.47 41.73
N PRO F 128 -21.77 -42.44 41.89
CA PRO F 128 -22.14 -43.32 40.78
C PRO F 128 -23.34 -42.83 39.98
N CYS F 129 -23.52 -43.44 38.81
CA CYS F 129 -24.64 -43.14 37.92
C CYS F 129 -25.51 -44.38 37.72
N TYR F 130 -26.43 -44.33 36.76
CA TYR F 130 -27.43 -45.38 36.60
C TYR F 130 -26.87 -46.75 36.29
N ASP F 131 -25.70 -46.86 35.67
CA ASP F 131 -25.18 -48.17 35.32
C ASP F 131 -24.25 -48.76 36.38
N GLY F 132 -24.05 -48.07 37.50
CA GLY F 132 -23.30 -48.60 38.61
C GLY F 132 -21.89 -48.07 38.74
N GLN F 133 -21.33 -47.49 37.69
CA GLN F 133 -20.01 -46.89 37.77
C GLN F 133 -20.13 -45.40 38.08
N ASN F 134 -18.98 -44.78 38.32
CA ASN F 134 -18.96 -43.34 38.55
C ASN F 134 -19.28 -42.60 37.27
N PHE F 135 -19.70 -41.33 37.40
CA PHE F 135 -20.09 -40.55 36.24
C PHE F 135 -18.97 -40.46 35.22
N PHE F 136 -17.78 -40.07 35.67
CA PHE F 136 -16.61 -39.98 34.82
C PHE F 136 -15.72 -41.17 35.13
N ASP F 137 -15.81 -42.21 34.30
CA ASP F 137 -15.13 -43.47 34.54
C ASP F 137 -14.45 -43.93 33.26
N LYS F 138 -13.38 -44.67 33.42
CA LYS F 138 -12.61 -45.17 32.27
C LYS F 138 -13.09 -46.57 31.90
N GLU F 139 -14.08 -47.08 32.61
CA GLU F 139 -14.64 -48.40 32.26
C GLU F 139 -16.15 -48.40 32.37
N HIS F 140 -16.85 -47.66 31.52
CA HIS F 140 -18.32 -47.73 31.46
C HIS F 140 -18.59 -48.85 30.47
N PRO F 141 -19.31 -49.95 30.79
CA PRO F 141 -19.48 -51.12 29.92
C PRO F 141 -20.47 -50.84 28.80
N VAL F 142 -20.10 -51.25 27.57
CA VAL F 142 -20.98 -51.21 26.41
C VAL F 142 -21.04 -52.61 25.83
N TYR F 143 -22.26 -53.13 25.66
CA TYR F 143 -22.47 -54.51 25.29
C TYR F 143 -22.83 -54.63 23.81
N PRO F 144 -22.53 -55.77 23.18
CA PRO F 144 -22.83 -55.92 21.75
C PRO F 144 -24.26 -56.27 21.42
N ASN F 145 -25.11 -56.54 22.41
CA ASN F 145 -26.52 -56.86 22.19
C ASN F 145 -27.40 -55.82 22.87
N VAL F 146 -28.62 -55.71 22.38
CA VAL F 146 -29.53 -54.64 22.83
C VAL F 146 -30.14 -54.99 24.18
N ASP F 147 -29.76 -56.15 24.73
CA ASP F 147 -30.22 -56.57 26.05
C ASP F 147 -29.10 -56.63 27.07
N GLY F 148 -27.94 -56.09 26.74
CA GLY F 148 -26.87 -56.10 27.73
C GLY F 148 -26.37 -57.49 27.92
N THR F 149 -26.19 -58.20 26.82
CA THR F 149 -25.69 -59.59 26.89
C THR F 149 -24.50 -59.72 25.95
N GLY F 150 -23.31 -59.88 26.49
CA GLY F 150 -22.22 -60.52 25.75
C GLY F 150 -20.91 -60.15 26.37
N SER F 151 -19.86 -59.97 25.57
CA SER F 151 -18.59 -59.49 26.13
C SER F 151 -18.58 -57.96 26.07
N ALA F 152 -18.46 -57.31 27.23
CA ALA F 152 -18.50 -55.86 27.32
C ALA F 152 -17.25 -55.25 26.70
N VAL F 153 -17.40 -54.01 26.25
CA VAL F 153 -16.29 -53.21 25.72
C VAL F 153 -16.26 -51.94 26.54
N ASN F 154 -15.18 -51.71 27.29
CA ASN F 154 -15.10 -50.58 28.18
C ASN F 154 -14.93 -49.28 27.41
N THR F 155 -15.89 -48.37 27.57
CA THR F 155 -15.83 -47.05 26.95
C THR F 155 -15.60 -46.01 28.04
N SER F 156 -14.84 -44.97 27.71
CA SER F 156 -14.31 -44.04 28.70
C SER F 156 -14.90 -42.66 28.53
N ASN F 157 -15.16 -42.00 29.66
CA ASN F 157 -15.59 -40.61 29.70
C ASN F 157 -14.46 -39.65 30.00
N ILE F 158 -13.26 -40.15 30.25
CA ILE F 158 -12.16 -39.33 30.75
C ILE F 158 -11.08 -39.27 29.67
N VAL F 159 -10.64 -38.06 29.35
CA VAL F 159 -9.47 -37.82 28.52
C VAL F 159 -8.32 -37.48 29.46
N GLU F 160 -7.30 -38.32 29.48
CA GLU F 160 -6.19 -38.19 30.42
C GLU F 160 -4.95 -37.76 29.67
N GLN F 161 -4.30 -36.72 30.18
CA GLN F 161 -3.01 -36.27 29.67
C GLN F 161 -1.91 -36.79 30.58
N ASP F 162 -0.84 -37.30 29.98
CA ASP F 162 0.22 -37.92 30.77
C ASP F 162 0.90 -36.90 31.67
N SER F 163 1.08 -37.28 32.94
CA SER F 163 1.76 -36.46 33.94
C SER F 163 1.15 -35.06 34.01
N PHE F 164 -0.12 -35.01 34.41
CA PHE F 164 -0.87 -33.76 34.49
C PHE F 164 -1.31 -33.53 35.93
N SER F 165 -1.08 -32.32 36.43
CA SER F 165 -1.52 -31.91 37.76
C SER F 165 -2.15 -30.53 37.64
N GLY F 166 -3.48 -30.48 37.67
CA GLY F 166 -4.16 -29.23 37.45
C GLY F 166 -5.66 -29.40 37.52
N LEU F 167 -6.37 -28.48 36.87
CA LEU F 167 -7.82 -28.38 36.84
C LEU F 167 -8.38 -28.93 35.54
N PRO F 168 -9.43 -29.74 35.60
CA PRO F 168 -10.05 -30.27 34.38
C PRO F 168 -11.20 -29.40 33.90
N PHE F 169 -11.51 -29.55 32.62
CA PHE F 169 -12.71 -28.95 32.06
C PHE F 169 -13.64 -30.05 31.54
N TYR F 170 -14.91 -29.68 31.38
CA TYR F 170 -15.97 -30.64 31.10
C TYR F 170 -16.72 -30.24 29.84
N LEU F 171 -17.07 -31.23 29.03
CA LEU F 171 -17.90 -31.01 27.84
C LEU F 171 -19.24 -31.69 28.05
N LEU F 172 -20.32 -30.98 27.75
CA LEU F 172 -21.67 -31.45 28.01
C LEU F 172 -22.53 -31.28 26.77
N ASP F 173 -23.63 -32.02 26.72
CA ASP F 173 -24.59 -31.92 25.61
C ASP F 173 -25.95 -31.53 26.18
N CYS F 174 -26.15 -30.24 26.39
CA CYS F 174 -27.40 -29.73 26.92
C CYS F 174 -28.27 -29.18 25.78
N SER F 175 -28.68 -30.08 24.90
CA SER F 175 -29.42 -29.69 23.71
C SER F 175 -30.54 -30.66 23.40
N ARG F 176 -31.16 -31.23 24.44
CA ARG F 176 -32.24 -32.18 24.24
C ARG F 176 -33.27 -31.99 25.35
N ALA F 177 -34.20 -32.94 25.46
CA ALA F 177 -35.18 -32.90 26.53
C ALA F 177 -34.54 -33.22 27.88
N VAL F 178 -33.71 -34.25 27.93
CA VAL F 178 -33.05 -34.66 29.16
C VAL F 178 -31.61 -34.16 29.13
N LYS F 179 -31.19 -33.47 30.19
CA LYS F 179 -29.89 -32.87 30.33
C LYS F 179 -29.02 -33.70 31.26
N PRO F 180 -27.69 -33.54 31.20
CA PRO F 180 -26.82 -34.43 31.98
C PRO F 180 -26.98 -34.33 33.49
N LEU F 181 -27.56 -33.25 34.00
CA LEU F 181 -27.70 -33.06 35.43
C LEU F 181 -29.15 -32.76 35.77
N ILE F 182 -29.61 -33.29 36.89
CA ILE F 182 -30.99 -33.10 37.35
C ILE F 182 -30.97 -32.32 38.65
N PHE F 183 -31.96 -31.45 38.82
CA PHE F 183 -32.15 -30.69 40.06
C PHE F 183 -33.60 -30.85 40.48
N GLN F 184 -33.85 -31.54 41.59
CA GLN F 184 -35.20 -31.76 42.06
C GLN F 184 -35.44 -31.05 43.37
N GLU F 185 -36.62 -30.46 43.51
CA GLU F 185 -36.99 -29.65 44.67
C GLU F 185 -38.24 -30.25 45.30
N ARG F 186 -38.08 -30.80 46.50
CA ARG F 186 -39.22 -31.42 47.18
C ARG F 186 -40.22 -30.37 47.65
N ARG F 187 -39.75 -29.30 48.29
CA ARG F 187 -40.63 -28.22 48.71
C ARG F 187 -39.86 -26.90 48.67
N LYS F 188 -40.62 -25.82 48.55
CA LYS F 188 -40.08 -24.49 48.37
C LYS F 188 -39.42 -23.97 49.64
N PRO F 189 -38.48 -23.04 49.52
CA PRO F 189 -37.81 -22.49 50.72
C PRO F 189 -38.79 -21.84 51.68
N GLU F 190 -38.51 -21.98 52.98
CA GLU F 190 -39.34 -21.46 54.05
C GLU F 190 -38.50 -20.51 54.89
N LEU F 191 -38.93 -19.25 54.98
CA LEU F 191 -38.18 -18.21 55.68
C LEU F 191 -39.08 -17.62 56.76
N VAL F 192 -38.56 -17.55 57.99
CA VAL F 192 -39.35 -17.16 59.15
C VAL F 192 -38.46 -16.33 60.08
N ALA F 193 -39.09 -15.45 60.85
CA ALA F 193 -38.39 -14.57 61.80
C ALA F 193 -39.20 -14.54 63.10
N ARG F 194 -38.67 -15.16 64.15
CA ARG F 194 -39.38 -15.28 65.42
C ARG F 194 -39.09 -14.05 66.29
N THR F 195 -39.75 -12.95 65.94
CA THR F 195 -39.61 -11.69 66.67
C THR F 195 -40.89 -11.30 67.38
N ARG F 196 -41.57 -12.27 67.98
CA ARG F 196 -42.80 -12.04 68.72
C ARG F 196 -42.51 -12.13 70.21
N ILE F 197 -42.96 -11.14 70.97
CA ILE F 197 -42.65 -11.06 72.40
C ILE F 197 -43.21 -12.22 73.20
N ASP F 198 -44.19 -12.95 72.67
CA ASP F 198 -44.82 -14.04 73.40
C ASP F 198 -44.20 -15.39 73.10
N ASP F 199 -43.15 -15.46 72.30
CA ASP F 199 -42.56 -16.74 71.95
C ASP F 199 -41.91 -17.38 73.18
N ASP F 200 -41.78 -18.70 73.12
CA ASP F 200 -41.17 -19.47 74.20
C ASP F 200 -39.66 -19.36 74.20
N HIS F 201 -39.07 -18.65 73.23
CA HIS F 201 -37.65 -18.34 73.24
C HIS F 201 -37.36 -16.90 73.60
N VAL F 202 -38.21 -15.95 73.19
CA VAL F 202 -38.06 -14.55 73.62
C VAL F 202 -38.34 -14.39 75.10
N PHE F 203 -39.13 -15.26 75.71
CA PHE F 203 -39.39 -15.21 77.14
C PHE F 203 -38.37 -15.96 77.97
N MET F 204 -37.74 -17.00 77.43
CA MET F 204 -36.81 -17.82 78.19
C MET F 204 -35.35 -17.52 77.89
N ASP F 205 -35.04 -16.82 76.81
CA ASP F 205 -33.65 -16.53 76.47
C ASP F 205 -33.41 -15.10 76.00
N ASN F 206 -34.43 -14.26 75.89
CA ASN F 206 -34.29 -12.87 75.47
C ASN F 206 -33.60 -12.78 74.11
N GLU F 207 -34.10 -13.57 73.16
CA GLU F 207 -33.39 -13.75 71.90
C GLU F 207 -34.37 -13.78 70.74
N PHE F 208 -33.97 -13.16 69.63
CA PHE F 208 -34.72 -13.22 68.38
C PHE F 208 -34.07 -14.25 67.46
N LEU F 209 -34.88 -14.90 66.63
CA LEU F 209 -34.40 -15.99 65.78
C LEU F 209 -34.86 -15.78 64.34
N PHE F 210 -33.91 -15.88 63.42
CA PHE F 210 -34.17 -15.83 61.98
C PHE F 210 -33.71 -17.15 61.39
N GLY F 211 -34.63 -17.88 60.77
CA GLY F 211 -34.31 -19.20 60.24
C GLY F 211 -34.90 -19.43 58.87
N ALA F 212 -34.14 -20.17 58.06
CA ALA F 212 -34.54 -20.54 56.71
C ALA F 212 -34.26 -22.01 56.48
N SER F 213 -35.16 -22.70 55.80
CA SER F 213 -35.00 -24.11 55.51
C SER F 213 -35.50 -24.41 54.11
N THR F 214 -34.85 -25.39 53.46
CA THR F 214 -35.20 -25.81 52.11
C THR F 214 -35.10 -27.33 52.04
N ARG F 215 -35.79 -27.91 51.07
CA ARG F 215 -35.78 -29.36 50.84
C ARG F 215 -35.56 -29.61 49.34
N ARG F 216 -34.36 -30.09 48.98
CA ARG F 216 -34.00 -30.24 47.59
C ARG F 216 -32.83 -31.21 47.47
N ALA F 217 -32.58 -31.67 46.24
CA ALA F 217 -31.46 -32.56 45.97
C ALA F 217 -31.14 -32.53 44.48
N ALA F 218 -29.96 -33.04 44.13
CA ALA F 218 -29.49 -33.05 42.76
C ALA F 218 -28.82 -34.38 42.43
N GLY F 219 -28.86 -34.76 41.16
CA GLY F 219 -28.32 -36.04 40.73
C GLY F 219 -27.92 -36.03 39.27
N TYR F 220 -27.39 -37.16 38.83
CA TYR F 220 -26.81 -37.32 37.50
C TYR F 220 -27.86 -37.78 36.50
N GLY F 221 -27.49 -37.74 35.21
CA GLY F 221 -28.36 -38.21 34.14
C GLY F 221 -27.75 -39.37 33.36
N PHE F 222 -27.34 -39.11 32.12
CA PHE F 222 -26.70 -40.10 31.28
C PHE F 222 -25.19 -39.86 31.27
N TRP F 223 -24.40 -40.94 31.35
CA TRP F 223 -22.96 -40.77 31.35
C TRP F 223 -22.44 -40.45 29.95
N GLN F 224 -23.19 -40.81 28.91
CA GLN F 224 -22.76 -40.58 27.53
C GLN F 224 -22.97 -39.13 27.09
N MET F 225 -23.57 -38.29 27.92
CA MET F 225 -23.83 -36.90 27.59
C MET F 225 -22.91 -35.95 28.34
N ALA F 226 -21.78 -36.45 28.84
CA ALA F 226 -20.83 -35.62 29.55
C ALA F 226 -19.45 -36.26 29.48
N VAL F 227 -18.44 -35.43 29.26
CA VAL F 227 -17.06 -35.88 29.11
C VAL F 227 -16.16 -34.93 29.89
N ALA F 228 -15.26 -35.49 30.70
CA ALA F 228 -14.29 -34.71 31.46
C ALA F 228 -12.91 -34.84 30.85
N VAL F 229 -12.25 -33.72 30.61
CA VAL F 229 -10.91 -33.69 30.05
C VAL F 229 -9.95 -33.29 31.15
N LYS F 230 -9.10 -34.21 31.57
CA LYS F 230 -8.07 -33.91 32.54
C LYS F 230 -6.74 -33.62 31.85
N GLY F 231 -6.77 -32.66 30.94
CA GLY F 231 -5.57 -32.17 30.29
C GLY F 231 -5.52 -30.66 30.29
N ASP F 232 -4.67 -30.07 29.46
CA ASP F 232 -4.59 -28.63 29.35
C ASP F 232 -5.60 -28.13 28.33
N LEU F 233 -6.13 -26.93 28.57
CA LEU F 233 -7.10 -26.37 27.65
C LEU F 233 -6.42 -25.89 26.39
N THR F 234 -6.22 -26.82 25.45
CA THR F 234 -5.61 -26.52 24.16
C THR F 234 -6.49 -27.07 23.05
N LEU F 235 -6.10 -26.80 21.81
CA LEU F 235 -6.89 -27.23 20.66
C LEU F 235 -6.92 -28.76 20.57
N ASP F 236 -5.77 -29.40 20.76
CA ASP F 236 -5.68 -30.84 20.57
C ASP F 236 -6.56 -31.58 21.58
N ASN F 237 -6.52 -31.17 22.84
CA ASN F 237 -7.31 -31.87 23.85
C ASN F 237 -8.81 -31.58 23.68
N LEU F 238 -9.15 -30.37 23.28
CA LEU F 238 -10.55 -30.07 22.98
C LEU F 238 -11.06 -30.96 21.85
N TRP F 239 -10.27 -31.13 20.79
CA TRP F 239 -10.67 -32.00 19.71
C TRP F 239 -10.73 -33.46 20.15
N LYS F 240 -9.81 -33.87 21.03
CA LYS F 240 -9.85 -35.23 21.55
C LYS F 240 -11.14 -35.50 22.31
N GLY F 241 -11.54 -34.58 23.18
CA GLY F 241 -12.79 -34.75 23.90
C GLY F 241 -13.99 -34.75 22.98
N TRP F 242 -13.98 -33.84 21.99
CA TRP F 242 -15.08 -33.79 21.02
C TRP F 242 -15.22 -35.11 20.28
N GLN F 243 -14.11 -35.63 19.74
CA GLN F 243 -14.16 -36.88 19.01
C GLN F 243 -14.47 -38.08 19.90
N LEU F 244 -14.01 -38.08 21.15
CA LEU F 244 -14.37 -39.16 22.07
C LEU F 244 -15.87 -39.17 22.29
N MET F 245 -16.47 -38.00 22.50
CA MET F 245 -17.90 -37.95 22.74
C MET F 245 -18.69 -38.32 21.49
N ARG F 246 -18.20 -37.97 20.30
CA ARG F 246 -18.91 -38.33 19.06
C ARG F 246 -18.69 -39.78 18.64
N SER F 247 -18.14 -40.62 19.51
CA SER F 247 -17.94 -42.02 19.18
C SER F 247 -18.73 -42.97 20.07
N PHE F 248 -19.41 -42.47 21.10
CA PHE F 248 -20.22 -43.33 21.95
C PHE F 248 -21.42 -43.86 21.18
N GLU F 249 -21.73 -45.13 21.39
CA GLU F 249 -22.88 -45.76 20.77
C GLU F 249 -23.58 -46.65 21.80
N GLY F 250 -24.87 -46.84 21.61
CA GLY F 250 -25.65 -47.63 22.54
C GLY F 250 -25.36 -49.12 22.44
N ASP F 251 -25.91 -49.87 23.38
CA ASP F 251 -25.77 -51.31 23.34
C ASP F 251 -26.45 -51.87 22.09
N GLY F 252 -25.78 -52.82 21.44
CA GLY F 252 -26.27 -53.40 20.21
C GLY F 252 -25.74 -52.74 18.96
N GLY F 253 -24.80 -51.81 19.08
CA GLY F 253 -24.27 -51.13 17.91
C GLY F 253 -25.14 -50.03 17.39
N LYS F 254 -26.14 -49.57 18.14
CA LYS F 254 -27.00 -48.49 17.71
C LYS F 254 -26.24 -47.17 17.76
N LYS F 255 -26.33 -46.39 16.68
CA LYS F 255 -25.63 -45.12 16.58
C LYS F 255 -26.42 -44.01 17.25
N LEU F 256 -25.70 -43.12 17.93
CA LEU F 256 -26.31 -42.01 18.66
C LEU F 256 -25.77 -40.69 18.14
N GLY F 257 -26.66 -39.71 18.01
CA GLY F 257 -26.25 -38.39 17.61
C GLY F 257 -25.90 -37.53 18.80
N LEU F 258 -24.61 -37.46 19.13
CA LEU F 258 -24.14 -36.75 20.32
C LEU F 258 -23.09 -35.74 19.88
N LYS F 259 -23.24 -34.50 20.32
CA LYS F 259 -22.33 -33.43 19.95
C LYS F 259 -22.28 -32.44 21.11
N PRO F 260 -21.10 -32.12 21.63
CA PRO F 260 -21.03 -31.18 22.74
C PRO F 260 -21.58 -29.81 22.36
N THR F 261 -22.24 -29.16 23.32
CA THR F 261 -22.78 -27.83 23.13
C THR F 261 -22.26 -26.81 24.14
N HIS F 262 -21.96 -27.24 25.37
CA HIS F 262 -21.45 -26.37 26.41
C HIS F 262 -20.08 -26.88 26.86
N ILE F 263 -19.21 -25.96 27.23
CA ILE F 263 -17.94 -26.29 27.87
C ILE F 263 -17.86 -25.50 29.16
N VAL F 264 -17.66 -26.20 30.27
CA VAL F 264 -17.73 -25.61 31.60
C VAL F 264 -16.33 -25.62 32.18
N VAL F 265 -15.74 -24.44 32.34
CA VAL F 265 -14.38 -24.31 32.88
C VAL F 265 -14.45 -23.61 34.23
N PRO F 266 -13.52 -23.88 35.14
CA PRO F 266 -13.46 -23.10 36.38
C PRO F 266 -12.88 -21.72 36.12
N VAL F 267 -12.84 -20.91 37.19
CA VAL F 267 -12.33 -19.55 37.07
C VAL F 267 -10.84 -19.53 36.74
N GLY F 268 -10.08 -20.50 37.20
CA GLY F 268 -8.65 -20.49 36.97
C GLY F 268 -8.22 -20.78 35.55
N LEU F 269 -9.15 -21.13 34.66
CA LEU F 269 -8.85 -21.48 33.28
C LEU F 269 -9.44 -20.46 32.30
N GLU F 270 -9.84 -19.30 32.78
CA GLU F 270 -10.48 -18.31 31.91
C GLU F 270 -9.51 -17.80 30.86
N LYS F 271 -8.26 -17.60 31.24
CA LYS F 271 -7.24 -17.16 30.28
C LYS F 271 -7.17 -18.13 29.10
N ALA F 272 -7.01 -19.42 29.39
CA ALA F 272 -6.87 -20.41 28.34
C ALA F 272 -8.17 -20.62 27.56
N ALA F 273 -9.32 -20.38 28.19
CA ALA F 273 -10.58 -20.50 27.47
C ALA F 273 -10.75 -19.36 26.47
N GLU F 274 -10.49 -18.12 26.90
CA GLU F 274 -10.62 -16.97 26.02
C GLU F 274 -9.53 -16.91 24.97
N GLN F 275 -8.38 -17.53 25.22
CA GLN F 275 -7.30 -17.58 24.24
C GLN F 275 -7.52 -18.66 23.19
N LEU F 276 -8.62 -19.39 23.28
CA LEU F 276 -8.88 -20.49 22.35
C LEU F 276 -10.23 -20.33 21.67
N LEU F 277 -11.20 -19.76 22.38
CA LEU F 277 -12.56 -19.67 21.85
C LEU F 277 -12.95 -18.28 21.34
N ASN F 278 -12.20 -17.24 21.66
CA ASN F 278 -12.54 -15.88 21.26
C ASN F 278 -11.49 -15.25 20.34
N ARG F 279 -10.63 -16.06 19.74
CA ARG F 279 -9.59 -15.57 18.85
C ARG F 279 -9.96 -15.91 17.42
N GLU F 280 -10.02 -14.88 16.57
CA GLU F 280 -10.30 -15.12 15.16
C GLU F 280 -9.19 -15.91 14.49
N LEU F 281 -7.94 -15.55 14.78
CA LEU F 281 -6.76 -16.25 14.26
C LEU F 281 -5.87 -16.63 15.43
N PHE F 282 -5.82 -17.93 15.73
CA PHE F 282 -4.90 -18.42 16.74
C PHE F 282 -3.70 -19.08 16.06
N ALA F 283 -2.87 -19.78 16.83
CA ALA F 283 -1.70 -20.46 16.32
C ALA F 283 -1.90 -21.96 16.45
N ASP F 284 -1.73 -22.68 15.34
CA ASP F 284 -1.76 -24.14 15.32
C ASP F 284 -0.39 -24.62 14.87
N GLY F 285 0.41 -25.07 15.82
CA GLY F 285 1.81 -25.32 15.52
C GLY F 285 2.60 -24.04 15.71
N ASN F 286 3.30 -23.62 14.67
CA ASN F 286 4.02 -22.35 14.69
C ASN F 286 3.56 -21.41 13.59
N THR F 287 2.35 -21.61 13.06
CA THR F 287 1.82 -20.80 11.99
C THR F 287 0.45 -20.27 12.35
N THR F 288 0.09 -19.14 11.77
CA THR F 288 -1.19 -18.49 12.03
C THR F 288 -2.26 -19.08 11.12
N VAL F 289 -3.33 -19.61 11.71
CA VAL F 289 -4.41 -20.21 10.96
C VAL F 289 -5.73 -19.67 11.50
N SER F 290 -6.77 -19.76 10.67
CA SER F 290 -8.08 -19.28 11.06
C SER F 290 -8.70 -20.19 12.11
N ASN F 291 -9.48 -19.59 13.00
CA ASN F 291 -10.20 -20.36 14.01
C ASN F 291 -11.35 -21.11 13.37
N GLU F 292 -11.46 -22.40 13.68
CA GLU F 292 -12.60 -23.20 13.26
C GLU F 292 -13.49 -23.63 14.42
N MET F 293 -13.02 -23.45 15.66
CA MET F 293 -13.79 -23.79 16.85
C MET F 293 -14.50 -22.57 17.44
N LYS F 294 -14.49 -21.45 16.73
CA LYS F 294 -15.08 -20.21 17.22
C LYS F 294 -16.55 -20.19 16.84
N GLY F 295 -17.42 -20.15 17.85
CA GLY F 295 -18.85 -20.13 17.64
C GLY F 295 -19.54 -21.47 17.76
N LYS F 296 -18.78 -22.55 17.99
CA LYS F 296 -19.36 -23.88 18.09
C LYS F 296 -19.81 -24.20 19.51
N LEU F 297 -19.07 -23.76 20.52
CA LEU F 297 -19.31 -24.09 21.91
C LEU F 297 -19.68 -22.83 22.69
N GLN F 298 -20.39 -23.03 23.79
CA GLN F 298 -20.72 -21.97 24.72
C GLN F 298 -19.87 -22.11 25.98
N LEU F 299 -19.26 -21.01 26.39
CA LEU F 299 -18.35 -21.00 27.53
C LEU F 299 -19.11 -20.64 28.79
N VAL F 300 -18.95 -21.47 29.83
CA VAL F 300 -19.57 -21.21 31.12
C VAL F 300 -18.47 -21.12 32.17
N VAL F 301 -17.99 -19.90 32.43
CA VAL F 301 -16.97 -19.71 33.46
C VAL F 301 -17.66 -19.82 34.81
N ALA F 302 -17.59 -20.99 35.43
CA ALA F 302 -18.34 -21.30 36.63
C ALA F 302 -17.45 -21.12 37.85
N ASP F 303 -17.86 -20.22 38.75
CA ASP F 303 -17.18 -20.05 40.03
C ASP F 303 -17.82 -20.89 41.12
N TYR F 304 -18.74 -21.79 40.77
CA TYR F 304 -19.29 -22.79 41.68
C TYR F 304 -19.98 -22.13 42.88
N LEU F 305 -20.77 -21.12 42.60
CA LEU F 305 -21.40 -20.32 43.65
C LEU F 305 -22.22 -21.17 44.61
N MET G 1 24.44 59.67 13.76
CA MET G 1 23.82 59.05 14.93
C MET G 1 23.34 60.12 15.92
N ILE G 2 22.15 59.92 16.48
CA ILE G 2 21.62 60.78 17.51
C ILE G 2 21.82 60.07 18.84
N VAL G 3 22.68 60.65 19.70
CA VAL G 3 23.04 60.00 20.94
C VAL G 3 21.86 60.00 21.89
N THR G 4 21.50 58.82 22.39
CA THR G 4 20.40 58.71 23.34
C THR G 4 20.80 57.83 24.53
N PRO G 5 20.34 58.16 25.73
CA PRO G 5 20.73 57.39 26.91
C PRO G 5 20.04 56.03 26.97
N ALA G 6 20.51 55.20 27.90
CA ALA G 6 19.96 53.85 28.02
C ALA G 6 18.52 53.89 28.54
N SER G 7 18.20 54.84 29.41
CA SER G 7 16.86 54.90 29.98
C SER G 7 15.80 55.10 28.92
N ILE G 8 16.04 56.03 27.99
CA ILE G 8 15.10 56.22 26.89
C ILE G 8 15.17 55.05 25.91
N LYS G 9 16.37 54.56 25.59
CA LYS G 9 16.53 53.50 24.61
C LYS G 9 15.94 52.18 25.06
N ALA G 10 15.64 52.01 26.34
CA ALA G 10 15.03 50.80 26.84
C ALA G 10 13.51 50.85 26.81
N LEU G 11 12.91 51.99 26.45
CA LEU G 11 11.46 52.10 26.31
C LEU G 11 10.98 51.82 24.90
N MET G 12 11.89 51.70 23.94
CA MET G 12 11.52 51.39 22.56
C MET G 12 11.39 49.87 22.41
N THR G 13 10.32 49.34 22.98
CA THR G 13 10.03 47.91 22.97
C THR G 13 8.53 47.72 23.04
N SER G 14 8.03 46.80 22.22
CA SER G 14 6.61 46.52 22.13
C SER G 14 6.25 45.41 23.10
N TRP G 15 5.28 45.66 23.98
CA TRP G 15 4.84 44.67 24.93
C TRP G 15 3.88 43.70 24.26
N ARG G 16 4.25 42.42 24.22
CA ARG G 16 3.43 41.38 23.62
C ARG G 16 2.99 40.40 24.71
N LYS G 17 1.68 40.22 24.83
CA LYS G 17 1.12 39.24 25.76
C LYS G 17 0.69 37.97 25.03
N ASP G 18 1.66 37.30 24.42
CA ASP G 18 1.41 36.06 23.70
C ASP G 18 1.81 34.81 24.48
N PHE G 19 2.64 34.94 25.50
CA PHE G 19 3.00 33.84 26.38
C PHE G 19 2.03 33.70 27.55
N GLN G 20 1.02 34.57 27.64
CA GLN G 20 0.17 34.62 28.82
C GLN G 20 -0.54 33.29 29.04
N GLY G 21 -0.66 32.91 30.30
CA GLY G 21 -1.26 31.66 30.70
C GLY G 21 -0.25 30.56 30.99
N GLY G 22 0.96 30.68 30.44
CA GLY G 22 1.99 29.69 30.72
C GLY G 22 1.64 28.33 30.14
N LEU G 23 1.99 27.29 30.88
CA LEU G 23 1.78 25.92 30.47
C LEU G 23 0.52 25.37 31.13
N GLU G 24 -0.32 24.71 30.33
CA GLU G 24 -1.59 24.22 30.82
C GLU G 24 -1.40 23.12 31.86
N ASP G 25 -2.34 23.03 32.79
CA ASP G 25 -2.34 21.97 33.76
C ASP G 25 -2.87 20.67 33.14
N ALA G 26 -2.61 19.57 33.82
CA ALA G 26 -3.03 18.27 33.31
C ALA G 26 -4.54 18.13 33.36
N PRO G 27 -5.13 17.33 32.46
CA PRO G 27 -6.57 17.06 32.55
C PRO G 27 -6.90 16.27 33.81
N SER G 28 -8.11 16.51 34.33
CA SER G 28 -8.57 15.86 35.55
C SER G 28 -9.43 14.66 35.21
N GLN G 29 -9.05 13.51 35.77
CA GLN G 29 -9.81 12.28 35.52
C GLN G 29 -9.96 11.43 36.77
N TYR G 30 -10.29 12.06 37.90
CA TYR G 30 -10.55 11.29 39.12
C TYR G 30 -11.98 10.84 39.25
N ASN G 31 -12.90 11.37 38.43
CA ASN G 31 -14.29 10.94 38.48
C ASN G 31 -14.48 9.52 37.97
N LYS G 32 -13.52 8.99 37.22
CA LYS G 32 -13.59 7.62 36.74
C LYS G 32 -13.16 6.60 37.78
N ILE G 33 -12.64 7.04 38.91
CA ILE G 33 -12.07 6.14 39.91
C ILE G 33 -12.71 6.27 41.28
N ALA G 34 -13.28 7.41 41.64
CA ALA G 34 -13.75 7.66 43.00
C ALA G 34 -15.23 8.03 43.00
N MET G 35 -15.86 7.84 44.15
CA MET G 35 -17.26 8.20 44.36
C MET G 35 -17.28 9.45 45.24
N VAL G 36 -18.01 10.47 44.79
CA VAL G 36 -18.07 11.72 45.54
C VAL G 36 -19.23 11.67 46.52
N VAL G 37 -18.93 11.86 47.81
CA VAL G 37 -19.94 11.86 48.87
C VAL G 37 -19.69 13.06 49.76
N ASN G 38 -20.75 13.80 50.07
CA ASN G 38 -20.64 15.02 50.85
C ASN G 38 -20.45 14.70 52.33
N SER G 39 -20.24 15.75 53.12
CA SER G 39 -20.08 15.61 54.57
C SER G 39 -20.67 16.85 55.24
N SER G 40 -21.07 16.69 56.50
CA SER G 40 -21.65 17.81 57.23
C SER G 40 -20.85 18.14 58.49
N THR G 41 -20.60 17.15 59.31
CA THR G 41 -19.81 17.34 60.53
C THR G 41 -18.37 16.91 60.34
N ARG G 42 -17.65 16.75 61.45
CA ARG G 42 -16.22 16.52 61.47
C ARG G 42 -15.76 15.29 60.67
N SER G 43 -16.61 14.28 60.49
CA SER G 43 -16.21 13.10 59.75
C SER G 43 -17.46 12.34 59.30
N ASN G 44 -17.24 11.28 58.52
CA ASN G 44 -18.29 10.37 58.07
C ASN G 44 -17.95 8.96 58.51
N THR G 45 -18.96 8.21 58.94
CA THR G 45 -18.79 6.82 59.35
C THR G 45 -19.69 5.93 58.51
N TYR G 46 -19.14 4.82 58.02
CA TYR G 46 -19.85 3.89 57.15
C TYR G 46 -19.86 2.51 57.79
N GLY G 47 -20.93 1.76 57.55
CA GLY G 47 -21.05 0.42 58.09
C GLY G 47 -21.95 -0.45 57.25
N TRP G 48 -21.67 -1.75 57.27
CA TRP G 48 -22.49 -2.74 56.58
C TRP G 48 -22.68 -3.95 57.47
N LEU G 49 -23.18 -5.07 56.93
CA LEU G 49 -23.60 -6.16 57.80
C LEU G 49 -23.01 -7.52 57.45
N GLY G 50 -22.57 -7.75 56.22
CA GLY G 50 -22.08 -9.08 55.91
C GLY G 50 -23.18 -9.98 55.36
N LYS G 51 -22.97 -11.29 55.48
CA LYS G 51 -23.77 -12.26 54.76
C LYS G 51 -24.30 -13.32 55.71
N PHE G 52 -25.45 -13.90 55.33
CA PHE G 52 -26.06 -14.97 56.08
C PHE G 52 -25.23 -16.25 55.95
N PRO G 53 -25.18 -17.08 56.98
CA PRO G 53 -24.46 -18.36 56.87
C PRO G 53 -25.11 -19.27 55.85
N THR G 54 -24.29 -20.16 55.28
CA THR G 54 -24.75 -21.08 54.25
C THR G 54 -25.59 -22.18 54.87
N LEU G 55 -26.64 -22.58 54.15
CA LEU G 55 -27.51 -23.64 54.62
C LEU G 55 -26.75 -24.96 54.62
N LYS G 56 -26.98 -25.77 55.65
CA LYS G 56 -26.30 -27.05 55.80
C LYS G 56 -27.32 -28.11 56.21
N GLU G 57 -26.93 -29.37 56.03
CA GLU G 57 -27.82 -30.49 56.27
C GLU G 57 -28.32 -30.50 57.71
N TRP G 58 -29.61 -30.77 57.89
CA TRP G 58 -30.28 -30.71 59.18
C TRP G 58 -30.36 -32.13 59.75
N VAL G 59 -29.75 -32.33 60.93
CA VAL G 59 -29.70 -33.64 61.57
C VAL G 59 -30.49 -33.67 62.86
N GLY G 60 -30.08 -32.86 63.85
CA GLY G 60 -30.74 -32.87 65.15
C GLY G 60 -31.64 -31.67 65.34
N LYS G 61 -31.14 -30.66 66.05
CA LYS G 61 -31.82 -29.40 66.22
C LYS G 61 -30.93 -28.27 65.71
N ARG G 62 -31.55 -27.14 65.39
CA ARG G 62 -30.84 -26.04 64.75
C ARG G 62 -29.70 -25.56 65.65
N THR G 63 -28.57 -25.26 65.01
CA THR G 63 -27.42 -24.67 65.69
C THR G 63 -27.43 -23.18 65.41
N ILE G 64 -27.57 -22.37 66.46
CA ILE G 64 -27.66 -20.93 66.29
C ILE G 64 -26.28 -20.36 66.02
N GLN G 65 -26.17 -19.56 64.98
CA GLN G 65 -24.90 -19.03 64.51
C GLN G 65 -24.86 -17.51 64.67
N GLN G 66 -23.79 -16.89 64.18
CA GLN G 66 -23.53 -15.49 64.38
C GLN G 66 -23.20 -14.81 63.06
N MET G 67 -23.37 -13.49 63.05
CA MET G 67 -22.95 -12.65 61.93
C MET G 67 -21.91 -11.66 62.42
N GLU G 68 -21.57 -10.66 61.61
CA GLU G 68 -20.66 -9.62 62.04
C GLU G 68 -21.10 -8.29 61.44
N ALA G 69 -20.36 -7.24 61.77
CA ALA G 69 -20.58 -5.94 61.17
C ALA G 69 -19.25 -5.20 61.15
N HIS G 70 -19.11 -4.25 60.24
CA HIS G 70 -17.88 -3.50 60.09
C HIS G 70 -18.15 -2.01 60.09
N GLY G 71 -17.08 -1.24 60.28
CA GLY G 71 -17.17 0.21 60.32
C GLY G 71 -15.88 0.83 59.83
N TYR G 72 -15.99 2.07 59.37
CA TYR G 72 -14.88 2.79 58.77
C TYR G 72 -15.24 4.26 58.71
N SER G 73 -14.31 5.12 59.12
CA SER G 73 -14.57 6.55 59.20
C SER G 73 -13.47 7.35 58.52
N ILE G 74 -13.87 8.40 57.81
CA ILE G 74 -12.95 9.29 57.10
C ILE G 74 -13.10 10.69 57.68
N ALA G 75 -12.00 11.25 58.18
CA ALA G 75 -12.03 12.58 58.78
C ALA G 75 -11.47 13.61 57.82
N ASN G 76 -12.19 14.71 57.66
CA ASN G 76 -11.83 15.74 56.69
C ASN G 76 -10.87 16.76 57.28
N LYS G 77 -10.15 17.46 56.40
CA LYS G 77 -9.06 18.34 56.76
C LYS G 77 -9.24 19.69 56.09
N THR G 78 -8.48 20.67 56.58
CA THR G 78 -8.58 22.05 56.12
C THR G 78 -7.32 22.45 55.38
N PHE G 79 -7.48 23.07 54.22
CA PHE G 79 -6.37 23.43 53.35
C PHE G 79 -6.42 24.93 53.04
N GLU G 80 -5.23 25.51 52.81
CA GLU G 80 -5.08 26.96 52.76
C GLU G 80 -3.96 27.36 51.79
N GLY G 81 -4.19 28.46 51.08
CA GLY G 81 -3.14 29.08 50.28
C GLY G 81 -3.28 30.59 50.21
N THR G 82 -2.20 31.34 50.42
CA THR G 82 -2.27 32.79 50.48
C THR G 82 -1.04 33.42 49.84
N VAL G 83 -1.27 34.50 49.07
CA VAL G 83 -0.20 35.30 48.48
C VAL G 83 -0.50 36.77 48.79
N GLY G 84 0.56 37.55 48.91
CA GLY G 84 0.41 38.97 49.15
C GLY G 84 1.25 39.87 48.27
N ILE G 85 0.69 40.98 47.82
CA ILE G 85 1.38 41.93 46.97
C ILE G 85 1.13 43.34 47.50
N SER G 86 2.10 44.22 47.29
CA SER G 86 1.97 45.60 47.75
C SER G 86 0.88 46.32 46.98
N ARG G 87 0.28 47.33 47.62
CA ARG G 87 -0.78 48.09 46.96
C ARG G 87 -0.22 48.94 45.82
N ASP G 88 0.90 49.61 46.07
CA ASP G 88 1.52 50.42 45.03
C ASP G 88 1.85 49.60 43.80
N ASP G 89 2.46 48.43 44.00
CA ASP G 89 2.85 47.59 42.87
C ASP G 89 1.64 47.14 42.06
N PHE G 90 0.54 46.85 42.74
CA PHE G 90 -0.68 46.47 42.02
C PHE G 90 -1.26 47.64 41.24
N GLU G 91 -1.28 48.83 41.83
CA GLU G 91 -1.99 49.94 41.19
C GLU G 91 -1.26 50.45 39.95
N ASP G 92 0.05 50.69 40.05
CA ASP G 92 0.79 51.22 38.91
C ASP G 92 1.36 50.08 38.05
N ASP G 93 0.43 49.30 37.49
CA ASP G 93 0.74 48.15 36.65
C ASP G 93 0.08 48.37 35.30
N ASN G 94 0.76 49.10 34.41
CA ASN G 94 0.19 49.37 33.09
C ASN G 94 0.28 48.14 32.20
N LEU G 95 1.30 47.30 32.39
CA LEU G 95 1.50 46.15 31.53
C LEU G 95 0.33 45.18 31.64
N GLY G 96 -0.01 44.78 32.87
CA GLY G 96 -1.10 43.85 33.08
C GLY G 96 -0.62 42.46 33.43
N ILE G 97 0.53 42.38 34.09
CA ILE G 97 1.09 41.08 34.45
C ILE G 97 0.53 40.53 35.75
N TYR G 98 0.08 41.39 36.66
CA TYR G 98 -0.45 40.95 37.94
C TYR G 98 -1.96 40.75 37.93
N ALA G 99 -2.60 40.92 36.79
CA ALA G 99 -4.04 40.73 36.67
C ALA G 99 -4.49 39.31 36.95
N PRO G 100 -3.84 38.27 36.40
CA PRO G 100 -4.40 36.92 36.50
C PRO G 100 -4.22 36.23 37.85
N ILE G 101 -3.89 36.94 38.92
CA ILE G 101 -3.65 36.26 40.20
C ILE G 101 -4.90 35.53 40.68
N PHE G 102 -6.07 36.16 40.55
CA PHE G 102 -7.30 35.53 40.97
C PHE G 102 -7.59 34.28 40.14
N GLN G 103 -7.38 34.35 38.82
CA GLN G 103 -7.60 33.19 37.97
C GLN G 103 -6.64 32.06 38.33
N GLU G 104 -5.38 32.39 38.61
CA GLU G 104 -4.43 31.36 39.02
C GLU G 104 -4.81 30.73 40.35
N MET G 105 -5.32 31.54 41.29
CA MET G 105 -5.77 30.99 42.56
C MET G 105 -6.92 30.01 42.35
N GLY G 106 -7.89 30.40 41.53
CA GLY G 106 -8.99 29.51 41.21
C GLY G 106 -8.55 28.23 40.52
N ARG G 107 -7.59 28.30 39.61
CA ARG G 107 -7.04 27.10 38.98
C ARG G 107 -6.28 26.21 39.94
N SER G 108 -5.50 26.79 40.86
CA SER G 108 -4.76 25.99 41.83
C SER G 108 -5.67 25.35 42.87
N ALA G 109 -6.82 25.94 43.16
CA ALA G 109 -7.77 25.32 44.08
C ALA G 109 -8.63 24.26 43.44
N ALA G 110 -8.71 24.22 42.11
CA ALA G 110 -9.56 23.27 41.40
C ALA G 110 -8.86 21.96 41.06
N VAL G 111 -7.56 21.86 41.35
CA VAL G 111 -6.78 20.68 41.01
C VAL G 111 -6.68 19.71 42.18
N GLN G 112 -6.95 20.16 43.40
CA GLN G 112 -6.65 19.37 44.58
C GLN G 112 -7.28 17.98 44.62
N PRO G 113 -8.54 17.75 44.17
CA PRO G 113 -9.08 16.39 44.23
C PRO G 113 -8.21 15.36 43.53
N ASP G 114 -7.62 15.73 42.40
CA ASP G 114 -6.72 14.81 41.71
C ASP G 114 -5.48 14.52 42.55
N GLU G 115 -4.85 15.57 43.10
CA GLU G 115 -3.67 15.38 43.93
C GLU G 115 -3.97 14.53 45.14
N LEU G 116 -5.21 14.56 45.63
CA LEU G 116 -5.58 13.72 46.76
C LEU G 116 -5.79 12.28 46.33
N ILE G 117 -6.64 12.06 45.33
CA ILE G 117 -7.04 10.70 44.95
C ILE G 117 -5.86 9.92 44.39
N PHE G 118 -5.09 10.52 43.49
CA PHE G 118 -4.04 9.74 42.85
C PHE G 118 -2.85 9.51 43.76
N LYS G 119 -2.56 10.46 44.65
CA LYS G 119 -1.58 10.19 45.70
C LYS G 119 -2.07 9.09 46.63
N LEU G 120 -3.37 8.89 46.78
CA LEU G 120 -3.90 7.74 47.58
C LEU G 120 -3.47 6.41 46.96
N LEU G 121 -3.91 6.08 45.74
CA LEU G 121 -3.49 4.83 45.04
C LEU G 121 -1.99 4.59 45.19
N LYS G 122 -1.16 5.59 44.96
CA LYS G 122 0.30 5.36 45.03
C LYS G 122 0.63 4.84 46.41
N ASP G 123 0.46 5.66 47.42
CA ASP G 123 0.84 5.24 48.78
C ASP G 123 -0.24 4.33 49.33
N GLY G 124 -0.66 3.36 48.54
CA GLY G 124 -1.60 2.44 49.12
C GLY G 124 -0.94 1.30 49.86
N PHE G 125 0.37 1.16 49.69
CA PHE G 125 1.10 0.10 50.36
C PHE G 125 1.37 0.40 51.82
N THR G 126 1.25 1.66 52.24
CA THR G 126 1.57 2.07 53.60
C THR G 126 0.48 3.00 54.14
N GLN G 127 -0.78 2.60 53.97
CA GLN G 127 -1.90 3.39 54.46
C GLN G 127 -3.04 2.47 54.86
N PRO G 128 -3.67 2.69 56.02
CA PRO G 128 -4.60 1.70 56.55
C PRO G 128 -5.86 1.55 55.71
N CYS G 129 -6.46 0.37 55.80
CA CYS G 129 -7.72 0.07 55.12
C CYS G 129 -8.78 -0.21 56.18
N TYR G 130 -9.95 -0.70 55.77
CA TYR G 130 -11.07 -0.86 56.69
C TYR G 130 -10.93 -2.09 57.59
N ASP G 131 -9.92 -2.93 57.38
CA ASP G 131 -9.70 -4.09 58.24
C ASP G 131 -8.41 -4.00 59.05
N GLY G 132 -7.67 -2.90 58.95
CA GLY G 132 -6.47 -2.68 59.74
C GLY G 132 -5.18 -2.78 58.95
N GLN G 133 -5.19 -3.52 57.86
CA GLN G 133 -4.00 -3.66 57.04
C GLN G 133 -3.94 -2.55 55.98
N ASN G 134 -2.80 -2.46 55.32
CA ASN G 134 -2.66 -1.52 54.21
C ASN G 134 -3.54 -1.97 53.05
N PHE G 135 -3.86 -1.02 52.15
CA PHE G 135 -4.74 -1.34 51.04
C PHE G 135 -4.16 -2.46 50.18
N PHE G 136 -2.90 -2.31 49.79
CA PHE G 136 -2.20 -3.32 48.99
C PHE G 136 -1.30 -4.10 49.92
N ASP G 137 -1.79 -5.24 50.41
CA ASP G 137 -1.11 -6.03 51.40
C ASP G 137 -1.16 -7.50 51.00
N LYS G 138 -0.17 -8.24 51.44
CA LYS G 138 -0.10 -9.67 51.08
C LYS G 138 -0.70 -10.49 52.21
N GLU G 139 -1.27 -9.84 53.23
CA GLU G 139 -1.80 -10.55 54.42
C GLU G 139 -3.18 -10.03 54.82
N HIS G 140 -4.16 -10.13 53.94
CA HIS G 140 -5.52 -9.62 54.20
C HIS G 140 -6.34 -10.81 54.66
N PRO G 141 -6.78 -10.89 55.92
CA PRO G 141 -7.40 -12.08 56.50
C PRO G 141 -8.73 -12.41 55.82
N VAL G 142 -8.93 -13.68 55.51
CA VAL G 142 -10.20 -14.20 55.05
C VAL G 142 -10.57 -15.38 55.95
N TYR G 143 -11.76 -15.32 56.53
CA TYR G 143 -12.09 -16.22 57.62
C TYR G 143 -12.98 -17.37 57.16
N PRO G 144 -12.87 -18.53 57.82
CA PRO G 144 -13.66 -19.69 57.39
C PRO G 144 -15.15 -19.56 57.61
N ASN G 145 -15.59 -18.82 58.64
CA ASN G 145 -17.01 -18.65 58.90
C ASN G 145 -17.35 -17.18 58.95
N VAL G 146 -18.66 -16.90 58.89
CA VAL G 146 -19.12 -15.54 58.61
C VAL G 146 -18.73 -14.57 59.71
N ASP G 147 -18.87 -14.98 60.97
CA ASP G 147 -18.66 -14.07 62.08
C ASP G 147 -17.21 -13.66 62.24
N GLY G 148 -16.37 -14.01 61.27
CA GLY G 148 -14.97 -13.62 61.32
C GLY G 148 -14.26 -14.40 62.40
N THR G 149 -14.70 -15.62 62.67
CA THR G 149 -13.95 -16.45 63.64
C THR G 149 -13.19 -17.52 62.86
N GLY G 150 -12.37 -18.29 63.55
CA GLY G 150 -11.65 -19.39 62.88
C GLY G 150 -10.23 -19.00 62.57
N SER G 151 -9.51 -19.89 61.90
CA SER G 151 -8.14 -19.60 61.51
C SER G 151 -8.12 -18.79 60.21
N ALA G 152 -7.50 -17.62 60.26
CA ALA G 152 -7.50 -16.73 59.11
C ALA G 152 -6.62 -17.27 57.99
N VAL G 153 -7.04 -17.01 56.75
CA VAL G 153 -6.27 -17.35 55.56
C VAL G 153 -5.83 -16.04 54.92
N ASN G 154 -4.54 -15.92 54.63
CA ASN G 154 -4.00 -14.68 54.08
C ASN G 154 -4.21 -14.61 52.58
N THR G 155 -4.79 -13.51 52.11
CA THR G 155 -4.99 -13.24 50.69
C THR G 155 -4.24 -11.97 50.32
N SER G 156 -3.74 -11.93 49.09
CA SER G 156 -2.88 -10.83 48.65
C SER G 156 -3.54 -10.06 47.52
N ASN G 157 -3.41 -8.74 47.57
CA ASN G 157 -3.81 -7.85 46.49
C ASN G 157 -2.69 -7.59 45.50
N ILE G 158 -1.52 -8.19 45.73
CA ILE G 158 -0.31 -7.86 44.99
C ILE G 158 0.19 -9.10 44.28
N VAL G 159 0.50 -8.97 42.99
CA VAL G 159 1.27 -9.97 42.26
C VAL G 159 2.66 -9.39 42.04
N GLU G 160 3.68 -10.20 42.27
CA GLU G 160 5.05 -9.70 42.30
C GLU G 160 5.94 -10.52 41.38
N GLN G 161 6.81 -9.84 40.65
CA GLN G 161 7.83 -10.51 39.88
C GLN G 161 9.00 -10.91 40.78
N ASP G 162 9.88 -11.76 40.26
CA ASP G 162 10.98 -12.27 41.06
C ASP G 162 11.93 -11.15 41.47
N SER G 163 12.36 -10.34 40.51
CA SER G 163 13.27 -9.22 40.78
C SER G 163 12.86 -8.04 39.90
N PHE G 164 12.06 -7.15 40.46
CA PHE G 164 11.58 -5.97 39.76
C PHE G 164 11.91 -4.72 40.56
N SER G 165 12.43 -3.70 39.88
CA SER G 165 12.55 -2.36 40.43
C SER G 165 12.06 -1.38 39.37
N GLY G 166 10.77 -1.09 39.38
CA GLY G 166 10.14 -0.27 38.35
C GLY G 166 8.87 0.37 38.83
N LEU G 167 7.88 0.43 37.96
CA LEU G 167 6.62 1.13 38.22
C LEU G 167 5.47 0.15 38.27
N PRO G 168 4.64 0.20 39.31
CA PRO G 168 3.47 -0.68 39.37
C PRO G 168 2.31 -0.14 38.54
N PHE G 169 1.34 -1.01 38.30
CA PHE G 169 0.07 -0.62 37.72
C PHE G 169 -1.05 -1.35 38.45
N TYR G 170 -2.26 -0.79 38.38
CA TYR G 170 -3.36 -1.19 39.23
C TYR G 170 -4.59 -1.54 38.41
N LEU G 171 -5.37 -2.49 38.92
CA LEU G 171 -6.64 -2.87 38.32
C LEU G 171 -7.77 -2.61 39.32
N LEU G 172 -8.84 -1.99 38.84
CA LEU G 172 -9.92 -1.54 39.69
C LEU G 172 -11.25 -2.05 39.13
N ASP G 173 -12.29 -2.04 39.96
CA ASP G 173 -13.61 -2.49 39.55
C ASP G 173 -14.48 -1.36 39.02
N CYS G 174 -14.77 -0.35 39.86
CA CYS G 174 -15.49 0.83 39.43
C CYS G 174 -16.78 0.53 38.67
N SER G 175 -17.35 -0.65 38.89
CA SER G 175 -18.54 -1.08 38.18
C SER G 175 -19.81 -0.98 39.02
N ARG G 176 -19.70 -0.52 40.26
CA ARG G 176 -20.86 -0.46 41.14
C ARG G 176 -21.00 0.94 41.73
N ALA G 177 -21.87 1.09 42.73
CA ALA G 177 -22.00 2.33 43.46
C ALA G 177 -20.83 2.60 44.39
N VAL G 178 -20.26 1.55 44.98
CA VAL G 178 -19.15 1.69 45.93
C VAL G 178 -17.88 1.43 45.12
N LYS G 179 -17.31 2.50 44.57
CA LYS G 179 -16.05 2.40 43.85
C LYS G 179 -14.91 2.23 44.83
N PRO G 180 -13.75 1.73 44.37
CA PRO G 180 -12.66 1.44 45.30
C PRO G 180 -12.13 2.65 46.05
N LEU G 181 -12.31 3.86 45.55
CA LEU G 181 -11.80 5.06 46.20
C LEU G 181 -12.94 6.01 46.51
N ILE G 182 -12.75 6.84 47.53
CA ILE G 182 -13.77 7.76 48.01
C ILE G 182 -13.20 9.17 48.05
N PHE G 183 -14.01 10.13 47.60
CA PHE G 183 -13.68 11.54 47.72
C PHE G 183 -14.82 12.22 48.46
N GLN G 184 -14.53 12.78 49.64
CA GLN G 184 -15.54 13.45 50.44
C GLN G 184 -15.19 14.92 50.59
N GLU G 185 -16.20 15.77 50.48
CA GLU G 185 -16.02 17.23 50.47
C GLU G 185 -16.91 17.84 51.53
N ARG G 186 -16.32 18.65 52.41
CA ARG G 186 -17.07 19.28 53.48
C ARG G 186 -17.76 20.56 53.00
N ARG G 187 -16.98 21.53 52.52
CA ARG G 187 -17.54 22.75 51.97
C ARG G 187 -16.73 23.18 50.76
N LYS G 188 -17.40 23.84 49.82
CA LYS G 188 -16.78 24.22 48.57
C LYS G 188 -15.70 25.28 48.80
N PRO G 189 -14.68 25.32 47.94
CA PRO G 189 -13.61 26.31 48.14
C PRO G 189 -14.13 27.72 47.98
N GLU G 190 -13.57 28.63 48.77
CA GLU G 190 -13.94 30.04 48.73
C GLU G 190 -12.70 30.87 48.42
N LEU G 191 -12.79 31.72 47.41
CA LEU G 191 -11.69 32.55 46.96
C LEU G 191 -12.01 34.00 47.27
N VAL G 192 -11.09 34.67 47.96
CA VAL G 192 -11.31 36.03 48.43
C VAL G 192 -10.13 36.89 48.03
N ALA G 193 -10.37 38.18 47.89
CA ALA G 193 -9.33 39.17 47.57
C ALA G 193 -9.52 40.35 48.51
N ARG G 194 -8.68 40.39 49.56
CA ARG G 194 -8.79 41.43 50.59
C ARG G 194 -8.06 42.68 50.10
N THR G 195 -8.71 43.41 49.20
CA THR G 195 -8.12 44.57 48.53
C THR G 195 -9.01 45.80 48.71
N ARG G 196 -9.44 46.05 49.94
CA ARG G 196 -10.27 47.21 50.26
C ARG G 196 -9.56 48.09 51.28
N ILE G 197 -9.66 49.40 51.06
CA ILE G 197 -8.98 50.36 51.92
C ILE G 197 -9.49 50.30 53.36
N ASP G 198 -10.67 49.73 53.58
CA ASP G 198 -11.24 49.60 54.91
C ASP G 198 -10.81 48.30 55.60
N ASP G 199 -9.66 47.76 55.21
CA ASP G 199 -9.11 46.55 55.82
C ASP G 199 -7.94 46.91 56.72
N ASP G 200 -7.72 46.08 57.74
CA ASP G 200 -6.64 46.33 58.67
C ASP G 200 -5.28 46.24 57.99
N HIS G 201 -5.11 45.27 57.10
CA HIS G 201 -3.80 45.06 56.48
C HIS G 201 -3.51 46.11 55.41
N VAL G 202 -4.55 46.59 54.72
CA VAL G 202 -4.40 47.57 53.65
C VAL G 202 -4.28 48.96 54.25
N PHE G 203 -4.41 49.06 55.58
CA PHE G 203 -4.26 50.32 56.28
C PHE G 203 -2.99 50.36 57.12
N MET G 204 -2.79 49.41 58.03
CA MET G 204 -1.57 49.40 58.82
C MET G 204 -0.35 49.18 57.94
N ASP G 205 -0.46 48.29 56.96
CA ASP G 205 0.47 48.17 55.85
C ASP G 205 -0.25 48.62 54.59
N ASN G 206 0.40 48.50 53.44
CA ASN G 206 -0.31 48.71 52.19
C ASN G 206 -0.15 47.47 51.31
N GLU G 207 -0.45 46.31 51.90
CA GLU G 207 -0.32 45.03 51.22
C GLU G 207 -1.70 44.49 50.87
N PHE G 208 -1.86 44.00 49.64
CA PHE G 208 -3.04 43.26 49.23
C PHE G 208 -2.85 41.80 49.55
N LEU G 209 -3.94 41.09 49.78
CA LEU G 209 -3.88 39.67 50.14
C LEU G 209 -4.88 38.89 49.30
N PHE G 210 -4.43 37.75 48.77
CA PHE G 210 -5.26 36.83 48.01
C PHE G 210 -5.17 35.47 48.69
N GLY G 211 -6.31 34.92 49.10
CA GLY G 211 -6.33 33.68 49.83
C GLY G 211 -7.39 32.72 49.32
N ALA G 212 -7.11 31.43 49.47
CA ALA G 212 -8.02 30.36 49.09
C ALA G 212 -8.08 29.33 50.20
N SER G 213 -9.29 28.91 50.55
CA SER G 213 -9.52 27.96 51.63
C SER G 213 -10.36 26.80 51.12
N THR G 214 -10.06 25.60 51.61
CA THR G 214 -10.70 24.39 51.11
C THR G 214 -10.74 23.35 52.23
N ARG G 215 -11.83 22.59 52.31
CA ARG G 215 -12.02 21.58 53.34
C ARG G 215 -12.51 20.29 52.69
N ARG G 216 -11.66 19.28 52.60
CA ARG G 216 -11.98 18.05 51.89
C ARG G 216 -10.98 16.96 52.26
N ALA G 217 -11.37 15.72 52.01
CA ALA G 217 -10.51 14.57 52.29
C ALA G 217 -10.86 13.41 51.38
N ALA G 218 -10.04 12.36 51.43
CA ALA G 218 -10.20 11.18 50.58
C ALA G 218 -10.00 9.91 51.39
N GLY G 219 -10.65 8.83 50.96
CA GLY G 219 -10.67 7.58 51.71
C GLY G 219 -10.53 6.38 50.80
N TYR G 220 -10.52 5.20 51.41
CA TYR G 220 -10.00 4.00 50.77
C TYR G 220 -11.04 2.96 50.38
N GLY G 221 -12.25 2.97 50.93
CA GLY G 221 -13.23 2.03 50.42
C GLY G 221 -12.86 0.57 50.66
N PHE G 222 -13.27 -0.29 49.72
CA PHE G 222 -13.09 -1.73 49.79
C PHE G 222 -11.72 -2.14 49.25
N TRP G 223 -11.10 -3.15 49.86
CA TRP G 223 -9.83 -3.65 49.37
C TRP G 223 -9.98 -4.76 48.35
N GLN G 224 -11.12 -5.43 48.30
CA GLN G 224 -11.29 -6.57 47.41
C GLN G 224 -11.45 -6.17 45.95
N MET G 225 -11.62 -4.89 45.66
CA MET G 225 -11.91 -4.42 44.31
C MET G 225 -10.72 -3.73 43.67
N ALA G 226 -9.51 -3.99 44.16
CA ALA G 226 -8.34 -3.31 43.63
C ALA G 226 -7.12 -4.20 43.79
N VAL G 227 -6.40 -4.41 42.69
CA VAL G 227 -5.23 -5.28 42.66
C VAL G 227 -4.07 -4.50 42.07
N ALA G 228 -2.92 -4.56 42.75
CA ALA G 228 -1.72 -3.86 42.32
C ALA G 228 -0.72 -4.85 41.76
N VAL G 229 -0.27 -4.62 40.53
CA VAL G 229 0.66 -5.51 39.86
C VAL G 229 2.05 -4.86 39.90
N LYS G 230 2.97 -5.48 40.62
CA LYS G 230 4.36 -5.03 40.65
C LYS G 230 5.23 -5.82 39.69
N GLY G 231 4.83 -5.83 38.43
CA GLY G 231 5.57 -6.54 37.40
C GLY G 231 5.56 -5.81 36.08
N ASP G 232 6.13 -6.42 35.05
CA ASP G 232 6.09 -5.81 33.73
C ASP G 232 4.67 -5.85 33.18
N LEU G 233 4.31 -4.82 32.44
CA LEU G 233 3.00 -4.75 31.81
C LEU G 233 3.03 -5.65 30.58
N THR G 234 2.81 -6.95 30.81
CA THR G 234 2.73 -7.93 29.75
C THR G 234 1.39 -8.65 29.85
N LEU G 235 1.12 -9.49 28.85
CA LEU G 235 -0.14 -10.22 28.82
C LEU G 235 -0.26 -11.16 30.02
N ASP G 236 0.83 -11.83 30.38
CA ASP G 236 0.80 -12.80 31.46
C ASP G 236 0.45 -12.14 32.79
N ASN G 237 1.07 -10.99 33.08
CA ASN G 237 0.80 -10.31 34.35
C ASN G 237 -0.61 -9.73 34.39
N LEU G 238 -1.09 -9.22 33.26
CA LEU G 238 -2.47 -8.74 33.21
C LEU G 238 -3.45 -9.87 33.49
N TRP G 239 -3.21 -11.04 32.90
CA TRP G 239 -4.09 -12.18 33.17
C TRP G 239 -3.95 -12.67 34.61
N LYS G 240 -2.75 -12.59 35.18
CA LYS G 240 -2.58 -12.94 36.60
C LYS G 240 -3.43 -12.03 37.48
N GLY G 241 -3.37 -10.72 37.24
CA GLY G 241 -4.18 -9.80 38.01
C GLY G 241 -5.66 -10.04 37.83
N TRP G 242 -6.08 -10.34 36.60
CA TRP G 242 -7.48 -10.64 36.34
C TRP G 242 -7.94 -11.86 37.14
N GLN G 243 -7.20 -12.96 37.03
CA GLN G 243 -7.57 -14.20 37.70
C GLN G 243 -7.39 -14.14 39.20
N LEU G 244 -6.55 -13.25 39.72
CA LEU G 244 -6.47 -13.01 41.15
C LEU G 244 -7.66 -12.22 41.67
N MET G 245 -8.08 -11.17 40.97
CA MET G 245 -9.26 -10.44 41.38
C MET G 245 -10.52 -11.28 41.25
N ARG G 246 -10.56 -12.22 40.31
CA ARG G 246 -11.72 -13.09 40.16
C ARG G 246 -11.72 -14.25 41.14
N SER G 247 -10.68 -14.39 41.96
CA SER G 247 -10.59 -15.48 42.92
C SER G 247 -10.80 -15.05 44.36
N PHE G 248 -11.14 -13.79 44.62
CA PHE G 248 -11.37 -13.33 45.98
C PHE G 248 -12.68 -13.89 46.50
N GLU G 249 -12.71 -14.21 47.78
CA GLU G 249 -13.91 -14.71 48.45
C GLU G 249 -14.15 -13.91 49.73
N GLY G 250 -15.41 -13.84 50.12
CA GLY G 250 -15.77 -13.23 51.38
C GLY G 250 -15.61 -14.18 52.54
N ASP G 251 -15.91 -13.68 53.73
CA ASP G 251 -15.91 -14.53 54.92
C ASP G 251 -16.99 -15.59 54.77
N GLY G 252 -16.63 -16.83 55.09
CA GLY G 252 -17.57 -17.94 55.02
C GLY G 252 -17.47 -18.76 53.76
N GLY G 253 -16.50 -18.49 52.90
CA GLY G 253 -16.41 -19.21 51.64
C GLY G 253 -17.39 -18.76 50.60
N LYS G 254 -17.94 -17.56 50.73
CA LYS G 254 -18.90 -17.04 49.76
C LYS G 254 -18.18 -16.65 48.48
N LYS G 255 -18.80 -16.90 47.34
CA LYS G 255 -18.22 -16.59 46.04
C LYS G 255 -18.76 -15.24 45.57
N LEU G 256 -17.85 -14.32 45.26
CA LEU G 256 -18.19 -12.97 44.85
C LEU G 256 -17.91 -12.75 43.37
N GLY G 257 -18.77 -11.97 42.73
CA GLY G 257 -18.58 -11.64 41.34
C GLY G 257 -17.84 -10.33 41.15
N LEU G 258 -16.54 -10.41 40.91
CA LEU G 258 -15.69 -9.25 40.69
C LEU G 258 -14.80 -9.50 39.49
N LYS G 259 -14.58 -8.47 38.68
CA LYS G 259 -13.69 -8.57 37.54
C LYS G 259 -13.22 -7.17 37.19
N PRO G 260 -11.94 -6.99 36.84
CA PRO G 260 -11.41 -5.65 36.58
C PRO G 260 -12.14 -4.97 35.45
N THR G 261 -12.24 -3.64 35.54
CA THR G 261 -12.88 -2.85 34.51
C THR G 261 -11.92 -1.77 34.03
N HIS G 262 -11.11 -1.25 34.93
CA HIS G 262 -10.21 -0.15 34.64
C HIS G 262 -8.78 -0.58 34.94
N ILE G 263 -7.84 -0.03 34.18
CA ILE G 263 -6.42 -0.22 34.44
C ILE G 263 -5.75 1.15 34.45
N VAL G 264 -5.12 1.51 35.56
CA VAL G 264 -4.54 2.83 35.75
C VAL G 264 -3.02 2.68 35.71
N VAL G 265 -2.38 3.40 34.80
CA VAL G 265 -0.93 3.28 34.59
C VAL G 265 -0.28 4.64 34.80
N PRO G 266 0.98 4.70 35.20
CA PRO G 266 1.68 5.99 35.25
C PRO G 266 1.89 6.57 33.87
N VAL G 267 2.53 7.73 33.79
CA VAL G 267 2.81 8.34 32.50
C VAL G 267 4.05 7.75 31.85
N GLY G 268 4.91 7.08 32.61
CA GLY G 268 6.09 6.43 32.11
C GLY G 268 5.91 4.97 31.78
N LEU G 269 4.68 4.48 31.73
CA LEU G 269 4.35 3.10 31.43
C LEU G 269 3.30 3.04 30.33
N GLU G 270 3.33 4.00 29.42
CA GLU G 270 2.32 4.13 28.38
C GLU G 270 2.59 3.27 27.16
N LYS G 271 3.86 3.05 26.84
CA LYS G 271 4.20 2.24 25.67
C LYS G 271 3.65 0.82 25.82
N ALA G 272 3.86 0.22 26.99
CA ALA G 272 3.41 -1.14 27.22
C ALA G 272 1.89 -1.22 27.21
N ALA G 273 1.20 -0.22 27.75
CA ALA G 273 -0.25 -0.22 27.73
C ALA G 273 -0.78 -0.12 26.32
N GLU G 274 -0.22 0.78 25.51
CA GLU G 274 -0.68 0.94 24.14
C GLU G 274 -0.40 -0.31 23.30
N GLN G 275 0.82 -0.85 23.38
CA GLN G 275 1.22 -2.02 22.63
C GLN G 275 0.50 -3.28 23.07
N LEU G 276 -0.32 -3.21 24.11
CA LEU G 276 -0.98 -4.39 24.65
C LEU G 276 -2.49 -4.29 24.45
N LEU G 277 -3.05 -3.09 24.57
CA LEU G 277 -4.49 -2.93 24.52
C LEU G 277 -4.98 -2.23 23.25
N ASN G 278 -4.09 -1.74 22.39
CA ASN G 278 -4.53 -1.12 21.14
C ASN G 278 -4.13 -1.91 19.90
N ARG G 279 -3.34 -2.96 20.03
CA ARG G 279 -2.98 -3.78 18.89
C ARG G 279 -4.08 -4.80 18.62
N GLU G 280 -4.53 -4.86 17.38
CA GLU G 280 -5.53 -5.87 17.01
C GLU G 280 -4.88 -7.22 16.75
N LEU G 281 -3.79 -7.24 15.99
CA LEU G 281 -3.01 -8.45 15.75
C LEU G 281 -1.74 -8.35 16.58
N PHE G 282 -1.74 -8.95 17.76
CA PHE G 282 -0.63 -8.94 18.67
C PHE G 282 0.33 -10.08 18.31
N ALA G 283 1.27 -10.39 19.20
CA ALA G 283 2.23 -11.47 18.98
C ALA G 283 2.32 -12.28 20.26
N ASP G 284 1.51 -13.34 20.34
CA ASP G 284 1.54 -14.27 21.47
C ASP G 284 2.56 -15.35 21.15
N GLY G 285 3.71 -15.30 21.80
CA GLY G 285 4.81 -16.19 21.46
C GLY G 285 5.57 -15.65 20.29
N ASN G 286 5.86 -16.49 19.30
CA ASN G 286 6.53 -16.08 18.07
C ASN G 286 5.61 -16.27 16.87
N THR G 287 4.34 -15.90 17.02
CA THR G 287 3.35 -16.06 15.97
C THR G 287 2.28 -15.00 16.13
N THR G 288 1.82 -14.45 15.01
CA THR G 288 0.79 -13.42 15.03
C THR G 288 -0.56 -14.06 15.36
N VAL G 289 -1.25 -13.50 16.35
CA VAL G 289 -2.55 -13.96 16.79
C VAL G 289 -3.48 -12.76 16.93
N SER G 290 -4.74 -13.04 17.23
CA SER G 290 -5.72 -12.00 17.50
C SER G 290 -5.62 -11.55 18.96
N ASN G 291 -6.22 -10.40 19.25
CA ASN G 291 -6.14 -9.79 20.57
C ASN G 291 -7.45 -10.04 21.31
N GLU G 292 -7.39 -10.87 22.35
CA GLU G 292 -8.56 -11.15 23.17
C GLU G 292 -8.71 -10.18 24.32
N MET G 293 -7.72 -9.32 24.58
CA MET G 293 -7.77 -8.33 25.65
C MET G 293 -8.05 -6.93 25.12
N LYS G 294 -8.57 -6.82 23.90
CA LYS G 294 -8.87 -5.53 23.30
C LYS G 294 -10.36 -5.25 23.47
N GLY G 295 -10.69 -4.13 24.10
CA GLY G 295 -12.07 -3.78 24.35
C GLY G 295 -12.62 -4.30 25.65
N LYS G 296 -11.77 -4.78 26.55
CA LYS G 296 -12.19 -5.28 27.85
C LYS G 296 -11.94 -4.28 28.97
N LEU G 297 -10.76 -3.68 29.00
CA LEU G 297 -10.36 -2.77 30.06
C LEU G 297 -10.23 -1.36 29.50
N GLN G 298 -10.68 -0.38 30.27
CA GLN G 298 -10.50 1.02 29.91
C GLN G 298 -9.18 1.53 30.45
N LEU G 299 -8.48 2.31 29.63
CA LEU G 299 -7.14 2.77 29.97
C LEU G 299 -7.22 4.17 30.55
N VAL G 300 -6.56 4.36 31.70
CA VAL G 300 -6.49 5.67 32.35
C VAL G 300 -5.03 6.00 32.60
N VAL G 301 -4.42 6.74 31.68
CA VAL G 301 -3.04 7.18 31.87
C VAL G 301 -3.06 8.45 32.71
N ALA G 302 -2.62 8.34 33.96
CA ALA G 302 -2.81 9.37 34.96
C ALA G 302 -1.50 10.13 35.19
N ASP G 303 -1.58 11.45 35.14
CA ASP G 303 -0.45 12.30 35.47
C ASP G 303 -0.28 12.49 36.96
N TYR G 304 -1.14 11.84 37.77
CA TYR G 304 -1.18 12.08 39.22
C TYR G 304 -1.32 13.56 39.51
N LEU G 305 -2.25 14.22 38.80
CA LEU G 305 -2.37 15.67 38.82
C LEU G 305 -2.50 16.24 40.23
#